data_6AMC
#
_entry.id   6AMC
#
_cell.length_a   85.438
_cell.length_b   110.729
_cell.length_c   160.427
_cell.angle_alpha   90.00
_cell.angle_beta   90.00
_cell.angle_gamma   90.00
#
_symmetry.space_group_name_H-M   'P 21 21 21'
#
loop_
_entity.id
_entity.type
_entity.pdbx_description
1 polymer 'Tryptophan synthase beta chain 1'
2 non-polymer 'SODIUM ION'
3 water water
#
_entity_poly.entity_id   1
_entity_poly.type   'polypeptide(L)'
_entity_poly.pdbx_seq_one_letter_code
;MWFGEFGGQYVPETLIGPLKELEKAYKRFKDDEEFNRQLNYYLKTWAGRPTPLYYAKRLTEKIGGAKVYLKREDLVHGGA
H(LLP)TNNAIGQALLAKFMGKTRLIAETGAGQHGVATAMAGALLGMKVDIYMGAEDVERQKMNVFRMKLLGANVIPVNS
GSRTLKDAINEALRDWVATFEYTHYLIGSVVGPHPYPTIVRDFQSVIGREAKAQILEAEGQLPDVIVACVGGGSNAMGIF
YPFVNDKKVKLVGVEAGGKGLESGKHSASLNAGQVGVSHGMLSYFLQDEEGQIKPSHSIAPGLDYPGVGPEHAYLKKIQR
AEYVAVTDEEALKAFHELSRTEGIIPALESAHAVAYAMKLAKEMSRDEIIIVNLSGRGDKDLDIVLKVSGNVLEHHHHHH
;
_entity_poly.pdbx_strand_id   A,B,C,D
#
loop_
_chem_comp.id
_chem_comp.type
_chem_comp.name
_chem_comp.formula
NA non-polymer 'SODIUM ION' 'Na 1'
#
# COMPACT_ATOMS: atom_id res chain seq x y z
N MET A 1 4.22 -33.27 14.79
CA MET A 1 3.74 -34.12 13.67
C MET A 1 2.67 -35.16 14.00
N TRP A 2 2.37 -35.35 15.28
CA TRP A 2 1.39 -36.32 15.72
C TRP A 2 0.19 -35.64 16.38
N PHE A 3 -0.98 -36.21 16.13
CA PHE A 3 -2.21 -35.84 16.82
C PHE A 3 -2.63 -37.12 17.55
N GLY A 4 -2.26 -37.22 18.82
CA GLY A 4 -2.33 -38.49 19.54
C GLY A 4 -1.42 -39.47 18.81
N GLU A 5 -1.99 -40.60 18.38
CA GLU A 5 -1.23 -41.60 17.61
C GLU A 5 -1.30 -41.44 16.10
N PHE A 6 -2.02 -40.42 15.60
CA PHE A 6 -2.20 -40.25 14.16
C PHE A 6 -1.30 -39.18 13.58
N GLY A 7 -0.94 -39.32 12.30
CA GLY A 7 -0.07 -38.37 11.60
C GLY A 7 1.26 -38.98 11.17
N GLY A 8 2.35 -38.30 11.53
CA GLY A 8 3.69 -38.78 11.19
C GLY A 8 4.18 -38.34 9.83
N GLN A 9 5.33 -38.88 9.43
CA GLN A 9 5.93 -38.63 8.12
C GLN A 9 6.39 -39.94 7.51
N TYR A 10 5.43 -40.76 7.08
CA TYR A 10 5.72 -42.05 6.47
C TYR A 10 6.06 -41.92 5.01
N VAL A 11 7.27 -41.45 4.74
CA VAL A 11 7.72 -41.18 3.38
C VAL A 11 9.12 -41.75 3.18
N PRO A 12 9.52 -41.98 1.90
CA PRO A 12 10.90 -42.39 1.71
C PRO A 12 11.88 -41.29 2.11
N GLU A 13 13.11 -41.70 2.35
CA GLU A 13 14.14 -40.81 2.87
C GLU A 13 14.41 -39.58 2.02
N THR A 14 14.23 -39.71 0.71
CA THR A 14 14.43 -38.60 -0.22
C THR A 14 13.48 -37.43 0.03
N LEU A 15 12.34 -37.67 0.68
CA LEU A 15 11.39 -36.61 1.02
C LEU A 15 11.58 -35.97 2.40
N ILE A 16 12.45 -36.53 3.23
CA ILE A 16 12.60 -36.03 4.61
C ILE A 16 13.23 -34.64 4.62
N GLY A 17 14.29 -34.45 3.82
CA GLY A 17 14.92 -33.15 3.67
C GLY A 17 13.93 -32.08 3.22
N PRO A 18 13.30 -32.30 2.05
CA PRO A 18 12.31 -31.31 1.60
C PRO A 18 11.20 -30.99 2.61
N LEU A 19 10.72 -32.00 3.33
CA LEU A 19 9.72 -31.75 4.37
C LEU A 19 10.31 -30.93 5.53
N LYS A 20 11.58 -31.20 5.85
CA LYS A 20 12.30 -30.43 6.88
C LYS A 20 12.44 -28.96 6.51
N GLU A 21 12.84 -28.71 5.27
CA GLU A 21 12.98 -27.36 4.74
C GLU A 21 11.65 -26.59 4.75
N LEU A 22 10.58 -27.29 4.37
CA LEU A 22 9.23 -26.73 4.42
C LEU A 22 8.82 -26.42 5.86
N GLU A 23 9.04 -27.37 6.76
CA GLU A 23 8.74 -27.13 8.17
C GLU A 23 9.54 -25.94 8.71
N LYS A 24 10.80 -25.83 8.31
CA LYS A 24 11.63 -24.71 8.73
C LYS A 24 11.11 -23.36 8.23
N ALA A 25 10.79 -23.28 6.95
CA ALA A 25 10.25 -22.05 6.36
C ALA A 25 8.90 -21.65 6.96
N TYR A 26 8.06 -22.63 7.26
CA TYR A 26 6.74 -22.34 7.82
C TYR A 26 6.82 -21.81 9.25
N LYS A 27 7.71 -22.40 10.05
CA LYS A 27 7.95 -21.91 11.42
C LYS A 27 8.41 -20.46 11.43
N ARG A 28 9.23 -20.10 10.45
CA ARG A 28 9.69 -18.73 10.32
C ARG A 28 8.56 -17.79 9.87
N PHE A 29 7.91 -18.13 8.77
CA PHE A 29 6.98 -17.22 8.10
C PHE A 29 5.59 -17.13 8.70
N LYS A 30 5.14 -18.18 9.39
CA LYS A 30 3.75 -18.21 9.88
C LYS A 30 3.40 -17.03 10.82
N ASP A 31 4.38 -16.56 11.59
CA ASP A 31 4.20 -15.42 12.48
C ASP A 31 4.92 -14.17 11.97
N ASP A 32 5.55 -14.27 10.80
CA ASP A 32 6.28 -13.16 10.19
C ASP A 32 5.31 -12.06 9.77
N GLU A 33 5.67 -10.82 10.09
CA GLU A 33 4.81 -9.66 9.87
C GLU A 33 4.50 -9.39 8.40
N GLU A 34 5.54 -9.43 7.57
CA GLU A 34 5.41 -9.15 6.15
C GLU A 34 4.59 -10.24 5.43
N PHE A 35 4.85 -11.49 5.77
CA PHE A 35 4.11 -12.61 5.20
C PHE A 35 2.62 -12.51 5.50
N ASN A 36 2.28 -12.23 6.75
CA ASN A 36 0.89 -12.13 7.17
C ASN A 36 0.18 -10.91 6.61
N ARG A 37 0.93 -9.82 6.44
CA ARG A 37 0.40 -8.61 5.82
C ARG A 37 -0.04 -8.91 4.37
N GLN A 38 0.84 -9.57 3.62
CA GLN A 38 0.58 -9.89 2.22
C GLN A 38 -0.53 -10.93 2.08
N LEU A 39 -0.52 -11.93 2.96
CA LEU A 39 -1.53 -12.97 2.96
C LEU A 39 -2.92 -12.39 3.23
N ASN A 40 -3.01 -11.57 4.27
CA ASN A 40 -4.28 -10.94 4.63
C ASN A 40 -4.77 -9.98 3.53
N TYR A 41 -3.82 -9.33 2.87
CA TYR A 41 -4.10 -8.46 1.74
C TYR A 41 -4.69 -9.21 0.53
N TYR A 42 -4.08 -10.33 0.16
CA TYR A 42 -4.60 -11.18 -0.92
C TYR A 42 -5.95 -11.77 -0.57
N LEU A 43 -6.08 -12.25 0.66
CA LEU A 43 -7.35 -12.79 1.12
C LEU A 43 -8.49 -11.76 1.09
N LYS A 44 -8.17 -10.52 1.46
CA LYS A 44 -9.17 -9.44 1.43
C LYS A 44 -9.53 -9.03 0.02
N THR A 45 -8.53 -8.59 -0.74
CA THR A 45 -8.78 -7.92 -2.02
C THR A 45 -9.05 -8.86 -3.19
N TRP A 46 -8.41 -10.03 -3.19
CA TRP A 46 -8.55 -11.00 -4.28
C TRP A 46 -9.56 -12.08 -3.94
N ALA A 47 -9.48 -12.64 -2.73
CA ALA A 47 -10.38 -13.70 -2.32
C ALA A 47 -11.75 -13.24 -1.80
N GLY A 48 -11.83 -12.00 -1.33
CA GLY A 48 -13.07 -11.46 -0.80
C GLY A 48 -13.40 -11.79 0.63
N ARG A 49 -12.38 -12.04 1.46
CA ARG A 49 -12.59 -12.25 2.90
C ARG A 49 -12.77 -10.90 3.62
N PRO A 50 -13.58 -10.86 4.71
CA PRO A 50 -14.29 -12.00 5.25
C PRO A 50 -15.57 -12.36 4.50
N THR A 51 -15.96 -13.63 4.62
CA THR A 51 -17.25 -14.09 4.14
C THR A 51 -18.28 -13.88 5.24
N PRO A 52 -19.53 -13.60 4.87
CA PRO A 52 -20.54 -13.41 5.92
C PRO A 52 -20.99 -14.69 6.61
N LEU A 53 -21.67 -14.49 7.72
CA LEU A 53 -22.35 -15.54 8.44
C LEU A 53 -23.83 -15.21 8.31
N TYR A 54 -24.59 -16.13 7.72
CA TYR A 54 -25.97 -15.87 7.35
C TYR A 54 -26.95 -16.70 8.17
N TYR A 55 -27.97 -16.03 8.68
CA TYR A 55 -29.02 -16.70 9.43
C TYR A 55 -30.06 -17.17 8.43
N ALA A 56 -30.23 -18.49 8.33
CA ALA A 56 -31.19 -19.10 7.43
C ALA A 56 -32.55 -19.14 8.12
N LYS A 57 -33.23 -17.99 8.14
CA LYS A 57 -34.49 -17.82 8.87
C LYS A 57 -35.64 -18.67 8.33
N ARG A 58 -35.81 -18.69 7.01
CA ARG A 58 -36.87 -19.51 6.39
C ARG A 58 -36.68 -20.99 6.67
N LEU A 59 -35.45 -21.47 6.50
CA LEU A 59 -35.13 -22.86 6.78
C LEU A 59 -35.32 -23.18 8.26
N THR A 60 -34.82 -22.30 9.12
CA THR A 60 -34.98 -22.47 10.56
C THR A 60 -36.44 -22.61 10.96
N GLU A 61 -37.26 -21.67 10.53
CA GLU A 61 -38.68 -21.65 10.87
C GLU A 61 -39.45 -22.82 10.28
N LYS A 62 -39.07 -23.22 9.07
CA LYS A 62 -39.68 -24.39 8.44
C LYS A 62 -39.43 -25.67 9.25
N ILE A 63 -38.20 -25.84 9.72
CA ILE A 63 -37.86 -27.02 10.52
C ILE A 63 -38.47 -26.92 11.92
N GLY A 64 -38.47 -25.71 12.48
CA GLY A 64 -39.14 -25.45 13.75
C GLY A 64 -38.34 -25.77 15.00
N GLY A 65 -37.03 -25.92 14.85
CA GLY A 65 -36.14 -26.20 15.97
C GLY A 65 -35.12 -25.10 16.12
N ALA A 66 -33.85 -25.49 16.28
CA ALA A 66 -32.75 -24.56 16.52
C ALA A 66 -32.48 -23.62 15.35
N LYS A 67 -31.87 -22.49 15.65
CA LYS A 67 -31.47 -21.52 14.65
C LYS A 67 -30.32 -22.09 13.82
N VAL A 68 -30.43 -21.98 12.50
CA VAL A 68 -29.40 -22.45 11.59
C VAL A 68 -28.72 -21.26 10.93
N TYR A 69 -27.43 -21.12 11.22
CA TYR A 69 -26.59 -20.13 10.57
C TYR A 69 -25.67 -20.82 9.57
N LEU A 70 -25.37 -20.13 8.48
CA LEU A 70 -24.49 -20.65 7.44
C LEU A 70 -23.27 -19.75 7.29
N LYS A 71 -22.09 -20.33 7.46
CA LYS A 71 -20.84 -19.64 7.21
C LYS A 71 -20.61 -19.74 5.72
N ARG A 72 -20.60 -18.58 5.05
CA ARG A 72 -20.71 -18.53 3.59
C ARG A 72 -19.36 -18.60 2.86
N GLU A 73 -18.65 -19.71 3.01
CA GLU A 73 -17.45 -19.96 2.21
C GLU A 73 -17.77 -20.11 0.72
N ASP A 74 -19.05 -20.35 0.41
CA ASP A 74 -19.51 -20.36 -0.97
C ASP A 74 -19.26 -19.04 -1.71
N LEU A 75 -19.08 -17.94 -0.98
CA LEU A 75 -18.79 -16.63 -1.57
C LEU A 75 -17.31 -16.29 -1.78
N VAL A 76 -16.40 -17.12 -1.30
CA VAL A 76 -14.98 -16.89 -1.54
C VAL A 76 -14.68 -17.00 -3.03
N HIS A 77 -13.70 -16.24 -3.50
CA HIS A 77 -13.29 -16.29 -4.90
C HIS A 77 -13.00 -17.74 -5.31
N GLY A 78 -13.64 -18.18 -6.39
CA GLY A 78 -13.57 -19.58 -6.83
C GLY A 78 -14.72 -20.46 -6.39
N GLY A 79 -15.46 -20.02 -5.38
CA GLY A 79 -16.66 -20.72 -4.93
C GLY A 79 -16.46 -21.79 -3.89
N ALA A 80 -15.25 -21.90 -3.34
CA ALA A 80 -15.00 -22.89 -2.29
C ALA A 80 -13.88 -22.50 -1.35
N HIS A 81 -13.95 -23.02 -0.14
CA HIS A 81 -12.97 -22.74 0.91
C HIS A 81 -11.51 -23.08 0.53
N1 LLP A 82 -16.49 -28.90 0.28
C2 LLP A 82 -16.16 -28.27 -0.86
C2' LLP A 82 -17.02 -27.16 -1.41
C3 LLP A 82 -14.95 -28.68 -1.59
O3 LLP A 82 -14.59 -28.04 -2.72
C4 LLP A 82 -14.12 -29.76 -1.03
C4' LLP A 82 -12.85 -30.22 -1.70
C5 LLP A 82 -14.59 -30.37 0.22
C6 LLP A 82 -15.77 -29.90 0.80
C5' LLP A 82 -13.87 -31.53 0.87
OP4 LLP A 82 -12.56 -31.21 1.26
P LLP A 82 -12.23 -30.94 2.81
OP1 LLP A 82 -12.85 -29.60 3.07
OP2 LLP A 82 -12.82 -32.06 3.63
OP3 LLP A 82 -10.73 -30.96 2.83
N LLP A 82 -11.33 -23.98 -0.44
CA LLP A 82 -10.01 -24.41 -0.90
CB LLP A 82 -10.14 -25.32 -2.12
CG LLP A 82 -10.63 -26.72 -1.74
CD LLP A 82 -10.42 -27.65 -2.92
CE LLP A 82 -10.83 -29.07 -2.61
NZ LLP A 82 -12.26 -29.18 -2.50
C LLP A 82 -9.08 -23.27 -1.26
O LLP A 82 -7.87 -23.39 -1.11
N THR A 83 -9.66 -22.16 -1.73
CA THR A 83 -8.88 -20.96 -2.04
C THR A 83 -8.02 -20.45 -0.87
N ASN A 84 -8.52 -20.55 0.36
CA ASN A 84 -7.80 -20.04 1.54
C ASN A 84 -6.42 -20.71 1.67
N ASN A 85 -6.42 -22.02 1.48
CA ASN A 85 -5.20 -22.83 1.55
C ASN A 85 -4.31 -22.63 0.33
N ALA A 86 -4.92 -22.55 -0.85
CA ALA A 86 -4.18 -22.35 -2.09
C ALA A 86 -3.38 -21.05 -2.07
N ILE A 87 -3.99 -19.96 -1.60
CA ILE A 87 -3.29 -18.69 -1.45
C ILE A 87 -2.18 -18.79 -0.39
N GLY A 88 -2.49 -19.34 0.78
CA GLY A 88 -1.50 -19.43 1.87
C GLY A 88 -0.25 -20.20 1.47
N GLN A 89 -0.44 -21.39 0.90
CA GLN A 89 0.69 -22.22 0.48
C GLN A 89 1.43 -21.66 -0.74
N ALA A 90 0.69 -21.04 -1.67
CA ALA A 90 1.29 -20.42 -2.84
C ALA A 90 2.18 -19.23 -2.44
N LEU A 91 1.69 -18.41 -1.51
CA LEU A 91 2.48 -17.29 -1.00
C LEU A 91 3.69 -17.79 -0.22
N LEU A 92 3.49 -18.83 0.59
CA LEU A 92 4.58 -19.46 1.32
C LEU A 92 5.65 -19.91 0.35
N ALA A 93 5.21 -20.56 -0.73
CA ALA A 93 6.11 -21.02 -1.77
C ALA A 93 6.90 -19.86 -2.38
N LYS A 94 6.21 -18.76 -2.66
CA LYS A 94 6.88 -17.59 -3.21
C LYS A 94 7.91 -17.01 -2.24
N PHE A 95 7.56 -16.93 -0.96
CA PHE A 95 8.49 -16.49 0.08
C PHE A 95 9.70 -17.41 0.27
N MET A 96 9.54 -18.70 0.01
CA MET A 96 10.64 -19.67 0.01
C MET A 96 11.45 -19.62 -1.28
N GLY A 97 11.03 -18.80 -2.25
CA GLY A 97 11.76 -18.64 -3.49
C GLY A 97 11.46 -19.71 -4.54
N LYS A 98 10.33 -20.40 -4.41
CA LYS A 98 9.94 -21.40 -5.40
C LYS A 98 9.28 -20.67 -6.56
N THR A 99 9.42 -21.24 -7.75
CA THR A 99 8.84 -20.65 -8.96
C THR A 99 7.68 -21.46 -9.53
N ARG A 100 7.46 -22.66 -8.98
CA ARG A 100 6.53 -23.63 -9.55
C ARG A 100 5.72 -24.28 -8.46
N LEU A 101 4.46 -24.58 -8.78
CA LEU A 101 3.55 -25.30 -7.89
C LEU A 101 3.12 -26.58 -8.58
N ILE A 102 3.03 -27.67 -7.82
CA ILE A 102 2.39 -28.90 -8.29
C ILE A 102 1.33 -29.33 -7.29
N ALA A 103 0.35 -30.07 -7.78
CA ALA A 103 -0.73 -30.55 -6.96
C ALA A 103 -1.39 -31.74 -7.63
N GLU A 104 -2.11 -32.51 -6.82
CA GLU A 104 -2.98 -33.55 -7.33
C GLU A 104 -4.40 -33.07 -7.15
N THR A 105 -5.32 -33.63 -7.92
CA THR A 105 -6.72 -33.32 -7.73
C THR A 105 -7.57 -34.49 -8.20
N GLY A 106 -8.66 -34.75 -7.49
CA GLY A 106 -9.64 -35.76 -7.89
C GLY A 106 -10.83 -35.13 -8.57
N ALA A 107 -11.56 -34.29 -7.83
CA ALA A 107 -12.75 -33.60 -8.35
C ALA A 107 -12.37 -32.51 -9.34
N GLY A 108 -11.13 -32.04 -9.24
CA GLY A 108 -10.66 -30.90 -10.01
C GLY A 108 -10.73 -29.61 -9.23
N GLN A 109 -11.43 -29.61 -8.10
CA GLN A 109 -11.67 -28.39 -7.32
C GLN A 109 -10.40 -27.82 -6.70
N HIS A 110 -9.57 -28.66 -6.10
CA HIS A 110 -8.27 -28.21 -5.60
C HIS A 110 -7.33 -27.82 -6.72
N GLY A 111 -7.41 -28.53 -7.83
CA GLY A 111 -6.65 -28.20 -9.02
C GLY A 111 -6.96 -26.79 -9.50
N VAL A 112 -8.24 -26.42 -9.48
CA VAL A 112 -8.67 -25.09 -9.90
C VAL A 112 -8.15 -24.03 -8.94
N ALA A 113 -8.37 -24.24 -7.64
CA ALA A 113 -7.84 -23.34 -6.60
C ALA A 113 -6.32 -23.12 -6.70
N THR A 114 -5.59 -24.19 -6.96
CA THR A 114 -4.13 -24.11 -7.13
C THR A 114 -3.76 -23.30 -8.37
N ALA A 115 -4.45 -23.57 -9.47
CA ALA A 115 -4.25 -22.82 -10.71
C ALA A 115 -4.56 -21.32 -10.56
N MET A 116 -5.60 -21.00 -9.81
CA MET A 116 -5.96 -19.60 -9.54
C MET A 116 -4.86 -18.87 -8.75
N ALA A 117 -4.39 -19.51 -7.68
CA ALA A 117 -3.37 -18.92 -6.81
C ALA A 117 -2.02 -18.79 -7.52
N GLY A 118 -1.68 -19.78 -8.34
CA GLY A 118 -0.47 -19.73 -9.15
C GLY A 118 -0.48 -18.60 -10.18
N ALA A 119 -1.61 -18.43 -10.85
CA ALA A 119 -1.79 -17.34 -11.81
C ALA A 119 -1.66 -15.98 -11.12
N LEU A 120 -2.31 -15.84 -9.97
CA LEU A 120 -2.21 -14.63 -9.13
C LEU A 120 -0.76 -14.24 -8.84
N LEU A 121 0.02 -15.19 -8.34
CA LEU A 121 1.38 -14.93 -7.86
C LEU A 121 2.49 -15.11 -8.91
N GLY A 122 2.13 -15.42 -10.15
CA GLY A 122 3.09 -15.48 -11.26
C GLY A 122 3.97 -16.72 -11.26
N MET A 123 3.37 -17.87 -10.94
CA MET A 123 4.09 -19.13 -10.81
C MET A 123 3.61 -20.14 -11.85
N LYS A 124 4.50 -21.02 -12.28
CA LYS A 124 4.13 -22.14 -13.13
C LYS A 124 3.31 -23.14 -12.30
N VAL A 125 2.30 -23.74 -12.92
CA VAL A 125 1.44 -24.73 -12.26
C VAL A 125 1.28 -25.99 -13.10
N ASP A 126 1.61 -27.12 -12.49
CA ASP A 126 1.38 -28.44 -13.07
C ASP A 126 0.45 -29.19 -12.14
N ILE A 127 -0.62 -29.76 -12.67
CA ILE A 127 -1.64 -30.46 -11.88
C ILE A 127 -1.77 -31.91 -12.33
N TYR A 128 -1.49 -32.84 -11.42
CA TYR A 128 -1.62 -34.27 -11.70
C TYR A 128 -3.05 -34.71 -11.44
N MET A 129 -3.63 -35.41 -12.40
CA MET A 129 -5.02 -35.81 -12.32
C MET A 129 -5.22 -37.18 -12.93
N GLY A 130 -5.86 -38.08 -12.20
CA GLY A 130 -6.17 -39.41 -12.70
C GLY A 130 -7.01 -39.34 -13.96
N ALA A 131 -6.61 -40.10 -14.96
CA ALA A 131 -7.28 -40.11 -16.26
C ALA A 131 -8.78 -40.36 -16.15
N GLU A 132 -9.20 -41.20 -15.21
CA GLU A 132 -10.62 -41.43 -14.98
C GLU A 132 -11.32 -40.17 -14.46
N ASP A 133 -10.63 -39.42 -13.60
CA ASP A 133 -11.16 -38.15 -13.10
C ASP A 133 -11.16 -37.09 -14.18
N VAL A 134 -10.11 -37.07 -15.00
CA VAL A 134 -10.02 -36.14 -16.11
C VAL A 134 -11.24 -36.27 -17.01
N GLU A 135 -11.56 -37.51 -17.38
CA GLU A 135 -12.71 -37.82 -18.23
C GLU A 135 -14.02 -37.29 -17.67
N ARG A 136 -14.19 -37.39 -16.36
CA ARG A 136 -15.43 -37.00 -15.71
C ARG A 136 -15.52 -35.53 -15.30
N GLN A 137 -14.42 -34.78 -15.42
CA GLN A 137 -14.38 -33.41 -14.93
C GLN A 137 -13.85 -32.49 -16.01
N LYS A 138 -14.50 -32.55 -17.16
CA LYS A 138 -13.99 -31.87 -18.35
C LYS A 138 -14.01 -30.34 -18.18
N MET A 139 -15.02 -29.80 -17.50
CA MET A 139 -15.11 -28.36 -17.26
C MET A 139 -14.06 -27.84 -16.25
N ASN A 140 -13.80 -28.61 -15.21
CA ASN A 140 -12.71 -28.30 -14.27
C ASN A 140 -11.33 -28.32 -14.94
N VAL A 141 -11.10 -29.34 -15.76
CA VAL A 141 -9.88 -29.43 -16.57
C VAL A 141 -9.74 -28.22 -17.48
N PHE A 142 -10.83 -27.84 -18.13
CA PHE A 142 -10.85 -26.62 -18.95
C PHE A 142 -10.57 -25.34 -18.15
N ARG A 143 -11.20 -25.23 -16.98
CA ARG A 143 -10.94 -24.11 -16.06
C ARG A 143 -9.46 -23.99 -15.74
N MET A 144 -8.84 -25.10 -15.38
CA MET A 144 -7.42 -25.11 -15.05
C MET A 144 -6.57 -24.61 -16.21
N LYS A 145 -6.89 -25.04 -17.42
CA LYS A 145 -6.18 -24.57 -18.60
C LYS A 145 -6.41 -23.08 -18.90
N LEU A 146 -7.63 -22.58 -18.72
CA LEU A 146 -7.92 -21.14 -18.81
C LEU A 146 -7.06 -20.32 -17.85
N LEU A 147 -6.85 -20.89 -16.67
CA LEU A 147 -6.04 -20.25 -15.65
C LEU A 147 -4.53 -20.35 -15.89
N GLY A 148 -4.13 -20.99 -16.98
CA GLY A 148 -2.73 -21.08 -17.37
C GLY A 148 -1.99 -22.27 -16.81
N ALA A 149 -2.70 -23.21 -16.18
CA ALA A 149 -2.10 -24.40 -15.62
C ALA A 149 -1.99 -25.50 -16.67
N ASN A 150 -1.04 -26.40 -16.45
CA ASN A 150 -0.86 -27.56 -17.30
C ASN A 150 -1.43 -28.77 -16.56
N VAL A 151 -2.37 -29.47 -17.18
CA VAL A 151 -2.95 -30.65 -16.56
C VAL A 151 -2.28 -31.89 -17.12
N ILE A 152 -1.79 -32.75 -16.23
CA ILE A 152 -1.07 -33.95 -16.64
C ILE A 152 -1.93 -35.17 -16.30
N PRO A 153 -2.52 -35.81 -17.33
CA PRO A 153 -3.30 -36.99 -17.01
C PRO A 153 -2.43 -38.12 -16.49
N VAL A 154 -2.87 -38.79 -15.42
CA VAL A 154 -2.15 -39.91 -14.85
C VAL A 154 -2.84 -41.21 -15.30
N ASN A 155 -2.13 -41.99 -16.10
CA ASN A 155 -2.69 -43.23 -16.67
C ASN A 155 -2.30 -44.50 -15.93
N SER A 156 -1.35 -44.39 -15.00
CA SER A 156 -0.89 -45.54 -14.22
C SER A 156 -1.88 -46.00 -13.14
N GLY A 157 -1.74 -47.26 -12.74
CA GLY A 157 -2.57 -47.86 -11.70
C GLY A 157 -4.06 -47.82 -11.99
N SER A 158 -4.83 -47.30 -11.05
CA SER A 158 -6.27 -47.13 -11.22
C SER A 158 -6.71 -45.80 -11.85
N ARG A 159 -5.77 -44.98 -12.31
CA ARG A 159 -6.09 -43.74 -13.03
C ARG A 159 -7.00 -42.82 -12.22
N THR A 160 -6.75 -42.76 -10.92
CA THR A 160 -7.58 -42.00 -10.01
C THR A 160 -6.70 -41.19 -9.07
N LEU A 161 -7.31 -40.62 -8.04
CA LEU A 161 -6.63 -39.69 -7.14
C LEU A 161 -5.40 -40.28 -6.47
N LYS A 162 -5.55 -41.51 -5.96
CA LYS A 162 -4.42 -42.26 -5.38
C LYS A 162 -3.20 -42.28 -6.30
N ASP A 163 -3.44 -42.48 -7.59
CA ASP A 163 -2.37 -42.57 -8.58
C ASP A 163 -1.75 -41.21 -8.84
N ALA A 164 -2.58 -40.17 -8.87
CA ALA A 164 -2.10 -38.79 -8.99
C ALA A 164 -1.22 -38.36 -7.82
N ILE A 165 -1.56 -38.81 -6.62
CA ILE A 165 -0.78 -38.49 -5.42
C ILE A 165 0.63 -39.06 -5.54
N ASN A 166 0.70 -40.30 -6.00
CA ASN A 166 1.98 -40.97 -6.19
C ASN A 166 2.85 -40.29 -7.25
N GLU A 167 2.23 -39.82 -8.33
CA GLU A 167 2.96 -39.07 -9.35
C GLU A 167 3.46 -37.74 -8.83
N ALA A 168 2.59 -37.02 -8.13
CA ALA A 168 2.94 -35.73 -7.53
C ALA A 168 4.12 -35.85 -6.56
N LEU A 169 4.11 -36.92 -5.76
CA LEU A 169 5.19 -37.17 -4.81
C LEU A 169 6.51 -37.44 -5.51
N ARG A 170 6.43 -38.21 -6.58
CA ARG A 170 7.60 -38.54 -7.40
C ARG A 170 8.19 -37.28 -8.06
N ASP A 171 7.32 -36.39 -8.54
CA ASP A 171 7.75 -35.13 -9.16
C ASP A 171 8.50 -34.28 -8.12
N TRP A 172 7.91 -34.13 -6.94
CA TRP A 172 8.45 -33.27 -5.89
C TRP A 172 9.84 -33.67 -5.39
N VAL A 173 10.12 -34.97 -5.35
CA VAL A 173 11.44 -35.45 -4.93
C VAL A 173 12.52 -34.82 -5.82
N ALA A 174 12.28 -34.82 -7.12
CA ALA A 174 13.23 -34.29 -8.09
C ALA A 174 13.24 -32.77 -8.20
N THR A 175 12.09 -32.13 -7.99
CA THR A 175 11.95 -30.70 -8.28
C THR A 175 11.76 -29.78 -7.08
N PHE A 176 11.84 -30.31 -5.86
CA PHE A 176 11.57 -29.51 -4.66
C PHE A 176 12.39 -28.23 -4.50
N GLU A 177 13.56 -28.17 -5.14
CA GLU A 177 14.43 -26.98 -5.03
C GLU A 177 13.76 -25.71 -5.56
N TYR A 178 12.95 -25.85 -6.60
CA TYR A 178 12.21 -24.71 -7.16
C TYR A 178 10.69 -24.93 -7.20
N THR A 179 10.21 -26.08 -6.70
CA THR A 179 8.80 -26.43 -6.77
C THR A 179 8.21 -26.68 -5.39
N HIS A 180 7.02 -26.16 -5.18
CA HIS A 180 6.27 -26.43 -3.96
C HIS A 180 5.12 -27.39 -4.25
N TYR A 181 5.02 -28.41 -3.42
CA TYR A 181 3.96 -29.42 -3.50
C TYR A 181 2.79 -28.94 -2.65
N LEU A 182 1.74 -28.49 -3.33
CA LEU A 182 0.62 -27.86 -2.66
C LEU A 182 -0.50 -28.86 -2.37
N ILE A 183 -0.45 -29.47 -1.19
CA ILE A 183 -1.46 -30.42 -0.76
C ILE A 183 -2.76 -29.68 -0.45
N GLY A 184 -3.87 -30.28 -0.86
CA GLY A 184 -5.17 -29.63 -0.85
C GLY A 184 -6.11 -29.88 0.30
N SER A 185 -5.74 -30.79 1.21
CA SER A 185 -6.51 -31.02 2.43
C SER A 185 -5.57 -31.24 3.63
N VAL A 186 -6.16 -31.51 4.80
CA VAL A 186 -5.39 -31.67 6.04
C VAL A 186 -4.83 -33.09 6.14
N VAL A 187 -4.06 -33.45 5.12
CA VAL A 187 -3.60 -34.82 4.91
C VAL A 187 -2.15 -34.77 4.47
N GLY A 188 -1.58 -35.96 4.32
CA GLY A 188 -0.21 -36.09 3.84
C GLY A 188 0.76 -36.08 5.01
N PRO A 189 2.07 -36.13 4.71
CA PRO A 189 3.05 -36.11 5.80
C PRO A 189 3.13 -34.74 6.46
N HIS A 190 3.57 -34.72 7.70
CA HIS A 190 3.83 -33.48 8.40
C HIS A 190 4.85 -32.68 7.59
N PRO A 191 4.69 -31.34 7.50
CA PRO A 191 3.74 -30.55 8.27
C PRO A 191 2.43 -30.17 7.59
N TYR A 192 2.08 -30.87 6.51
CA TYR A 192 0.91 -30.49 5.74
C TYR A 192 -0.39 -30.48 6.52
N PRO A 193 -0.69 -31.53 7.29
CA PRO A 193 -1.95 -31.43 8.05
C PRO A 193 -2.04 -30.19 8.96
N THR A 194 -0.91 -29.77 9.52
CA THR A 194 -0.89 -28.59 10.38
C THR A 194 -1.03 -27.29 9.58
N ILE A 195 -0.25 -27.16 8.51
CA ILE A 195 -0.26 -25.98 7.65
C ILE A 195 -1.66 -25.72 7.07
N VAL A 196 -2.28 -26.76 6.52
CA VAL A 196 -3.57 -26.61 5.87
C VAL A 196 -4.64 -26.21 6.88
N ARG A 197 -4.65 -26.86 8.02
CA ARG A 197 -5.53 -26.45 9.12
C ARG A 197 -5.31 -24.98 9.52
N ASP A 198 -4.06 -24.58 9.69
CA ASP A 198 -3.74 -23.19 10.03
C ASP A 198 -4.29 -22.20 8.99
N PHE A 199 -4.14 -22.53 7.72
CA PHE A 199 -4.62 -21.66 6.66
C PHE A 199 -6.14 -21.63 6.48
N GLN A 200 -6.83 -22.65 6.99
CA GLN A 200 -8.29 -22.66 6.98
C GLN A 200 -8.94 -22.12 8.25
N SER A 201 -8.17 -21.93 9.32
CA SER A 201 -8.74 -21.55 10.62
C SER A 201 -9.33 -20.12 10.63
N VAL A 202 -8.97 -19.32 9.63
CA VAL A 202 -9.61 -18.02 9.40
C VAL A 202 -11.13 -18.15 9.32
N ILE A 203 -11.63 -19.25 8.77
CA ILE A 203 -13.07 -19.48 8.70
C ILE A 203 -13.67 -19.49 10.11
N GLY A 204 -13.05 -20.26 11.01
CA GLY A 204 -13.51 -20.39 12.38
C GLY A 204 -13.35 -19.12 13.21
N ARG A 205 -12.25 -18.40 13.00
CA ARG A 205 -12.03 -17.13 13.68
C ARG A 205 -13.06 -16.07 13.26
N GLU A 206 -13.35 -15.97 11.98
CA GLU A 206 -14.40 -15.07 11.50
C GLU A 206 -15.75 -15.48 12.07
N ALA A 207 -16.04 -16.79 11.99
CA ALA A 207 -17.32 -17.32 12.45
C ALA A 207 -17.60 -17.02 13.91
N LYS A 208 -16.57 -17.19 14.74
CA LYS A 208 -16.64 -16.92 16.16
C LYS A 208 -16.99 -15.45 16.41
N ALA A 209 -16.27 -14.55 15.75
CA ALA A 209 -16.53 -13.12 15.89
C ALA A 209 -17.93 -12.79 15.38
N GLN A 210 -18.30 -13.36 14.24
CA GLN A 210 -19.59 -13.06 13.62
C GLN A 210 -20.78 -13.54 14.46
N ILE A 211 -20.65 -14.73 15.04
CA ILE A 211 -21.73 -15.26 15.86
C ILE A 211 -21.87 -14.49 17.17
N LEU A 212 -20.74 -14.02 17.71
CA LEU A 212 -20.77 -13.21 18.92
C LEU A 212 -21.45 -11.88 18.68
N GLU A 213 -21.18 -11.27 17.54
CA GLU A 213 -21.89 -10.06 17.12
C GLU A 213 -23.39 -10.28 16.96
N ALA A 214 -23.75 -11.37 16.30
CA ALA A 214 -25.13 -11.64 15.93
C ALA A 214 -26.02 -12.08 17.10
N GLU A 215 -25.52 -13.02 17.91
CA GLU A 215 -26.33 -13.63 18.96
C GLU A 215 -25.78 -13.45 20.39
N GLY A 216 -24.60 -12.85 20.53
CA GLY A 216 -24.00 -12.59 21.85
C GLY A 216 -23.54 -13.82 22.60
N GLN A 217 -23.39 -14.95 21.91
CA GLN A 217 -22.98 -16.20 22.54
C GLN A 217 -22.43 -17.16 21.50
N LEU A 218 -21.66 -18.15 21.96
CA LEU A 218 -21.11 -19.17 21.07
C LEU A 218 -22.19 -20.15 20.64
N PRO A 219 -21.98 -20.85 19.49
CA PRO A 219 -23.03 -21.75 19.05
C PRO A 219 -23.06 -23.03 19.87
N ASP A 220 -24.19 -23.72 19.81
CA ASP A 220 -24.34 -25.01 20.48
C ASP A 220 -23.70 -26.14 19.68
N VAL A 221 -23.79 -26.08 18.35
CA VAL A 221 -23.20 -27.08 17.47
C VAL A 221 -22.62 -26.43 16.22
N ILE A 222 -21.47 -26.92 15.79
CA ILE A 222 -20.92 -26.59 14.48
C ILE A 222 -20.90 -27.85 13.62
N VAL A 223 -21.45 -27.76 12.41
CA VAL A 223 -21.55 -28.91 11.52
C VAL A 223 -20.80 -28.60 10.22
N ALA A 224 -19.91 -29.50 9.82
CA ALA A 224 -19.17 -29.35 8.57
C ALA A 224 -18.99 -30.69 7.87
N CYS A 225 -19.00 -30.68 6.54
CA CYS A 225 -18.72 -31.91 5.79
C CYS A 225 -17.23 -32.24 5.86
N VAL A 226 -16.91 -33.52 5.73
CA VAL A 226 -15.54 -34.01 5.85
C VAL A 226 -15.18 -34.92 4.68
N GLY A 227 -14.30 -34.45 3.80
CA GLY A 227 -13.64 -35.31 2.83
C GLY A 227 -12.29 -35.66 3.44
N GLY A 228 -11.25 -34.95 3.01
CA GLY A 228 -9.97 -35.00 3.70
C GLY A 228 -10.03 -34.33 5.07
N GLY A 229 -10.87 -33.31 5.21
CA GLY A 229 -11.14 -32.66 6.49
C GLY A 229 -10.77 -31.19 6.65
N SER A 230 -10.41 -30.50 5.57
CA SER A 230 -9.88 -29.12 5.71
C SER A 230 -10.90 -28.04 6.07
N ASN A 231 -12.08 -28.03 5.42
CA ASN A 231 -13.09 -27.03 5.78
C ASN A 231 -13.58 -27.24 7.22
N ALA A 232 -13.70 -28.50 7.62
CA ALA A 232 -14.13 -28.86 8.98
C ALA A 232 -13.10 -28.43 10.02
N MET A 233 -11.83 -28.71 9.78
CA MET A 233 -10.78 -28.25 10.69
C MET A 233 -10.73 -26.74 10.74
N GLY A 234 -10.89 -26.08 9.58
CA GLY A 234 -10.88 -24.62 9.54
C GLY A 234 -11.91 -23.96 10.44
N ILE A 235 -13.13 -24.47 10.41
CA ILE A 235 -14.21 -23.94 11.27
C ILE A 235 -14.20 -24.49 12.70
N PHE A 236 -13.79 -25.75 12.88
CA PHE A 236 -13.68 -26.37 14.20
C PHE A 236 -12.58 -25.75 15.09
N TYR A 237 -11.40 -25.54 14.52
CA TYR A 237 -10.19 -25.34 15.32
C TYR A 237 -10.25 -24.20 16.35
N PRO A 238 -10.78 -23.01 15.97
CA PRO A 238 -10.89 -21.98 16.99
C PRO A 238 -11.89 -22.25 18.12
N PHE A 239 -12.78 -23.20 17.92
CA PHE A 239 -13.75 -23.61 18.94
C PHE A 239 -13.35 -24.85 19.75
N VAL A 240 -12.17 -25.42 19.49
CA VAL A 240 -11.77 -26.65 20.17
C VAL A 240 -11.68 -26.45 21.69
N ASN A 241 -11.11 -25.32 22.11
CA ASN A 241 -10.98 -25.02 23.54
C ASN A 241 -12.25 -24.47 24.19
N ASP A 242 -13.29 -24.23 23.39
CA ASP A 242 -14.60 -23.89 23.93
C ASP A 242 -15.39 -25.17 24.19
N LYS A 243 -15.30 -25.66 25.42
CA LYS A 243 -15.80 -26.99 25.80
C LYS A 243 -17.27 -27.22 25.50
N LYS A 244 -18.10 -26.17 25.62
CA LYS A 244 -19.55 -26.28 25.42
C LYS A 244 -19.97 -26.43 23.96
N VAL A 245 -19.11 -26.01 23.03
CA VAL A 245 -19.43 -26.03 21.60
C VAL A 245 -19.22 -27.43 21.03
N LYS A 246 -20.31 -28.06 20.65
CA LYS A 246 -20.30 -29.40 20.05
C LYS A 246 -19.81 -29.29 18.61
N LEU A 247 -19.09 -30.31 18.16
CA LEU A 247 -18.51 -30.32 16.82
C LEU A 247 -18.90 -31.62 16.10
N VAL A 248 -19.52 -31.49 14.94
CA VAL A 248 -19.99 -32.64 14.17
C VAL A 248 -19.42 -32.59 12.75
N GLY A 249 -18.68 -33.63 12.38
CA GLY A 249 -18.19 -33.84 11.01
C GLY A 249 -19.09 -34.80 10.25
N VAL A 250 -19.46 -34.44 9.01
CA VAL A 250 -20.35 -35.25 8.19
C VAL A 250 -19.60 -35.85 7.00
N GLU A 251 -19.47 -37.17 6.98
CA GLU A 251 -18.84 -37.90 5.88
C GLU A 251 -19.87 -38.32 4.83
N ALA A 252 -19.38 -38.72 3.66
CA ALA A 252 -20.25 -39.16 2.59
C ALA A 252 -20.69 -40.59 2.86
N GLY A 253 -22.01 -40.75 3.05
CA GLY A 253 -22.63 -42.05 3.22
C GLY A 253 -22.91 -42.76 1.90
N GLY A 254 -22.79 -42.04 0.78
CA GLY A 254 -22.97 -42.64 -0.55
C GLY A 254 -24.32 -43.31 -0.76
N LYS A 255 -24.29 -44.59 -1.12
CA LYS A 255 -25.49 -45.40 -1.31
C LYS A 255 -26.01 -45.99 0.00
N GLY A 256 -25.27 -45.76 1.07
CA GLY A 256 -25.56 -46.35 2.37
C GLY A 256 -24.27 -46.94 2.90
N LEU A 257 -24.11 -46.93 4.22
CA LEU A 257 -22.89 -47.43 4.87
C LEU A 257 -22.65 -48.93 4.67
N GLU A 258 -23.71 -49.72 4.58
CA GLU A 258 -23.59 -51.17 4.35
C GLU A 258 -23.49 -51.52 2.87
N SER A 259 -23.78 -50.56 2.00
CA SER A 259 -23.77 -50.77 0.55
C SER A 259 -22.39 -51.05 -0.02
N GLY A 260 -21.34 -50.60 0.67
CA GLY A 260 -19.98 -50.71 0.14
C GLY A 260 -19.66 -49.68 -0.93
N LYS A 261 -20.48 -48.63 -1.03
CA LYS A 261 -20.27 -47.54 -1.97
C LYS A 261 -20.45 -46.22 -1.24
N HIS A 262 -19.41 -45.83 -0.49
CA HIS A 262 -19.43 -44.60 0.30
C HIS A 262 -18.02 -44.08 0.48
N SER A 263 -17.85 -43.04 1.29
CA SER A 263 -16.51 -42.50 1.57
C SER A 263 -16.37 -42.10 3.05
N ALA A 264 -16.98 -42.90 3.91
CA ALA A 264 -16.97 -42.63 5.33
C ALA A 264 -15.78 -43.32 6.02
N SER A 265 -14.60 -42.73 5.84
CA SER A 265 -13.34 -43.29 6.38
C SER A 265 -13.30 -43.42 7.90
N LEU A 266 -13.71 -42.39 8.62
CA LEU A 266 -13.78 -42.43 10.08
C LEU A 266 -14.86 -43.38 10.57
N ASN A 267 -15.98 -43.39 9.88
CA ASN A 267 -17.14 -44.16 10.31
C ASN A 267 -16.92 -45.66 10.15
N ALA A 268 -16.37 -46.06 9.00
CA ALA A 268 -16.26 -47.47 8.64
C ALA A 268 -14.86 -47.93 8.26
N GLY A 269 -13.87 -47.03 8.26
CA GLY A 269 -12.51 -47.40 7.91
C GLY A 269 -11.74 -47.99 9.08
N GLN A 270 -10.49 -48.33 8.82
CA GLN A 270 -9.60 -48.89 9.84
C GLN A 270 -8.32 -48.09 9.80
N VAL A 271 -7.50 -48.26 10.85
CA VAL A 271 -6.24 -47.54 10.88
C VAL A 271 -5.32 -48.13 9.82
N GLY A 272 -4.51 -47.26 9.21
CA GLY A 272 -3.58 -47.66 8.16
C GLY A 272 -2.62 -46.54 7.79
N VAL A 273 -1.75 -46.77 6.80
CA VAL A 273 -0.82 -45.73 6.36
C VAL A 273 -0.94 -45.48 4.86
N SER A 274 -1.10 -44.22 4.49
CA SER A 274 -1.11 -43.82 3.10
C SER A 274 -0.83 -42.33 2.97
N HIS A 275 -0.27 -41.94 1.84
CA HIS A 275 0.07 -40.55 1.59
C HIS A 275 0.96 -39.97 2.71
N GLY A 276 1.82 -40.79 3.28
CA GLY A 276 2.70 -40.34 4.36
C GLY A 276 2.08 -40.09 5.73
N MET A 277 0.86 -40.57 5.96
CA MET A 277 0.18 -40.31 7.24
C MET A 277 -0.45 -41.57 7.82
N LEU A 278 -0.42 -41.69 9.15
CA LEU A 278 -1.12 -42.75 9.86
C LEU A 278 -2.48 -42.19 10.24
N SER A 279 -3.54 -42.75 9.66
CA SER A 279 -4.91 -42.27 9.87
C SER A 279 -5.92 -43.37 9.54
N TYR A 280 -7.19 -43.00 9.36
CA TYR A 280 -8.24 -43.95 8.96
C TYR A 280 -8.45 -44.00 7.45
N PHE A 281 -8.51 -45.22 6.92
CA PHE A 281 -8.69 -45.47 5.51
C PHE A 281 -9.65 -46.63 5.29
N LEU A 282 -10.35 -46.59 4.16
CA LEU A 282 -11.17 -47.72 3.73
C LEU A 282 -10.25 -48.56 2.87
N GLN A 283 -9.78 -49.69 3.39
CA GLN A 283 -8.83 -50.53 2.66
C GLN A 283 -9.33 -51.96 2.52
N ASP A 284 -8.87 -52.62 1.45
CA ASP A 284 -9.27 -54.00 1.15
C ASP A 284 -8.47 -55.03 1.96
N GLU A 285 -8.76 -56.31 1.72
CA GLU A 285 -8.04 -57.44 2.35
C GLU A 285 -6.52 -57.39 2.15
N GLU A 286 -6.08 -56.90 0.99
CA GLU A 286 -4.66 -56.76 0.68
C GLU A 286 -4.04 -55.43 1.12
N GLY A 287 -4.77 -54.64 1.90
CA GLY A 287 -4.27 -53.37 2.42
C GLY A 287 -4.28 -52.20 1.44
N GLN A 288 -4.84 -52.39 0.25
CA GLN A 288 -4.90 -51.32 -0.74
C GLN A 288 -6.14 -50.46 -0.50
N ILE A 289 -6.01 -49.17 -0.75
CA ILE A 289 -7.13 -48.24 -0.59
C ILE A 289 -8.16 -48.58 -1.64
N LYS A 290 -9.43 -48.64 -1.25
CA LYS A 290 -10.47 -49.02 -2.19
C LYS A 290 -11.25 -47.83 -2.72
N PRO A 291 -11.88 -48.00 -3.90
CA PRO A 291 -12.57 -46.86 -4.48
C PRO A 291 -13.67 -46.34 -3.56
N SER A 292 -13.69 -45.02 -3.40
CA SER A 292 -14.72 -44.35 -2.63
C SER A 292 -15.76 -43.82 -3.59
N HIS A 293 -17.00 -43.74 -3.12
CA HIS A 293 -18.08 -43.19 -3.91
C HIS A 293 -18.82 -42.11 -3.12
N SER A 294 -19.21 -41.07 -3.84
CA SER A 294 -20.17 -40.08 -3.36
C SER A 294 -20.68 -39.29 -4.55
N ILE A 295 -21.94 -38.89 -4.48
CA ILE A 295 -22.50 -37.93 -5.43
C ILE A 295 -21.72 -36.60 -5.40
N ALA A 296 -21.17 -36.24 -4.24
CA ALA A 296 -20.37 -35.02 -4.11
C ALA A 296 -18.93 -35.28 -4.59
N PRO A 297 -18.51 -34.62 -5.70
CA PRO A 297 -17.19 -34.96 -6.24
C PRO A 297 -16.03 -34.78 -5.27
N GLY A 298 -16.06 -33.72 -4.49
CA GLY A 298 -15.00 -33.40 -3.55
C GLY A 298 -14.89 -34.25 -2.31
N LEU A 299 -15.87 -35.12 -2.03
CA LEU A 299 -15.74 -36.06 -0.91
C LEU A 299 -15.15 -37.39 -1.40
N ASP A 300 -14.18 -37.31 -2.31
CA ASP A 300 -13.53 -38.47 -2.90
C ASP A 300 -12.09 -38.67 -2.44
N TYR A 301 -11.59 -37.90 -1.46
CA TYR A 301 -10.22 -38.11 -1.02
C TYR A 301 -10.11 -39.49 -0.35
N PRO A 302 -9.09 -40.30 -0.74
CA PRO A 302 -9.00 -41.63 -0.15
C PRO A 302 -8.36 -41.61 1.24
N GLY A 303 -9.20 -41.41 2.26
CA GLY A 303 -8.75 -41.32 3.64
C GLY A 303 -9.29 -40.07 4.34
N VAL A 304 -8.74 -39.78 5.51
CA VAL A 304 -9.16 -38.63 6.29
C VAL A 304 -7.98 -38.12 7.12
N GLY A 305 -7.99 -36.82 7.41
CA GLY A 305 -6.91 -36.18 8.14
C GLY A 305 -6.64 -36.79 9.52
N PRO A 306 -5.35 -36.85 9.92
CA PRO A 306 -5.06 -37.40 11.23
C PRO A 306 -5.61 -36.58 12.40
N GLU A 307 -5.78 -35.26 12.22
CA GLU A 307 -6.34 -34.46 13.30
C GLU A 307 -7.80 -34.82 13.56
N HIS A 308 -8.53 -35.22 12.52
CA HIS A 308 -9.90 -35.70 12.70
C HIS A 308 -9.96 -37.05 13.42
N ALA A 309 -9.08 -37.97 13.07
CA ALA A 309 -8.95 -39.25 13.79
C ALA A 309 -8.74 -39.02 15.29
N TYR A 310 -7.86 -38.07 15.59
CA TYR A 310 -7.58 -37.69 16.97
C TYR A 310 -8.81 -37.10 17.67
N LEU A 311 -9.49 -36.13 17.04
CA LEU A 311 -10.67 -35.51 17.64
C LEU A 311 -11.78 -36.52 17.87
N LYS A 312 -11.89 -37.49 16.96
CA LYS A 312 -12.81 -38.61 17.15
C LYS A 312 -12.43 -39.46 18.35
N LYS A 313 -11.16 -39.83 18.43
CA LYS A 313 -10.69 -40.72 19.49
C LYS A 313 -10.96 -40.13 20.88
N ILE A 314 -10.52 -38.89 21.10
CA ILE A 314 -10.71 -38.21 22.38
C ILE A 314 -12.15 -37.70 22.57
N GLN A 315 -12.97 -37.87 21.54
CA GLN A 315 -14.40 -37.61 21.58
C GLN A 315 -14.71 -36.12 21.72
N ARG A 316 -13.80 -35.30 21.20
CA ARG A 316 -14.01 -33.86 21.16
C ARG A 316 -15.01 -33.53 20.06
N ALA A 317 -14.95 -34.30 18.98
CA ALA A 317 -15.86 -34.14 17.84
C ALA A 317 -16.51 -35.47 17.52
N GLU A 318 -17.74 -35.39 17.01
CA GLU A 318 -18.52 -36.54 16.61
C GLU A 318 -18.57 -36.61 15.09
N TYR A 319 -18.51 -37.82 14.54
CA TYR A 319 -18.58 -37.98 13.09
C TYR A 319 -19.73 -38.88 12.66
N VAL A 320 -20.52 -38.38 11.72
CA VAL A 320 -21.70 -39.05 11.21
C VAL A 320 -21.59 -39.17 9.69
N ALA A 321 -22.60 -39.76 9.06
CA ALA A 321 -22.66 -39.85 7.61
C ALA A 321 -24.04 -39.52 7.10
N VAL A 322 -24.08 -38.94 5.90
CA VAL A 322 -25.30 -38.62 5.22
C VAL A 322 -25.24 -39.24 3.83
N THR A 323 -26.35 -39.82 3.37
CA THR A 323 -26.39 -40.49 2.06
C THR A 323 -26.47 -39.52 0.90
N ASP A 324 -26.25 -40.05 -0.31
CA ASP A 324 -26.41 -39.30 -1.55
C ASP A 324 -27.82 -38.70 -1.65
N GLU A 325 -28.82 -39.55 -1.38
CA GLU A 325 -30.22 -39.12 -1.43
C GLU A 325 -30.49 -37.95 -0.48
N GLU A 326 -30.03 -38.10 0.76
CA GLU A 326 -30.18 -37.04 1.77
C GLU A 326 -29.48 -35.74 1.37
N ALA A 327 -28.28 -35.85 0.82
CA ALA A 327 -27.52 -34.70 0.33
C ALA A 327 -28.24 -33.98 -0.80
N LEU A 328 -28.75 -34.77 -1.75
CA LEU A 328 -29.54 -34.23 -2.85
C LEU A 328 -30.77 -33.48 -2.39
N LYS A 329 -31.53 -34.05 -1.46
CA LYS A 329 -32.72 -33.37 -0.92
C LYS A 329 -32.35 -32.03 -0.28
N ALA A 330 -31.23 -31.98 0.44
CA ALA A 330 -30.76 -30.75 1.07
C ALA A 330 -30.33 -29.71 0.03
N PHE A 331 -29.74 -30.19 -1.06
CA PHE A 331 -29.32 -29.33 -2.15
C PHE A 331 -30.52 -28.60 -2.76
N HIS A 332 -31.58 -29.35 -3.03
CA HIS A 332 -32.84 -28.76 -3.51
C HIS A 332 -33.49 -27.87 -2.46
N GLU A 333 -33.54 -28.34 -1.23
CA GLU A 333 -34.21 -27.63 -0.15
C GLU A 333 -33.61 -26.26 0.12
N LEU A 334 -32.29 -26.19 0.24
CA LEU A 334 -31.61 -24.93 0.50
C LEU A 334 -31.82 -23.95 -0.65
N SER A 335 -31.73 -24.46 -1.87
CA SER A 335 -31.90 -23.63 -3.05
C SER A 335 -33.28 -22.96 -3.04
N ARG A 336 -34.32 -23.74 -2.76
CA ARG A 336 -35.71 -23.24 -2.77
C ARG A 336 -36.04 -22.31 -1.62
N THR A 337 -35.50 -22.63 -0.45
CA THR A 337 -35.92 -22.04 0.80
C THR A 337 -35.12 -20.79 1.13
N GLU A 338 -33.83 -20.78 0.81
CA GLU A 338 -32.97 -19.64 1.11
C GLU A 338 -32.37 -18.95 -0.11
N GLY A 339 -32.59 -19.49 -1.31
CA GLY A 339 -32.01 -18.94 -2.52
C GLY A 339 -30.51 -19.09 -2.62
N ILE A 340 -29.95 -20.11 -1.96
CA ILE A 340 -28.52 -20.40 -2.02
C ILE A 340 -28.33 -21.82 -2.53
N ILE A 341 -27.65 -21.95 -3.66
CA ILE A 341 -27.35 -23.25 -4.23
C ILE A 341 -26.01 -23.73 -3.65
N PRO A 342 -26.06 -24.77 -2.81
CA PRO A 342 -24.81 -25.18 -2.19
C PRO A 342 -24.06 -26.18 -3.02
N ALA A 343 -22.77 -26.33 -2.74
CA ALA A 343 -22.01 -27.44 -3.28
C ALA A 343 -22.60 -28.73 -2.74
N LEU A 344 -22.61 -29.78 -3.53
CA LEU A 344 -23.06 -31.10 -3.06
C LEU A 344 -22.30 -31.60 -1.84
N GLU A 345 -21.03 -31.21 -1.71
CA GLU A 345 -20.23 -31.57 -0.54
C GLU A 345 -20.89 -30.94 0.69
N SER A 346 -21.09 -29.62 0.60
CA SER A 346 -21.68 -28.80 1.66
C SER A 346 -23.11 -29.24 2.00
N ALA A 347 -23.83 -29.71 0.98
CA ALA A 347 -25.18 -30.24 1.17
C ALA A 347 -25.27 -31.37 2.19
N HIS A 348 -24.20 -32.15 2.34
CA HIS A 348 -24.15 -33.21 3.36
C HIS A 348 -24.23 -32.59 4.75
N ALA A 349 -23.49 -31.51 4.98
CA ALA A 349 -23.55 -30.77 6.24
C ALA A 349 -24.94 -30.15 6.45
N VAL A 350 -25.51 -29.56 5.40
CA VAL A 350 -26.85 -28.99 5.47
C VAL A 350 -27.85 -30.07 5.84
N ALA A 351 -27.76 -31.22 5.17
CA ALA A 351 -28.67 -32.32 5.42
C ALA A 351 -28.66 -32.74 6.87
N TYR A 352 -27.48 -32.88 7.47
CA TYR A 352 -27.40 -33.31 8.86
C TYR A 352 -27.90 -32.25 9.82
N ALA A 353 -27.51 -31.00 9.59
CA ALA A 353 -27.95 -29.88 10.40
C ALA A 353 -29.47 -29.77 10.47
N MET A 354 -30.14 -30.07 9.36
CA MET A 354 -31.60 -30.07 9.30
C MET A 354 -32.21 -31.14 10.21
N LYS A 355 -31.62 -32.33 10.21
CA LYS A 355 -32.07 -33.40 11.12
C LYS A 355 -31.81 -32.98 12.56
N LEU A 356 -30.62 -32.44 12.80
CA LEU A 356 -30.22 -32.04 14.13
C LEU A 356 -31.04 -30.88 14.69
N ALA A 357 -31.33 -29.91 13.83
CA ALA A 357 -32.13 -28.73 14.22
C ALA A 357 -33.49 -29.12 14.77
N LYS A 358 -34.14 -30.07 14.09
CA LYS A 358 -35.46 -30.57 14.51
C LYS A 358 -35.49 -31.06 15.95
N GLU A 359 -34.40 -31.70 16.37
CA GLU A 359 -34.28 -32.27 17.71
C GLU A 359 -34.04 -31.21 18.78
N MET A 360 -33.37 -30.13 18.41
CA MET A 360 -32.97 -29.08 19.34
C MET A 360 -34.03 -28.00 19.55
N SER A 361 -33.90 -27.24 20.62
CA SER A 361 -34.85 -26.16 20.95
C SER A 361 -34.55 -24.84 20.23
N ARG A 362 -35.59 -24.01 20.09
CA ARG A 362 -35.53 -22.78 19.28
C ARG A 362 -34.56 -21.70 19.76
N ASP A 363 -34.19 -21.77 21.03
CA ASP A 363 -33.17 -20.88 21.58
C ASP A 363 -31.75 -21.29 21.17
N GLU A 364 -31.59 -22.51 20.67
CA GLU A 364 -30.26 -23.05 20.33
C GLU A 364 -29.77 -22.67 18.94
N ILE A 365 -28.45 -22.74 18.78
CA ILE A 365 -27.76 -22.26 17.60
C ILE A 365 -26.87 -23.32 16.97
N ILE A 366 -27.08 -23.53 15.67
CA ILE A 366 -26.23 -24.39 14.85
C ILE A 366 -25.59 -23.54 13.78
N ILE A 367 -24.27 -23.67 13.64
CA ILE A 367 -23.55 -23.08 12.53
C ILE A 367 -23.15 -24.20 11.57
N VAL A 368 -23.55 -24.05 10.31
CA VAL A 368 -23.14 -24.97 9.26
C VAL A 368 -22.08 -24.31 8.41
N ASN A 369 -20.98 -25.02 8.16
CA ASN A 369 -19.98 -24.50 7.23
C ASN A 369 -20.46 -24.79 5.81
N LEU A 370 -20.89 -23.75 5.10
CA LEU A 370 -21.26 -23.87 3.70
C LEU A 370 -20.01 -23.73 2.88
N SER A 371 -19.30 -24.84 2.75
CA SER A 371 -17.93 -24.87 2.21
C SER A 371 -17.82 -24.44 0.75
N GLY A 372 -18.88 -24.61 -0.03
CA GLY A 372 -18.88 -24.16 -1.42
C GLY A 372 -20.24 -23.91 -2.06
N ARG A 373 -20.20 -23.27 -3.23
CA ARG A 373 -21.38 -23.08 -4.07
CA ARG A 373 -21.39 -23.07 -4.07
C ARG A 373 -21.61 -24.25 -5.04
N GLY A 374 -22.85 -24.43 -5.49
CA GLY A 374 -23.26 -25.56 -6.31
C GLY A 374 -23.35 -25.36 -7.82
N ASP A 375 -22.87 -24.23 -8.32
CA ASP A 375 -22.83 -23.97 -9.77
C ASP A 375 -22.16 -25.12 -10.50
N LYS A 376 -21.03 -25.58 -9.95
CA LYS A 376 -20.26 -26.66 -10.53
C LYS A 376 -21.02 -28.00 -10.61
N ASP A 377 -22.02 -28.19 -9.75
CA ASP A 377 -22.77 -29.44 -9.63
C ASP A 377 -24.10 -29.47 -10.41
N LEU A 378 -24.42 -28.40 -11.14
CA LEU A 378 -25.71 -28.33 -11.84
C LEU A 378 -25.88 -29.44 -12.88
N ASP A 379 -24.83 -29.70 -13.67
CA ASP A 379 -24.88 -30.79 -14.65
C ASP A 379 -25.22 -32.11 -13.97
N ILE A 380 -24.51 -32.41 -12.87
CA ILE A 380 -24.73 -33.65 -12.12
C ILE A 380 -26.16 -33.75 -11.63
N VAL A 381 -26.65 -32.69 -11.01
CA VAL A 381 -27.97 -32.74 -10.39
C VAL A 381 -29.06 -32.88 -11.44
N LEU A 382 -28.91 -32.21 -12.58
CA LEU A 382 -29.85 -32.32 -13.69
C LEU A 382 -30.00 -33.76 -14.17
N LYS A 383 -28.87 -34.44 -14.36
CA LYS A 383 -28.87 -35.84 -14.78
C LYS A 383 -29.59 -36.74 -13.79
N VAL A 384 -29.18 -36.65 -12.53
CA VAL A 384 -29.67 -37.56 -11.49
C VAL A 384 -31.10 -37.23 -11.08
N SER A 385 -31.42 -35.96 -10.89
CA SER A 385 -32.75 -35.55 -10.44
C SER A 385 -33.72 -35.46 -11.62
N GLY A 386 -33.17 -35.22 -12.81
CA GLY A 386 -33.97 -35.05 -14.01
C GLY A 386 -34.47 -33.63 -14.19
N ASN A 387 -34.89 -33.36 -15.41
CA ASN A 387 -35.46 -32.07 -15.77
C ASN A 387 -36.91 -32.01 -15.30
N MET B 1 -38.99 12.58 -13.29
CA MET B 1 -39.10 11.27 -14.01
C MET B 1 -38.36 11.19 -15.36
N TRP B 2 -37.52 12.19 -15.62
CA TRP B 2 -36.88 12.36 -16.91
C TRP B 2 -35.39 12.51 -16.65
N PHE B 3 -34.60 12.26 -17.69
CA PHE B 3 -33.17 12.49 -17.68
C PHE B 3 -32.95 13.29 -18.96
N GLY B 4 -33.03 14.60 -18.86
CA GLY B 4 -33.15 15.46 -20.04
C GLY B 4 -34.48 15.15 -20.71
N GLU B 5 -34.47 14.93 -22.02
CA GLU B 5 -35.66 14.47 -22.74
C GLU B 5 -36.03 13.02 -22.43
N PHE B 6 -35.00 12.21 -22.19
CA PHE B 6 -35.11 10.75 -22.12
C PHE B 6 -35.82 10.26 -20.87
N GLY B 7 -36.24 9.01 -20.90
CA GLY B 7 -36.94 8.40 -19.78
C GLY B 7 -38.44 8.50 -19.96
N GLY B 8 -39.14 8.97 -18.93
CA GLY B 8 -40.58 9.20 -18.99
C GLY B 8 -41.41 7.99 -18.59
N GLN B 9 -42.71 8.07 -18.87
CA GLN B 9 -43.68 7.06 -18.47
C GLN B 9 -44.74 6.94 -19.57
N TYR B 10 -44.36 6.29 -20.68
CA TYR B 10 -45.24 6.19 -21.85
C TYR B 10 -45.96 4.86 -21.92
N VAL B 11 -47.05 4.79 -21.16
CA VAL B 11 -47.84 3.57 -21.04
C VAL B 11 -49.34 3.84 -20.94
N PRO B 12 -50.17 2.80 -21.21
CA PRO B 12 -51.61 2.99 -21.01
C PRO B 12 -52.02 3.20 -19.55
N GLU B 13 -53.24 3.69 -19.38
CA GLU B 13 -53.80 4.01 -18.07
C GLU B 13 -53.93 2.78 -17.18
N THR B 14 -54.01 1.60 -17.82
CA THR B 14 -53.92 0.32 -17.12
C THR B 14 -52.65 0.21 -16.28
N LEU B 15 -51.54 0.71 -16.81
CA LEU B 15 -50.24 0.69 -16.12
C LEU B 15 -49.98 1.91 -15.23
N ILE B 16 -50.75 2.98 -15.36
CA ILE B 16 -50.50 4.21 -14.62
C ILE B 16 -50.76 4.08 -13.12
N GLY B 17 -51.91 3.50 -12.77
CA GLY B 17 -52.25 3.20 -11.37
C GLY B 17 -51.20 2.39 -10.61
N PRO B 18 -50.74 1.25 -11.17
CA PRO B 18 -49.72 0.47 -10.45
C PRO B 18 -48.34 1.14 -10.32
N LEU B 19 -47.92 1.87 -11.35
CA LEU B 19 -46.66 2.62 -11.30
C LEU B 19 -46.74 3.73 -10.27
N LYS B 20 -47.87 4.45 -10.23
CA LYS B 20 -48.06 5.51 -9.24
C LYS B 20 -47.96 4.98 -7.82
N GLU B 21 -48.63 3.85 -7.57
CA GLU B 21 -48.51 3.17 -6.26
C GLU B 21 -47.08 2.77 -5.97
N LEU B 22 -46.34 2.39 -7.01
CA LEU B 22 -44.92 2.03 -6.86
C LEU B 22 -44.05 3.20 -6.44
N GLU B 23 -44.32 4.39 -6.98
CA GLU B 23 -43.57 5.59 -6.63
C GLU B 23 -43.88 6.02 -5.21
N LYS B 24 -45.15 5.93 -4.83
CA LYS B 24 -45.56 6.28 -3.48
C LYS B 24 -44.91 5.34 -2.49
N ALA B 25 -44.87 4.07 -2.85
CA ALA B 25 -44.13 3.06 -2.11
C ALA B 25 -42.64 3.36 -2.11
N TYR B 26 -42.07 3.63 -3.28
CA TYR B 26 -40.63 3.87 -3.36
C TYR B 26 -40.22 5.13 -2.60
N LYS B 27 -40.96 6.22 -2.80
CA LYS B 27 -40.68 7.47 -2.07
C LYS B 27 -40.83 7.27 -0.57
N ARG B 28 -41.85 6.51 -0.18
CA ARG B 28 -42.09 6.17 1.23
C ARG B 28 -40.95 5.34 1.81
N PHE B 29 -40.46 4.38 1.04
CA PHE B 29 -39.48 3.40 1.49
C PHE B 29 -38.03 3.66 1.09
N LYS B 30 -37.82 4.33 -0.04
CA LYS B 30 -36.47 4.64 -0.55
C LYS B 30 -35.59 5.15 0.57
N ASP B 31 -36.16 6.07 1.36
CA ASP B 31 -35.44 6.65 2.48
C ASP B 31 -35.90 6.16 3.85
N ASP B 32 -36.75 5.13 3.90
CA ASP B 32 -37.29 4.64 5.17
C ASP B 32 -36.23 3.91 6.00
N GLU B 33 -36.30 4.11 7.31
CA GLU B 33 -35.33 3.51 8.22
C GLU B 33 -35.39 1.99 8.26
N GLU B 34 -36.60 1.44 8.23
CA GLU B 34 -36.78 -0.02 8.31
C GLU B 34 -36.41 -0.73 7.01
N PHE B 35 -36.85 -0.18 5.89
CA PHE B 35 -36.51 -0.73 4.58
C PHE B 35 -35.00 -0.73 4.34
N ASN B 36 -34.34 0.37 4.68
CA ASN B 36 -32.89 0.49 4.50
C ASN B 36 -32.09 -0.42 5.43
N ARG B 37 -32.61 -0.65 6.63
CA ARG B 37 -32.03 -1.60 7.56
C ARG B 37 -32.03 -3.03 7.00
N GLN B 38 -33.22 -3.50 6.61
CA GLN B 38 -33.38 -4.84 6.11
C GLN B 38 -32.59 -5.06 4.83
N LEU B 39 -32.62 -4.07 3.94
CA LEU B 39 -31.89 -4.14 2.69
C LEU B 39 -30.38 -4.29 2.92
N ASN B 40 -29.83 -3.44 3.79
CA ASN B 40 -28.41 -3.48 4.10
C ASN B 40 -28.01 -4.79 4.78
N TYR B 41 -28.88 -5.30 5.65
CA TYR B 41 -28.65 -6.58 6.31
C TYR B 41 -28.59 -7.76 5.31
N TYR B 42 -29.53 -7.81 4.35
CA TYR B 42 -29.50 -8.85 3.32
C TYR B 42 -28.31 -8.70 2.38
N LEU B 43 -27.99 -7.45 2.02
CA LEU B 43 -26.85 -7.19 1.15
C LEU B 43 -25.55 -7.64 1.79
N LYS B 44 -25.45 -7.50 3.11
CA LYS B 44 -24.27 -7.91 3.83
C LYS B 44 -24.22 -9.42 4.04
N THR B 45 -25.21 -9.96 4.73
CA THR B 45 -25.15 -11.35 5.19
C THR B 45 -25.45 -12.39 4.08
N TRP B 46 -26.31 -12.04 3.13
CA TRP B 46 -26.75 -12.96 2.07
C TRP B 46 -26.01 -12.74 0.76
N ALA B 47 -25.86 -11.48 0.35
CA ALA B 47 -25.16 -11.17 -0.90
C ALA B 47 -23.63 -11.05 -0.78
N GLY B 48 -23.13 -10.73 0.42
CA GLY B 48 -21.69 -10.61 0.65
C GLY B 48 -21.08 -9.26 0.38
N ARG B 49 -21.86 -8.19 0.51
CA ARG B 49 -21.35 -6.84 0.36
C ARG B 49 -20.66 -6.37 1.65
N PRO B 50 -19.59 -5.55 1.54
CA PRO B 50 -19.09 -5.05 0.27
C PRO B 50 -18.19 -6.01 -0.49
N THR B 51 -18.10 -5.81 -1.79
CA THR B 51 -17.14 -6.51 -2.62
C THR B 51 -15.82 -5.72 -2.59
N PRO B 52 -14.67 -6.42 -2.68
CA PRO B 52 -13.41 -5.70 -2.63
C PRO B 52 -13.07 -4.97 -3.92
N LEU B 53 -12.11 -4.07 -3.80
CA LEU B 53 -11.52 -3.38 -4.92
C LEU B 53 -10.13 -3.97 -5.06
N TYR B 54 -9.84 -4.59 -6.20
CA TYR B 54 -8.62 -5.36 -6.37
C TYR B 54 -7.67 -4.69 -7.34
N TYR B 55 -6.40 -4.62 -6.96
CA TYR B 55 -5.37 -4.05 -7.81
C TYR B 55 -4.73 -5.15 -8.67
N ALA B 56 -4.95 -5.10 -9.97
CA ALA B 56 -4.43 -6.12 -10.87
C ALA B 56 -2.97 -5.81 -11.18
N LYS B 57 -2.11 -6.13 -10.24
CA LYS B 57 -0.70 -5.75 -10.30
C LYS B 57 -0.01 -6.35 -11.53
N ARG B 58 -0.17 -7.64 -11.75
CA ARG B 58 0.51 -8.30 -12.86
C ARG B 58 0.07 -7.71 -14.20
N LEU B 59 -1.22 -7.49 -14.35
CA LEU B 59 -1.78 -6.95 -15.58
C LEU B 59 -1.31 -5.49 -15.79
N THR B 60 -1.35 -4.70 -14.72
CA THR B 60 -0.83 -3.33 -14.73
C THR B 60 0.63 -3.24 -15.13
N GLU B 61 1.47 -4.07 -14.50
CA GLU B 61 2.90 -4.07 -14.79
C GLU B 61 3.22 -4.50 -16.22
N LYS B 62 2.43 -5.44 -16.73
CA LYS B 62 2.61 -5.99 -18.07
C LYS B 62 2.31 -4.96 -19.16
N ILE B 63 1.20 -4.27 -19.02
CA ILE B 63 0.79 -3.25 -19.98
C ILE B 63 1.75 -2.06 -19.85
N GLY B 64 2.09 -1.70 -18.62
CA GLY B 64 3.14 -0.73 -18.34
C GLY B 64 2.69 0.72 -18.30
N GLY B 65 1.38 0.95 -18.24
CA GLY B 65 0.84 2.30 -18.18
C GLY B 65 0.06 2.48 -16.91
N ALA B 66 -1.22 2.82 -17.02
CA ALA B 66 -2.04 3.13 -15.86
C ALA B 66 -2.27 1.93 -14.92
N LYS B 67 -2.47 2.25 -13.65
CA LYS B 67 -2.83 1.29 -12.65
C LYS B 67 -4.25 0.82 -12.92
N VAL B 68 -4.44 -0.49 -12.97
CA VAL B 68 -5.74 -1.07 -13.25
C VAL B 68 -6.28 -1.72 -11.99
N TYR B 69 -7.42 -1.22 -11.52
CA TYR B 69 -8.14 -1.78 -10.40
C TYR B 69 -9.44 -2.40 -10.89
N LEU B 70 -9.90 -3.44 -10.20
CA LEU B 70 -11.13 -4.12 -10.54
C LEU B 70 -12.08 -4.07 -9.34
N LYS B 71 -13.28 -3.52 -9.54
CA LYS B 71 -14.34 -3.61 -8.54
C LYS B 71 -14.98 -4.98 -8.73
N ARG B 72 -14.87 -5.82 -7.70
CA ARG B 72 -15.10 -7.26 -7.80
C ARG B 72 -16.57 -7.67 -7.59
N GLU B 73 -17.43 -7.19 -8.47
CA GLU B 73 -18.83 -7.59 -8.46
C GLU B 73 -19.01 -9.07 -8.82
N ASP B 74 -18.01 -9.68 -9.43
CA ASP B 74 -17.98 -11.14 -9.60
C ASP B 74 -18.12 -11.92 -8.28
N LEU B 75 -17.78 -11.30 -7.15
CA LEU B 75 -17.87 -11.96 -5.84
C LEU B 75 -19.21 -11.87 -5.15
N VAL B 76 -20.16 -11.08 -5.67
CA VAL B 76 -21.51 -10.99 -5.10
C VAL B 76 -22.22 -12.34 -5.24
N HIS B 77 -23.04 -12.71 -4.26
CA HIS B 77 -23.85 -13.93 -4.36
C HIS B 77 -24.58 -14.02 -5.71
N GLY B 78 -24.39 -15.14 -6.39
CA GLY B 78 -24.91 -15.35 -7.74
C GLY B 78 -23.88 -15.08 -8.82
N GLY B 79 -22.79 -14.40 -8.47
CA GLY B 79 -21.72 -14.13 -9.41
C GLY B 79 -21.95 -12.94 -10.33
N ALA B 80 -22.95 -12.13 -10.05
CA ALA B 80 -23.21 -10.92 -10.83
C ALA B 80 -23.87 -9.80 -10.03
N HIS B 81 -23.63 -8.58 -10.49
CA HIS B 81 -24.20 -7.35 -9.90
C HIS B 81 -25.73 -7.30 -9.82
N1 LLP B 82 -22.54 -7.94 -16.84
C2 LLP B 82 -23.00 -9.07 -16.25
C2' LLP B 82 -22.08 -9.97 -15.51
C3 LLP B 82 -24.45 -9.38 -16.34
O3 LLP B 82 -24.96 -10.49 -15.75
C4 LLP B 82 -25.35 -8.44 -17.07
C4' LLP B 82 -26.82 -8.71 -17.21
C5 LLP B 82 -24.69 -7.27 -17.69
C6 LLP B 82 -23.31 -7.08 -17.54
C5' LLP B 82 -25.48 -6.25 -18.49
OP4 LLP B 82 -26.52 -5.62 -17.75
P LLP B 82 -26.38 -4.08 -17.35
OP1 LLP B 82 -25.37 -4.13 -16.22
OP2 LLP B 82 -25.90 -3.37 -18.59
OP3 LLP B 82 -27.75 -3.72 -16.86
N LLP B 82 -26.39 -8.03 -10.72
CA LLP B 82 -27.85 -8.05 -10.80
CB LLP B 82 -28.38 -9.14 -11.72
CG LLP B 82 -27.86 -9.01 -13.14
CD LLP B 82 -28.85 -9.60 -14.14
CE LLP B 82 -28.64 -9.05 -15.54
NZ LLP B 82 -27.39 -9.48 -16.13
C LLP B 82 -28.50 -8.35 -9.48
O LLP B 82 -29.61 -7.91 -9.22
N THR B 83 -27.81 -9.14 -8.67
CA THR B 83 -28.31 -9.47 -7.33
C THR B 83 -28.65 -8.22 -6.49
N ASN B 84 -27.86 -7.15 -6.63
CA ASN B 84 -28.09 -5.91 -5.85
C ASN B 84 -29.49 -5.37 -6.11
N ASN B 85 -29.86 -5.32 -7.39
CA ASN B 85 -31.18 -4.84 -7.82
C ASN B 85 -32.29 -5.79 -7.42
N ALA B 86 -32.06 -7.10 -7.58
CA ALA B 86 -33.06 -8.10 -7.27
C ALA B 86 -33.49 -8.08 -5.81
N ILE B 87 -32.51 -7.91 -4.92
CA ILE B 87 -32.80 -7.87 -3.48
C ILE B 87 -33.60 -6.60 -3.14
N GLY B 88 -33.18 -5.48 -3.71
CA GLY B 88 -33.84 -4.19 -3.45
C GLY B 88 -35.31 -4.17 -3.83
N GLN B 89 -35.62 -4.60 -5.04
CA GLN B 89 -37.01 -4.60 -5.52
C GLN B 89 -37.86 -5.64 -4.82
N ALA B 90 -37.30 -6.82 -4.55
CA ALA B 90 -38.05 -7.87 -3.88
C ALA B 90 -38.40 -7.47 -2.46
N LEU B 91 -37.47 -6.80 -1.78
CA LEU B 91 -37.71 -6.31 -0.43
C LEU B 91 -38.78 -5.23 -0.45
N LEU B 92 -38.69 -4.35 -1.43
CA LEU B 92 -39.71 -3.31 -1.60
C LEU B 92 -41.08 -3.94 -1.76
N ALA B 93 -41.17 -4.98 -2.58
CA ALA B 93 -42.40 -5.70 -2.83
C ALA B 93 -42.99 -6.29 -1.56
N LYS B 94 -42.15 -6.90 -0.73
CA LYS B 94 -42.61 -7.43 0.55
C LYS B 94 -43.20 -6.30 1.42
N PHE B 95 -42.52 -5.16 1.42
CA PHE B 95 -42.98 -3.98 2.17
C PHE B 95 -44.31 -3.41 1.67
N MET B 96 -44.56 -3.57 0.37
CA MET B 96 -45.81 -3.19 -0.26
C MET B 96 -46.91 -4.23 -0.12
N GLY B 97 -46.59 -5.37 0.49
CA GLY B 97 -47.57 -6.43 0.73
C GLY B 97 -47.78 -7.38 -0.44
N LYS B 98 -46.86 -7.37 -1.41
CA LYS B 98 -46.92 -8.28 -2.56
C LYS B 98 -46.38 -9.65 -2.19
N THR B 99 -47.03 -10.68 -2.71
CA THR B 99 -46.66 -12.07 -2.43
C THR B 99 -46.00 -12.77 -3.61
N ARG B 100 -45.85 -12.07 -4.73
CA ARG B 100 -45.40 -12.67 -5.98
C ARG B 100 -44.54 -11.71 -6.78
N LEU B 101 -43.52 -12.24 -7.46
CA LEU B 101 -42.67 -11.47 -8.37
C LEU B 101 -42.77 -12.05 -9.76
N ILE B 102 -42.77 -11.18 -10.76
CA ILE B 102 -42.63 -11.59 -12.14
C ILE B 102 -41.51 -10.77 -12.74
N ALA B 103 -40.92 -11.30 -13.79
CA ALA B 103 -39.85 -10.62 -14.50
C ALA B 103 -39.67 -11.31 -15.83
N GLU B 104 -39.00 -10.62 -16.75
CA GLU B 104 -38.63 -11.20 -18.02
C GLU B 104 -37.13 -11.42 -18.03
N THR B 105 -36.64 -12.27 -18.93
CA THR B 105 -35.21 -12.50 -19.08
C THR B 105 -34.86 -13.03 -20.47
N GLY B 106 -33.66 -12.70 -20.93
CA GLY B 106 -33.13 -13.16 -22.22
C GLY B 106 -32.00 -14.15 -22.02
N ALA B 107 -30.90 -13.68 -21.42
CA ALA B 107 -29.79 -14.54 -21.04
C ALA B 107 -30.16 -15.55 -19.95
N GLY B 108 -31.14 -15.19 -19.10
CA GLY B 108 -31.50 -15.99 -17.93
C GLY B 108 -30.86 -15.46 -16.66
N GLN B 109 -29.91 -14.54 -16.81
CA GLN B 109 -29.12 -14.04 -15.70
C GLN B 109 -29.98 -13.23 -14.73
N HIS B 110 -30.80 -12.33 -15.25
CA HIS B 110 -31.75 -11.61 -14.39
C HIS B 110 -32.84 -12.51 -13.82
N GLY B 111 -33.24 -13.51 -14.59
CA GLY B 111 -34.22 -14.50 -14.12
C GLY B 111 -33.75 -15.28 -12.91
N VAL B 112 -32.47 -15.68 -12.94
CA VAL B 112 -31.82 -16.35 -11.80
C VAL B 112 -31.78 -15.43 -10.56
N ALA B 113 -31.37 -14.19 -10.76
CA ALA B 113 -31.26 -13.23 -9.65
C ALA B 113 -32.63 -12.97 -9.00
N THR B 114 -33.68 -12.89 -9.80
CA THR B 114 -35.05 -12.73 -9.31
C THR B 114 -35.50 -13.95 -8.53
N ALA B 115 -35.24 -15.14 -9.09
CA ALA B 115 -35.55 -16.40 -8.40
C ALA B 115 -34.84 -16.50 -7.06
N MET B 116 -33.55 -16.13 -7.03
CA MET B 116 -32.78 -16.12 -5.79
C MET B 116 -33.42 -15.21 -4.76
N ALA B 117 -33.69 -13.97 -5.19
CA ALA B 117 -34.26 -12.94 -4.32
C ALA B 117 -35.65 -13.35 -3.82
N GLY B 118 -36.47 -13.90 -4.73
CA GLY B 118 -37.81 -14.34 -4.40
C GLY B 118 -37.82 -15.50 -3.43
N ALA B 119 -36.92 -16.45 -3.65
CA ALA B 119 -36.70 -17.55 -2.72
C ALA B 119 -36.29 -17.03 -1.34
N LEU B 120 -35.35 -16.09 -1.31
CA LEU B 120 -34.91 -15.47 -0.06
C LEU B 120 -36.09 -14.96 0.78
N LEU B 121 -36.99 -14.22 0.14
CA LEU B 121 -38.11 -13.58 0.85
C LEU B 121 -39.44 -14.36 0.85
N GLY B 122 -39.43 -15.59 0.34
CA GLY B 122 -40.60 -16.46 0.40
C GLY B 122 -41.72 -16.07 -0.52
N MET B 123 -41.37 -15.52 -1.68
CA MET B 123 -42.35 -15.10 -2.64
C MET B 123 -42.45 -16.09 -3.79
N LYS B 124 -43.63 -16.14 -4.40
CA LYS B 124 -43.83 -16.90 -5.61
C LYS B 124 -43.12 -16.14 -6.72
N VAL B 125 -42.47 -16.86 -7.62
CA VAL B 125 -41.75 -16.23 -8.71
C VAL B 125 -42.14 -16.93 -9.99
N ASP B 126 -42.58 -16.14 -10.98
CA ASP B 126 -42.81 -16.61 -12.34
C ASP B 126 -41.93 -15.78 -13.26
N ILE B 127 -41.13 -16.43 -14.10
CA ILE B 127 -40.25 -15.74 -15.03
C ILE B 127 -40.73 -15.99 -16.44
N TYR B 128 -41.01 -14.92 -17.16
CA TYR B 128 -41.37 -15.01 -18.57
C TYR B 128 -40.10 -14.97 -19.40
N MET B 129 -39.94 -15.94 -20.28
CA MET B 129 -38.73 -16.03 -21.08
C MET B 129 -39.08 -16.46 -22.50
N GLY B 130 -38.49 -15.79 -23.48
CA GLY B 130 -38.71 -16.14 -24.87
C GLY B 130 -38.24 -17.56 -25.16
N ALA B 131 -39.02 -18.29 -25.95
CA ALA B 131 -38.76 -19.71 -26.24
C ALA B 131 -37.43 -19.97 -26.93
N GLU B 132 -36.99 -19.05 -27.78
CA GLU B 132 -35.69 -19.18 -28.45
C GLU B 132 -34.57 -19.08 -27.41
N ASP B 133 -34.74 -18.16 -26.46
CA ASP B 133 -33.78 -18.01 -25.37
C ASP B 133 -33.83 -19.19 -24.38
N VAL B 134 -35.02 -19.75 -24.14
CA VAL B 134 -35.17 -20.90 -23.27
C VAL B 134 -34.32 -22.06 -23.78
N GLU B 135 -34.39 -22.32 -25.08
CA GLU B 135 -33.62 -23.40 -25.70
C GLU B 135 -32.11 -23.14 -25.68
N ARG B 136 -31.71 -21.87 -25.75
CA ARG B 136 -30.28 -21.52 -25.71
C ARG B 136 -29.64 -21.46 -24.29
N GLN B 137 -30.46 -21.49 -23.25
CA GLN B 137 -29.97 -21.28 -21.89
C GLN B 137 -30.44 -22.38 -20.93
N LYS B 138 -30.16 -23.62 -21.28
CA LYS B 138 -30.65 -24.78 -20.51
C LYS B 138 -30.24 -24.72 -19.03
N MET B 139 -29.00 -24.34 -18.77
CA MET B 139 -28.53 -24.34 -17.37
C MET B 139 -29.15 -23.22 -16.53
N ASN B 140 -29.33 -22.03 -17.11
CA ASN B 140 -30.04 -20.94 -16.42
C ASN B 140 -31.50 -21.26 -16.13
N VAL B 141 -32.18 -21.90 -17.08
CA VAL B 141 -33.56 -22.37 -16.87
C VAL B 141 -33.60 -23.36 -15.71
N PHE B 142 -32.69 -24.32 -15.72
CA PHE B 142 -32.63 -25.30 -14.64
C PHE B 142 -32.38 -24.62 -13.29
N ARG B 143 -31.42 -23.69 -13.26
CA ARG B 143 -31.14 -22.89 -12.07
C ARG B 143 -32.39 -22.24 -11.50
N MET B 144 -33.15 -21.58 -12.37
CA MET B 144 -34.38 -20.89 -11.94
C MET B 144 -35.36 -21.87 -11.30
N LYS B 145 -35.52 -23.03 -11.92
CA LYS B 145 -36.43 -24.05 -11.42
C LYS B 145 -35.94 -24.63 -10.10
N LEU B 146 -34.65 -24.92 -10.05
CA LEU B 146 -34.03 -25.37 -8.81
C LEU B 146 -34.26 -24.36 -7.67
N LEU B 147 -34.22 -23.07 -8.00
CA LEU B 147 -34.49 -21.99 -7.04
C LEU B 147 -35.99 -21.80 -6.70
N GLY B 148 -36.87 -22.60 -7.30
CA GLY B 148 -38.29 -22.60 -6.96
C GLY B 148 -39.17 -21.74 -7.85
N ALA B 149 -38.58 -21.08 -8.84
CA ALA B 149 -39.33 -20.25 -9.77
C ALA B 149 -39.96 -21.10 -10.86
N ASN B 150 -41.01 -20.58 -11.48
CA ASN B 150 -41.63 -21.20 -12.64
C ASN B 150 -41.16 -20.41 -13.85
N VAL B 151 -40.75 -21.12 -14.89
CA VAL B 151 -40.31 -20.50 -16.13
C VAL B 151 -41.46 -20.65 -17.12
N ILE B 152 -41.97 -19.53 -17.58
CA ILE B 152 -43.07 -19.50 -18.55
C ILE B 152 -42.47 -19.21 -19.92
N PRO B 153 -42.29 -20.25 -20.77
CA PRO B 153 -41.75 -19.96 -22.08
C PRO B 153 -42.78 -19.27 -22.97
N VAL B 154 -42.35 -18.25 -23.69
CA VAL B 154 -43.22 -17.53 -24.60
C VAL B 154 -42.92 -18.08 -25.99
N ASN B 155 -43.86 -18.85 -26.52
CA ASN B 155 -43.72 -19.55 -27.80
C ASN B 155 -44.38 -18.81 -28.97
N SER B 156 -45.00 -17.67 -28.67
CA SER B 156 -45.77 -16.91 -29.66
C SER B 156 -44.95 -15.79 -30.28
N GLY B 157 -45.03 -15.67 -31.60
CA GLY B 157 -44.41 -14.59 -32.35
C GLY B 157 -42.91 -14.73 -32.50
N SER B 158 -42.17 -13.72 -32.03
CA SER B 158 -40.72 -13.67 -32.16
C SER B 158 -39.97 -14.65 -31.24
N ARG B 159 -40.55 -14.95 -30.07
CA ARG B 159 -39.98 -15.88 -29.10
C ARG B 159 -38.66 -15.37 -28.47
N THR B 160 -38.57 -14.06 -28.27
CA THR B 160 -37.39 -13.40 -27.73
C THR B 160 -37.81 -12.57 -26.53
N LEU B 161 -36.85 -11.87 -25.93
CA LEU B 161 -37.11 -10.92 -24.85
C LEU B 161 -38.26 -9.95 -25.14
N LYS B 162 -38.34 -9.45 -26.37
CA LYS B 162 -39.42 -8.54 -26.76
C LYS B 162 -40.80 -9.12 -26.42
N ASP B 163 -41.00 -10.39 -26.74
CA ASP B 163 -42.26 -11.07 -26.44
C ASP B 163 -42.45 -11.37 -24.94
N ALA B 164 -41.35 -11.71 -24.26
CA ALA B 164 -41.38 -11.93 -22.82
C ALA B 164 -41.76 -10.66 -22.07
N ILE B 165 -41.26 -9.53 -22.54
CA ILE B 165 -41.60 -8.23 -21.96
C ILE B 165 -43.12 -8.04 -22.05
N ASN B 166 -43.66 -8.25 -23.25
CA ASN B 166 -45.09 -8.05 -23.51
C ASN B 166 -45.97 -8.88 -22.59
N GLU B 167 -45.61 -10.15 -22.39
CA GLU B 167 -46.39 -11.04 -21.54
C GLU B 167 -46.31 -10.63 -20.08
N ALA B 168 -45.11 -10.23 -19.64
CA ALA B 168 -44.92 -9.80 -18.26
C ALA B 168 -45.73 -8.56 -17.95
N LEU B 169 -45.72 -7.60 -18.87
CA LEU B 169 -46.52 -6.38 -18.74
C LEU B 169 -48.02 -6.65 -18.66
N ARG B 170 -48.49 -7.55 -19.51
CA ARG B 170 -49.89 -7.98 -19.48
C ARG B 170 -50.23 -8.61 -18.12
N ASP B 171 -49.31 -9.45 -17.62
CA ASP B 171 -49.49 -10.10 -16.33
C ASP B 171 -49.60 -9.06 -15.22
N TRP B 172 -48.71 -8.08 -15.21
CA TRP B 172 -48.70 -7.09 -14.14
C TRP B 172 -49.99 -6.28 -14.07
N VAL B 173 -50.53 -5.93 -15.24
CA VAL B 173 -51.81 -5.21 -15.35
C VAL B 173 -52.92 -5.95 -14.60
N ALA B 174 -53.02 -7.25 -14.84
CA ALA B 174 -53.99 -8.10 -14.16
C ALA B 174 -53.70 -8.32 -12.67
N THR B 175 -52.43 -8.42 -12.29
CA THR B 175 -52.07 -8.91 -10.95
C THR B 175 -51.33 -7.98 -10.00
N PHE B 176 -51.10 -6.72 -10.38
CA PHE B 176 -50.30 -5.80 -9.55
C PHE B 176 -50.72 -5.71 -8.08
N GLU B 177 -51.99 -6.00 -7.80
CA GLU B 177 -52.54 -5.99 -6.43
C GLU B 177 -51.71 -6.81 -5.45
N TYR B 178 -51.29 -8.00 -5.89
CA TYR B 178 -50.43 -8.88 -5.08
C TYR B 178 -49.10 -9.24 -5.75
N THR B 179 -48.83 -8.64 -6.92
CA THR B 179 -47.64 -8.94 -7.69
C THR B 179 -46.79 -7.70 -7.93
N HIS B 180 -45.48 -7.85 -7.74
CA HIS B 180 -44.52 -6.85 -8.15
C HIS B 180 -43.79 -7.32 -9.40
N TYR B 181 -43.68 -6.42 -10.36
CA TYR B 181 -42.98 -6.68 -11.62
C TYR B 181 -41.57 -6.19 -11.41
N LEU B 182 -40.60 -7.10 -11.54
CA LEU B 182 -39.20 -6.82 -11.20
C LEU B 182 -38.30 -6.67 -12.43
N ILE B 183 -38.09 -5.43 -12.85
CA ILE B 183 -37.31 -5.11 -14.03
C ILE B 183 -35.82 -5.22 -13.72
N GLY B 184 -35.08 -5.76 -14.68
CA GLY B 184 -33.69 -6.19 -14.48
C GLY B 184 -32.58 -5.25 -14.90
N SER B 185 -32.93 -4.13 -15.53
CA SER B 185 -31.93 -3.12 -15.87
C SER B 185 -32.51 -1.71 -15.78
N VAL B 186 -31.70 -0.70 -16.10
CA VAL B 186 -32.13 0.71 -15.95
C VAL B 186 -32.95 1.14 -17.16
N VAL B 187 -34.06 0.45 -17.35
CA VAL B 187 -34.91 0.59 -18.53
C VAL B 187 -36.36 0.57 -18.08
N GLY B 188 -37.27 0.75 -19.03
CA GLY B 188 -38.70 0.74 -18.75
C GLY B 188 -39.23 2.09 -18.27
N PRO B 189 -40.52 2.15 -17.91
CA PRO B 189 -41.07 3.42 -17.45
C PRO B 189 -40.66 3.79 -16.05
N HIS B 190 -40.73 5.09 -15.75
CA HIS B 190 -40.60 5.60 -14.40
C HIS B 190 -41.59 4.85 -13.47
N PRO B 191 -41.15 4.46 -12.26
CA PRO B 191 -39.86 4.84 -11.70
C PRO B 191 -38.75 3.77 -11.78
N TYR B 192 -38.80 2.90 -12.77
CA TYR B 192 -37.84 1.78 -12.84
C TYR B 192 -36.40 2.20 -13.12
N PRO B 193 -36.16 3.06 -14.14
CA PRO B 193 -34.76 3.40 -14.40
C PRO B 193 -34.05 4.06 -13.23
N THR B 194 -34.78 4.91 -12.51
CA THR B 194 -34.27 5.53 -11.29
C THR B 194 -34.08 4.50 -10.17
N ILE B 195 -35.08 3.65 -9.96
CA ILE B 195 -35.05 2.66 -8.89
C ILE B 195 -33.87 1.69 -9.03
N VAL B 196 -33.67 1.17 -10.24
CA VAL B 196 -32.59 0.21 -10.49
C VAL B 196 -31.20 0.86 -10.33
N ARG B 197 -31.04 2.04 -10.88
CA ARG B 197 -29.80 2.81 -10.71
C ARG B 197 -29.54 3.09 -9.23
N ASP B 198 -30.58 3.43 -8.49
CA ASP B 198 -30.47 3.63 -7.05
C ASP B 198 -29.96 2.38 -6.33
N PHE B 199 -30.50 1.22 -6.70
CA PHE B 199 -30.13 -0.04 -6.07
C PHE B 199 -28.75 -0.59 -6.44
N GLN B 200 -28.20 -0.10 -7.56
CA GLN B 200 -26.86 -0.44 -8.00
C GLN B 200 -25.79 0.59 -7.62
N SER B 201 -26.22 1.78 -7.18
CA SER B 201 -25.28 2.85 -6.87
C SER B 201 -24.34 2.53 -5.71
N VAL B 202 -24.73 1.57 -4.87
CA VAL B 202 -23.83 1.01 -3.85
C VAL B 202 -22.47 0.55 -4.39
N ILE B 203 -22.45 0.08 -5.63
CA ILE B 203 -21.20 -0.33 -6.27
C ILE B 203 -20.21 0.83 -6.31
N GLY B 204 -20.70 1.98 -6.77
CA GLY B 204 -19.89 3.16 -6.91
C GLY B 204 -19.48 3.77 -5.58
N ARG B 205 -20.37 3.70 -4.60
CA ARG B 205 -20.09 4.27 -3.29
C ARG B 205 -18.99 3.51 -2.57
N GLU B 206 -19.04 2.18 -2.66
CA GLU B 206 -17.98 1.35 -2.14
C GLU B 206 -16.67 1.65 -2.86
N ALA B 207 -16.76 1.68 -4.20
CA ALA B 207 -15.60 1.88 -5.05
C ALA B 207 -14.89 3.22 -4.81
N LYS B 208 -15.69 4.26 -4.62
CA LYS B 208 -15.16 5.59 -4.32
C LYS B 208 -14.37 5.57 -3.02
N ALA B 209 -15.02 5.09 -1.96
CA ALA B 209 -14.38 4.92 -0.65
C ALA B 209 -13.13 4.04 -0.73
N GLN B 210 -13.24 2.91 -1.42
CA GLN B 210 -12.11 1.96 -1.54
C GLN B 210 -10.92 2.53 -2.31
N ILE B 211 -11.17 3.34 -3.33
CA ILE B 211 -10.06 3.92 -4.11
C ILE B 211 -9.36 5.06 -3.35
N LEU B 212 -10.13 5.82 -2.56
CA LEU B 212 -9.55 6.83 -1.67
C LEU B 212 -8.67 6.17 -0.61
N GLU B 213 -9.15 5.05 -0.07
CA GLU B 213 -8.38 4.27 0.90
C GLU B 213 -7.09 3.73 0.29
N ALA B 214 -7.18 3.18 -0.92
CA ALA B 214 -6.02 2.58 -1.60
C ALA B 214 -5.01 3.60 -2.13
N GLU B 215 -5.51 4.66 -2.76
CA GLU B 215 -4.67 5.61 -3.48
C GLU B 215 -4.73 7.07 -3.00
N GLY B 216 -5.63 7.38 -2.07
CA GLY B 216 -5.78 8.75 -1.58
C GLY B 216 -6.37 9.75 -2.57
N GLN B 217 -6.98 9.25 -3.64
CA GLN B 217 -7.54 10.12 -4.68
C GLN B 217 -8.54 9.36 -5.56
N LEU B 218 -9.38 10.13 -6.25
CA LEU B 218 -10.36 9.56 -7.17
C LEU B 218 -9.67 9.02 -8.43
N PRO B 219 -10.34 8.10 -9.15
CA PRO B 219 -9.66 7.59 -10.33
C PRO B 219 -9.71 8.55 -11.52
N ASP B 220 -8.80 8.35 -12.46
CA ASP B 220 -8.80 9.10 -13.69
C ASP B 220 -9.87 8.60 -14.65
N VAL B 221 -10.11 7.28 -14.66
CA VAL B 221 -11.13 6.69 -15.54
C VAL B 221 -11.85 5.53 -14.87
N ILE B 222 -13.15 5.43 -15.16
CA ILE B 222 -13.97 4.29 -14.76
C ILE B 222 -14.54 3.68 -16.02
N VAL B 223 -14.33 2.37 -16.18
CA VAL B 223 -14.77 1.64 -17.37
C VAL B 223 -15.75 0.55 -16.94
N ALA B 224 -16.89 0.49 -17.62
CA ALA B 224 -17.89 -0.55 -17.38
C ALA B 224 -18.59 -0.94 -18.67
N CYS B 225 -19.01 -2.19 -18.76
CA CYS B 225 -19.73 -2.64 -19.94
C CYS B 225 -21.17 -2.14 -19.85
N VAL B 226 -21.79 -2.00 -21.01
CA VAL B 226 -23.15 -1.48 -21.13
C VAL B 226 -24.04 -2.41 -21.95
N GLY B 227 -25.05 -3.00 -21.29
CA GLY B 227 -26.18 -3.61 -21.99
C GLY B 227 -27.38 -2.68 -21.85
N GLY B 228 -28.24 -3.00 -20.89
CA GLY B 228 -29.29 -2.09 -20.43
C GLY B 228 -28.71 -0.91 -19.66
N GLY B 229 -27.57 -1.16 -19.01
CA GLY B 229 -26.79 -0.11 -18.36
C GLY B 229 -26.79 -0.03 -16.84
N SER B 230 -27.30 -1.06 -16.16
CA SER B 230 -27.39 -1.05 -14.70
C SER B 230 -26.05 -1.10 -13.94
N ASN B 231 -25.13 -2.00 -14.30
CA ASN B 231 -23.84 -2.06 -13.62
C ASN B 231 -23.00 -0.79 -13.85
N ALA B 232 -23.10 -0.23 -15.06
CA ALA B 232 -22.34 0.99 -15.38
C ALA B 232 -22.89 2.19 -14.62
N MET B 233 -24.21 2.34 -14.60
CA MET B 233 -24.84 3.42 -13.84
C MET B 233 -24.55 3.29 -12.35
N GLY B 234 -24.58 2.06 -11.85
CA GLY B 234 -24.29 1.81 -10.44
C GLY B 234 -22.93 2.33 -10.03
N ILE B 235 -21.92 2.04 -10.86
CA ILE B 235 -20.56 2.52 -10.56
C ILE B 235 -20.33 3.98 -10.97
N PHE B 236 -20.92 4.40 -12.09
CA PHE B 236 -20.83 5.78 -12.58
C PHE B 236 -21.43 6.80 -11.63
N TYR B 237 -22.62 6.49 -11.12
CA TYR B 237 -23.47 7.51 -10.50
C TYR B 237 -22.86 8.29 -9.34
N PRO B 238 -22.11 7.61 -8.44
CA PRO B 238 -21.51 8.40 -7.35
C PRO B 238 -20.35 9.30 -7.75
N PHE B 239 -19.80 9.13 -8.95
CA PHE B 239 -18.71 9.97 -9.47
C PHE B 239 -19.18 11.01 -10.49
N VAL B 240 -20.49 11.11 -10.72
CA VAL B 240 -21.02 12.00 -11.77
C VAL B 240 -20.64 13.46 -11.51
N ASN B 241 -20.71 13.89 -10.26
CA ASN B 241 -20.39 15.27 -9.88
C ASN B 241 -18.89 15.51 -9.63
N ASP B 242 -18.07 14.48 -9.72
CA ASP B 242 -16.63 14.65 -9.60
C ASP B 242 -16.07 14.77 -11.02
N LYS B 243 -15.81 16.01 -11.43
CA LYS B 243 -15.64 16.39 -12.84
C LYS B 243 -14.40 15.85 -13.56
N LYS B 244 -13.29 15.67 -12.84
CA LYS B 244 -12.07 15.12 -13.42
C LYS B 244 -12.13 13.61 -13.72
N VAL B 245 -13.16 12.93 -13.21
CA VAL B 245 -13.30 11.48 -13.41
C VAL B 245 -14.00 11.17 -14.73
N LYS B 246 -13.24 10.63 -15.69
CA LYS B 246 -13.80 10.19 -16.96
C LYS B 246 -14.62 8.90 -16.77
N LEU B 247 -15.77 8.85 -17.44
CA LEU B 247 -16.67 7.71 -17.39
C LEU B 247 -16.75 7.13 -18.78
N VAL B 248 -16.52 5.81 -18.89
CA VAL B 248 -16.59 5.14 -20.18
C VAL B 248 -17.48 3.92 -20.09
N GLY B 249 -18.49 3.90 -20.96
CA GLY B 249 -19.39 2.76 -21.09
C GLY B 249 -18.97 1.99 -22.33
N VAL B 250 -18.89 0.67 -22.20
CA VAL B 250 -18.40 -0.17 -23.28
C VAL B 250 -19.53 -1.07 -23.77
N GLU B 251 -19.92 -0.89 -25.03
CA GLU B 251 -20.99 -1.65 -25.65
C GLU B 251 -20.46 -2.86 -26.43
N ALA B 252 -21.36 -3.75 -26.81
CA ALA B 252 -21.00 -4.95 -27.57
C ALA B 252 -20.81 -4.63 -29.06
N GLY B 253 -19.58 -4.70 -29.53
CA GLY B 253 -19.26 -4.59 -30.95
C GLY B 253 -19.64 -5.80 -31.78
N GLY B 254 -19.79 -6.95 -31.11
CA GLY B 254 -20.23 -8.18 -31.75
C GLY B 254 -19.24 -8.67 -32.79
N LYS B 255 -19.76 -9.02 -33.96
CA LYS B 255 -18.92 -9.40 -35.10
C LYS B 255 -18.21 -8.21 -35.74
N GLY B 256 -18.70 -7.00 -35.42
CA GLY B 256 -18.12 -5.76 -35.91
C GLY B 256 -19.23 -4.76 -36.10
N LEU B 257 -18.92 -3.49 -35.89
CA LEU B 257 -19.91 -2.42 -36.06
C LEU B 257 -20.35 -2.31 -37.53
N GLU B 258 -19.39 -2.48 -38.44
CA GLU B 258 -19.67 -2.52 -39.87
C GLU B 258 -20.49 -3.75 -40.27
N SER B 259 -20.30 -4.86 -39.56
CA SER B 259 -20.99 -6.12 -39.86
C SER B 259 -22.50 -6.09 -39.62
N GLY B 260 -22.99 -5.19 -38.78
CA GLY B 260 -24.41 -5.13 -38.45
C GLY B 260 -24.90 -6.20 -37.48
N LYS B 261 -23.98 -6.89 -36.82
CA LYS B 261 -24.32 -7.86 -35.77
C LYS B 261 -23.60 -7.41 -34.49
N HIS B 262 -24.31 -6.63 -33.69
CA HIS B 262 -23.76 -6.03 -32.47
C HIS B 262 -24.91 -5.57 -31.60
N SER B 263 -24.62 -4.96 -30.46
CA SER B 263 -25.67 -4.46 -29.58
C SER B 263 -25.38 -3.03 -29.09
N ALA B 264 -24.62 -2.30 -29.92
CA ALA B 264 -24.20 -0.95 -29.61
C ALA B 264 -25.29 0.07 -29.95
N SER B 265 -26.26 0.19 -29.04
CA SER B 265 -27.41 1.07 -29.22
C SER B 265 -27.03 2.56 -29.29
N LEU B 266 -26.17 2.99 -28.38
CA LEU B 266 -25.74 4.39 -28.32
C LEU B 266 -24.88 4.77 -29.53
N ASN B 267 -23.98 3.87 -29.93
CA ASN B 267 -23.10 4.14 -31.06
C ASN B 267 -23.79 4.13 -32.44
N ALA B 268 -24.75 3.23 -32.63
CA ALA B 268 -25.42 3.07 -33.92
C ALA B 268 -26.96 3.06 -33.90
N GLY B 269 -27.58 3.30 -32.75
CA GLY B 269 -29.04 3.24 -32.65
C GLY B 269 -29.73 4.48 -33.16
N GLN B 270 -31.03 4.57 -32.90
CA GLN B 270 -31.84 5.74 -33.22
C GLN B 270 -32.78 5.98 -32.05
N VAL B 271 -33.21 7.23 -31.88
CA VAL B 271 -34.09 7.57 -30.75
C VAL B 271 -35.49 7.05 -31.04
N GLY B 272 -36.12 6.52 -29.99
CA GLY B 272 -37.44 5.91 -30.11
C GLY B 272 -38.08 5.72 -28.76
N VAL B 273 -39.37 5.36 -28.78
CA VAL B 273 -40.12 5.13 -27.55
C VAL B 273 -40.45 3.66 -27.48
N SER B 274 -39.79 2.94 -26.58
CA SER B 274 -40.07 1.52 -26.36
C SER B 274 -39.93 1.14 -24.90
N HIS B 275 -40.65 0.09 -24.51
CA HIS B 275 -40.71 -0.36 -23.12
C HIS B 275 -41.19 0.79 -22.22
N GLY B 276 -42.02 1.66 -22.78
CA GLY B 276 -42.52 2.84 -22.08
C GLY B 276 -41.52 3.91 -21.69
N MET B 277 -40.46 4.05 -22.47
CA MET B 277 -39.42 5.05 -22.18
C MET B 277 -38.84 5.60 -23.47
N LEU B 278 -38.41 6.85 -23.44
CA LEU B 278 -37.72 7.44 -24.57
C LEU B 278 -36.22 7.23 -24.38
N SER B 279 -35.59 6.57 -25.35
CA SER B 279 -34.15 6.30 -25.32
C SER B 279 -33.68 5.82 -26.69
N TYR B 280 -32.44 5.33 -26.75
CA TYR B 280 -31.88 4.78 -27.97
C TYR B 280 -32.23 3.30 -28.13
N PHE B 281 -32.67 2.94 -29.34
CA PHE B 281 -32.94 1.56 -29.71
C PHE B 281 -32.32 1.35 -31.09
N LEU B 282 -31.96 0.11 -31.41
CA LEU B 282 -31.30 -0.17 -32.69
C LEU B 282 -32.31 -0.18 -33.84
N ILE B 289 -37.58 -2.59 -34.45
CA ILE B 289 -36.34 -3.00 -33.78
C ILE B 289 -35.53 -3.94 -34.66
N LYS B 290 -34.30 -4.22 -34.24
CA LYS B 290 -33.38 -5.08 -35.00
C LYS B 290 -32.80 -6.17 -34.12
N PRO B 291 -32.23 -7.24 -34.74
CA PRO B 291 -31.69 -8.30 -33.91
C PRO B 291 -30.30 -7.92 -33.42
N SER B 292 -30.18 -7.76 -32.11
CA SER B 292 -28.88 -7.50 -31.49
C SER B 292 -28.14 -8.82 -31.31
N HIS B 293 -26.81 -8.75 -31.39
CA HIS B 293 -25.96 -9.92 -31.21
C HIS B 293 -24.75 -9.58 -30.33
N SER B 294 -24.36 -10.53 -29.51
CA SER B 294 -23.12 -10.44 -28.75
C SER B 294 -22.73 -11.81 -28.24
N ILE B 295 -21.43 -12.06 -28.15
CA ILE B 295 -20.93 -13.27 -27.52
C ILE B 295 -21.33 -13.32 -26.05
N ALA B 296 -21.38 -12.15 -25.39
CA ALA B 296 -21.80 -12.06 -24.00
C ALA B 296 -23.32 -11.99 -23.94
N PRO B 297 -23.97 -13.00 -23.32
CA PRO B 297 -25.45 -13.01 -23.35
C PRO B 297 -26.12 -11.78 -22.73
N GLY B 298 -25.61 -11.32 -21.59
CA GLY B 298 -26.18 -10.18 -20.87
C GLY B 298 -26.18 -8.84 -21.59
N LEU B 299 -25.38 -8.73 -22.65
CA LEU B 299 -25.35 -7.54 -23.50
C LEU B 299 -26.34 -7.60 -24.68
N ASP B 300 -27.34 -8.47 -24.62
CA ASP B 300 -28.31 -8.65 -25.71
C ASP B 300 -29.28 -7.49 -25.92
N TYR B 301 -29.73 -6.83 -24.85
CA TYR B 301 -30.77 -5.79 -24.93
C TYR B 301 -30.53 -4.81 -26.09
N PRO B 302 -31.50 -4.69 -27.03
CA PRO B 302 -31.29 -3.73 -28.13
C PRO B 302 -31.41 -2.27 -27.68
N GLY B 303 -32.26 -2.03 -26.69
CA GLY B 303 -32.37 -0.73 -26.05
C GLY B 303 -31.21 -0.43 -25.12
N VAL B 304 -31.26 0.75 -24.52
CA VAL B 304 -30.27 1.17 -23.55
C VAL B 304 -30.98 2.10 -22.59
N GLY B 305 -30.47 2.21 -21.38
CA GLY B 305 -31.08 3.05 -20.36
C GLY B 305 -31.11 4.52 -20.79
N PRO B 306 -32.18 5.24 -20.40
CA PRO B 306 -32.24 6.64 -20.80
C PRO B 306 -31.18 7.51 -20.15
N GLU B 307 -30.80 7.19 -18.91
CA GLU B 307 -29.78 7.96 -18.21
C GLU B 307 -28.42 7.89 -18.93
N HIS B 308 -28.12 6.78 -19.57
CA HIS B 308 -26.95 6.70 -20.45
C HIS B 308 -27.14 7.57 -21.70
N ALA B 309 -28.39 7.66 -22.16
CA ALA B 309 -28.71 8.58 -23.24
C ALA B 309 -28.39 10.01 -22.82
N TYR B 310 -28.90 10.40 -21.65
CA TYR B 310 -28.65 11.72 -21.05
C TYR B 310 -27.16 12.02 -20.86
N LEU B 311 -26.42 11.02 -20.41
CA LEU B 311 -24.98 11.15 -20.20
C LEU B 311 -24.18 11.31 -21.47
N LYS B 312 -24.56 10.59 -22.52
CA LYS B 312 -23.88 10.69 -23.80
C LYS B 312 -24.07 12.06 -24.48
N LYS B 313 -25.27 12.63 -24.36
CA LYS B 313 -25.58 13.89 -25.04
C LYS B 313 -24.84 15.09 -24.44
N ILE B 314 -24.76 15.14 -23.11
CA ILE B 314 -24.00 16.18 -22.41
C ILE B 314 -22.49 15.91 -22.35
N GLN B 315 -22.07 14.75 -22.86
CA GLN B 315 -20.65 14.40 -22.98
C GLN B 315 -19.99 14.10 -21.64
N ARG B 316 -20.79 13.78 -20.63
CA ARG B 316 -20.27 13.49 -19.30
C ARG B 316 -19.59 12.13 -19.28
N ALA B 317 -20.17 11.19 -20.02
CA ALA B 317 -19.55 9.88 -20.20
C ALA B 317 -19.31 9.69 -21.70
N GLU B 318 -18.28 8.91 -22.02
CA GLU B 318 -17.98 8.55 -23.39
C GLU B 318 -18.42 7.11 -23.62
N TYR B 319 -18.88 6.80 -24.83
CA TYR B 319 -19.31 5.43 -25.13
C TYR B 319 -18.60 4.86 -26.34
N VAL B 320 -18.07 3.65 -26.15
CA VAL B 320 -17.20 2.96 -27.10
C VAL B 320 -17.69 1.53 -27.27
N ALA B 321 -17.06 0.78 -28.17
CA ALA B 321 -17.43 -0.60 -28.39
C ALA B 321 -16.21 -1.51 -28.53
N VAL B 322 -16.40 -2.76 -28.11
CA VAL B 322 -15.39 -3.82 -28.20
C VAL B 322 -16.02 -5.05 -28.85
N THR B 323 -15.26 -5.71 -29.71
CA THR B 323 -15.77 -6.83 -30.47
C THR B 323 -15.79 -8.12 -29.66
N ASP B 324 -16.48 -9.12 -30.20
CA ASP B 324 -16.50 -10.47 -29.64
C ASP B 324 -15.08 -10.98 -29.45
N GLU B 325 -14.25 -10.82 -30.48
CA GLU B 325 -12.88 -11.32 -30.48
C GLU B 325 -12.01 -10.66 -29.42
N GLU B 326 -12.14 -9.35 -29.28
CA GLU B 326 -11.40 -8.61 -28.26
C GLU B 326 -11.83 -8.99 -26.84
N ALA B 327 -13.14 -9.15 -26.64
CA ALA B 327 -13.67 -9.56 -25.34
C ALA B 327 -13.17 -10.96 -24.97
N LEU B 328 -13.17 -11.88 -25.92
CA LEU B 328 -12.61 -13.21 -25.70
C LEU B 328 -11.14 -13.15 -25.35
N LYS B 329 -10.39 -12.28 -26.01
CA LYS B 329 -8.98 -12.12 -25.70
C LYS B 329 -8.78 -11.68 -24.25
N ALA B 330 -9.58 -10.70 -23.82
CA ALA B 330 -9.50 -10.19 -22.45
C ALA B 330 -9.96 -11.23 -21.41
N PHE B 331 -10.94 -12.04 -21.78
CA PHE B 331 -11.41 -13.16 -20.94
C PHE B 331 -10.26 -14.09 -20.59
N HIS B 332 -9.52 -14.51 -21.61
CA HIS B 332 -8.37 -15.38 -21.45
C HIS B 332 -7.22 -14.70 -20.71
N GLU B 333 -6.97 -13.45 -21.06
CA GLU B 333 -5.90 -12.67 -20.45
C GLU B 333 -6.08 -12.49 -18.95
N LEU B 334 -7.27 -12.09 -18.52
CA LEU B 334 -7.51 -11.89 -17.10
C LEU B 334 -7.43 -13.20 -16.31
N SER B 335 -7.91 -14.29 -16.88
CA SER B 335 -7.82 -15.60 -16.23
C SER B 335 -6.37 -16.01 -15.98
N ARG B 336 -5.56 -15.90 -17.01
CA ARG B 336 -4.15 -16.32 -16.97
C ARG B 336 -3.26 -15.38 -16.15
N THR B 337 -3.59 -14.09 -16.12
CA THR B 337 -2.73 -13.09 -15.49
C THR B 337 -3.09 -12.78 -14.04
N GLU B 338 -4.38 -12.77 -13.70
CA GLU B 338 -4.81 -12.46 -12.33
C GLU B 338 -5.52 -13.61 -11.64
N GLY B 339 -5.73 -14.73 -12.34
CA GLY B 339 -6.45 -15.85 -11.77
C GLY B 339 -7.90 -15.53 -11.50
N ILE B 340 -8.47 -14.64 -12.30
CA ILE B 340 -9.87 -14.27 -12.19
C ILE B 340 -10.50 -14.52 -13.56
N ILE B 341 -11.48 -15.43 -13.60
CA ILE B 341 -12.22 -15.70 -14.82
C ILE B 341 -13.41 -14.76 -14.87
N PRO B 342 -13.39 -13.76 -15.80
CA PRO B 342 -14.48 -12.79 -15.82
C PRO B 342 -15.69 -13.22 -16.65
N ALA B 343 -16.84 -12.66 -16.34
CA ALA B 343 -18.02 -12.81 -17.20
C ALA B 343 -17.64 -12.20 -18.55
N LEU B 344 -18.19 -12.78 -19.61
CA LEU B 344 -17.91 -12.29 -20.96
C LEU B 344 -18.42 -10.87 -21.16
N GLU B 345 -19.49 -10.50 -20.44
CA GLU B 345 -19.96 -9.12 -20.44
C GLU B 345 -18.81 -8.26 -19.91
N SER B 346 -18.33 -8.60 -18.73
CA SER B 346 -17.27 -7.86 -18.03
C SER B 346 -15.96 -7.79 -18.83
N ALA B 347 -15.65 -8.86 -19.57
CA ALA B 347 -14.48 -8.89 -20.45
C ALA B 347 -14.45 -7.80 -21.53
N HIS B 348 -15.62 -7.31 -21.93
CA HIS B 348 -15.68 -6.16 -22.84
C HIS B 348 -15.01 -4.93 -22.20
N ALA B 349 -15.31 -4.71 -20.93
CA ALA B 349 -14.75 -3.57 -20.19
C ALA B 349 -13.26 -3.75 -19.94
N VAL B 350 -12.88 -4.97 -19.59
CA VAL B 350 -11.47 -5.28 -19.33
C VAL B 350 -10.68 -5.03 -20.60
N ALA B 351 -11.19 -5.50 -21.73
CA ALA B 351 -10.52 -5.33 -23.03
C ALA B 351 -10.27 -3.86 -23.34
N TYR B 352 -11.28 -3.02 -23.15
CA TYR B 352 -11.14 -1.60 -23.43
C TYR B 352 -10.18 -0.92 -22.46
N ALA B 353 -10.26 -1.30 -21.18
CA ALA B 353 -9.40 -0.75 -20.14
C ALA B 353 -7.93 -1.06 -20.41
N MET B 354 -7.68 -2.24 -20.95
CA MET B 354 -6.32 -2.65 -21.30
C MET B 354 -5.73 -1.79 -22.42
N LYS B 355 -6.53 -1.54 -23.46
CA LYS B 355 -6.13 -0.65 -24.55
C LYS B 355 -5.89 0.76 -24.01
N LEU B 356 -6.76 1.17 -23.10
CA LEU B 356 -6.69 2.50 -22.49
C LEU B 356 -5.48 2.67 -21.58
N ALA B 357 -5.15 1.63 -20.83
CA ALA B 357 -4.03 1.67 -19.89
C ALA B 357 -2.69 1.91 -20.58
N LYS B 358 -2.50 1.27 -21.72
CA LYS B 358 -1.26 1.38 -22.50
C LYS B 358 -0.89 2.82 -22.81
N GLU B 359 -1.89 3.62 -23.15
CA GLU B 359 -1.66 5.02 -23.52
C GLU B 359 -1.38 5.94 -22.33
N MET B 360 -1.94 5.60 -21.16
CA MET B 360 -1.85 6.45 -19.97
C MET B 360 -0.57 6.23 -19.16
N SER B 361 -0.31 7.14 -18.23
CA SER B 361 0.91 7.11 -17.43
C SER B 361 0.75 6.28 -16.15
N ARG B 362 1.89 5.94 -15.55
CA ARG B 362 1.92 5.04 -14.39
C ARG B 362 1.37 5.61 -13.08
N ASP B 363 1.31 6.92 -12.98
CA ASP B 363 0.64 7.58 -11.84
C ASP B 363 -0.88 7.53 -11.98
N GLU B 364 -1.38 7.30 -13.19
CA GLU B 364 -2.82 7.31 -13.43
C GLU B 364 -3.54 6.01 -13.05
N ILE B 365 -4.83 6.16 -12.75
CA ILE B 365 -5.66 5.12 -12.14
C ILE B 365 -6.90 4.83 -12.99
N ILE B 366 -7.11 3.54 -13.29
CA ILE B 366 -8.32 3.08 -13.96
C ILE B 366 -9.04 2.09 -13.06
N ILE B 367 -10.34 2.28 -12.89
CA ILE B 367 -11.17 1.27 -12.23
C ILE B 367 -12.07 0.62 -13.28
N VAL B 368 -12.04 -0.70 -13.32
CA VAL B 368 -12.90 -1.47 -14.21
C VAL B 368 -13.96 -2.16 -13.36
N ASN B 369 -15.22 -2.00 -13.74
CA ASN B 369 -16.29 -2.73 -13.05
C ASN B 369 -16.35 -4.18 -13.53
N LEU B 370 -15.91 -5.11 -12.70
CA LEU B 370 -15.96 -6.52 -13.06
C LEU B 370 -17.33 -7.03 -12.66
N SER B 371 -18.30 -6.80 -13.55
CA SER B 371 -19.73 -6.99 -13.26
C SER B 371 -20.10 -8.42 -12.90
N GLY B 372 -19.39 -9.41 -13.43
CA GLY B 372 -19.67 -10.80 -13.08
C GLY B 372 -18.51 -11.75 -13.27
N ARG B 373 -18.69 -12.96 -12.76
CA ARG B 373 -17.75 -14.06 -12.98
C ARG B 373 -18.13 -14.89 -14.21
N GLY B 374 -17.13 -15.57 -14.76
CA GLY B 374 -17.26 -16.28 -16.02
C GLY B 374 -17.59 -17.76 -15.97
N ASP B 375 -17.93 -18.29 -14.80
CA ASP B 375 -18.32 -19.71 -14.68
C ASP B 375 -19.43 -20.03 -15.66
N LYS B 376 -20.46 -19.18 -15.68
CA LYS B 376 -21.61 -19.33 -16.56
C LYS B 376 -21.26 -19.39 -18.05
N ASP B 377 -20.13 -18.80 -18.45
CA ASP B 377 -19.73 -18.70 -19.85
C ASP B 377 -18.78 -19.79 -20.35
N LEU B 378 -18.39 -20.72 -19.48
CA LEU B 378 -17.36 -21.68 -19.83
C LEU B 378 -17.71 -22.57 -21.02
N ASP B 379 -18.96 -23.04 -21.09
CA ASP B 379 -19.41 -23.84 -22.22
C ASP B 379 -19.26 -23.06 -23.53
N ILE B 380 -19.66 -21.80 -23.54
CA ILE B 380 -19.53 -20.96 -24.73
C ILE B 380 -18.08 -20.82 -25.14
N VAL B 381 -17.23 -20.47 -24.16
CA VAL B 381 -15.82 -20.24 -24.43
C VAL B 381 -15.12 -21.54 -24.85
N LEU B 382 -15.51 -22.67 -24.26
CA LEU B 382 -15.00 -23.98 -24.68
C LEU B 382 -15.31 -24.25 -26.15
N LYS B 383 -16.56 -24.03 -26.55
CA LYS B 383 -17.00 -24.22 -27.94
C LYS B 383 -16.20 -23.38 -28.93
N VAL B 384 -15.98 -22.11 -28.60
CA VAL B 384 -15.16 -21.23 -29.43
C VAL B 384 -13.68 -21.60 -29.37
N SER B 385 -13.17 -21.81 -28.16
CA SER B 385 -11.76 -22.17 -27.97
C SER B 385 -11.39 -23.45 -28.72
N GLY B 386 -12.31 -24.41 -28.71
CA GLY B 386 -12.17 -25.63 -29.48
C GLY B 386 -12.30 -25.46 -30.98
N ASN B 387 -12.73 -24.28 -31.43
CA ASN B 387 -12.83 -23.94 -32.86
C ASN B 387 -11.62 -23.15 -33.39
N VAL B 388 -10.58 -22.98 -32.57
CA VAL B 388 -9.40 -22.21 -32.95
C VAL B 388 -8.43 -23.09 -33.75
N LEU B 389 -7.71 -22.47 -34.68
CA LEU B 389 -6.75 -23.16 -35.54
C LEU B 389 -5.33 -22.66 -35.24
N MET C 1 7.23 50.42 0.45
CA MET C 1 6.45 49.28 -0.14
C MET C 1 6.66 48.99 -1.62
N TRP C 2 7.42 49.85 -2.30
CA TRP C 2 7.66 49.74 -3.73
C TRP C 2 9.13 49.49 -3.98
N PHE C 3 9.40 48.74 -5.03
CA PHE C 3 10.73 48.59 -5.58
C PHE C 3 10.54 49.11 -7.00
N GLY C 4 10.97 50.35 -7.24
CA GLY C 4 10.64 51.04 -8.49
C GLY C 4 9.14 51.19 -8.51
N GLU C 5 8.48 50.63 -9.53
CA GLU C 5 7.02 50.62 -9.61
C GLU C 5 6.40 49.27 -9.26
N PHE C 6 7.23 48.32 -8.82
CA PHE C 6 6.78 46.98 -8.47
C PHE C 6 6.52 46.88 -6.97
N GLY C 7 5.52 46.07 -6.60
CA GLY C 7 5.18 45.87 -5.20
C GLY C 7 3.76 46.30 -4.89
N GLY C 8 3.59 47.09 -3.83
CA GLY C 8 2.29 47.64 -3.45
C GLY C 8 1.49 46.75 -2.54
N GLN C 9 0.25 47.16 -2.31
CA GLN C 9 -0.71 46.42 -1.50
C GLN C 9 -2.03 46.37 -2.25
N TYR C 10 -2.06 45.63 -3.36
CA TYR C 10 -3.26 45.57 -4.18
C TYR C 10 -4.25 44.56 -3.61
N VAL C 11 -4.87 44.95 -2.50
CA VAL C 11 -5.75 44.06 -1.75
C VAL C 11 -7.04 44.78 -1.39
N PRO C 12 -8.09 44.03 -1.02
CA PRO C 12 -9.29 44.73 -0.56
C PRO C 12 -9.07 45.49 0.75
N GLU C 13 -9.98 46.43 1.02
CA GLU C 13 -9.92 47.28 2.22
C GLU C 13 -9.96 46.48 3.50
N THR C 14 -10.65 45.34 3.50
CA THR C 14 -10.69 44.45 4.67
C THR C 14 -9.28 43.99 5.10
N LEU C 15 -8.36 43.88 4.16
CA LEU C 15 -6.97 43.50 4.47
C LEU C 15 -6.01 44.63 4.81
N ILE C 16 -6.43 45.88 4.67
CA ILE C 16 -5.52 47.02 4.88
C ILE C 16 -5.16 47.22 6.35
N GLY C 17 -6.13 47.08 7.24
CA GLY C 17 -5.88 47.18 8.67
C GLY C 17 -4.93 46.11 9.18
N PRO C 18 -5.21 44.84 8.85
CA PRO C 18 -4.29 43.78 9.28
C PRO C 18 -2.84 43.93 8.79
N LEU C 19 -2.65 44.41 7.56
CA LEU C 19 -1.31 44.64 7.03
C LEU C 19 -0.61 45.82 7.70
N LYS C 20 -1.37 46.87 8.00
CA LYS C 20 -0.83 48.02 8.73
C LYS C 20 -0.41 47.62 10.14
N GLU C 21 -1.25 46.84 10.80
CA GLU C 21 -0.94 46.29 12.14
C GLU C 21 0.27 45.35 12.08
N LEU C 22 0.35 44.54 11.02
CA LEU C 22 1.51 43.69 10.81
C LEU C 22 2.77 44.52 10.58
N GLU C 23 2.65 45.54 9.73
CA GLU C 23 3.77 46.43 9.45
C GLU C 23 4.25 47.17 10.70
N LYS C 24 3.31 47.67 11.50
CA LYS C 24 3.65 48.38 12.74
C LYS C 24 4.41 47.49 13.71
N ALA C 25 3.91 46.28 13.90
CA ALA C 25 4.55 45.28 14.76
C ALA C 25 5.94 44.90 14.27
N TYR C 26 6.09 44.72 12.95
CA TYR C 26 7.39 44.36 12.39
C TYR C 26 8.40 45.46 12.62
N LYS C 27 8.02 46.71 12.39
CA LYS C 27 8.92 47.85 12.63
C LYS C 27 9.35 47.95 14.10
N ARG C 28 8.44 47.64 15.01
CA ARG C 28 8.76 47.53 16.43
C ARG C 28 9.85 46.50 16.71
N PHE C 29 9.59 45.26 16.29
CA PHE C 29 10.41 44.12 16.72
C PHE C 29 11.66 43.81 15.92
N LYS C 30 11.73 44.25 14.67
CA LYS C 30 12.85 43.88 13.81
C LYS C 30 14.24 44.19 14.40
N ASP C 31 14.39 45.32 15.07
CA ASP C 31 15.64 45.71 15.70
C ASP C 31 15.59 45.65 17.23
N ASP C 32 14.48 45.14 17.78
CA ASP C 32 14.30 44.95 19.21
C ASP C 32 15.28 43.90 19.77
N GLU C 33 15.87 44.19 20.93
CA GLU C 33 16.90 43.33 21.53
C GLU C 33 16.42 41.91 21.88
N GLU C 34 15.29 41.83 22.57
CA GLU C 34 14.75 40.55 23.00
C GLU C 34 14.28 39.68 21.83
N PHE C 35 13.58 40.28 20.88
CA PHE C 35 13.12 39.56 19.68
C PHE C 35 14.31 38.98 18.95
N ASN C 36 15.32 39.81 18.73
CA ASN C 36 16.54 39.37 18.09
C ASN C 36 17.28 38.28 18.88
N ARG C 37 17.25 38.38 20.21
CA ARG C 37 17.88 37.37 21.05
C ARG C 37 17.21 36.01 20.88
N GLN C 38 15.88 35.99 20.94
CA GLN C 38 15.12 34.75 20.77
C GLN C 38 15.22 34.18 19.36
N LEU C 39 15.17 35.05 18.34
CA LEU C 39 15.31 34.61 16.97
C LEU C 39 16.66 33.95 16.75
N ASN C 40 17.71 34.62 17.21
CA ASN C 40 19.06 34.10 17.05
C ASN C 40 19.28 32.79 17.80
N TYR C 41 18.67 32.69 18.99
CA TYR C 41 18.73 31.48 19.80
C TYR C 41 18.12 30.26 19.06
N TYR C 42 16.94 30.47 18.47
CA TYR C 42 16.27 29.44 17.69
C TYR C 42 17.01 29.11 16.39
N LEU C 43 17.51 30.14 15.72
CA LEU C 43 18.25 29.91 14.48
C LEU C 43 19.50 29.06 14.77
N LYS C 44 20.16 29.35 15.88
CA LYS C 44 21.36 28.62 16.25
C LYS C 44 21.07 27.19 16.71
N THR C 45 20.25 27.08 17.76
CA THR C 45 20.10 25.82 18.48
C THR C 45 19.13 24.83 17.85
N TRP C 46 18.07 25.33 17.21
CA TRP C 46 17.05 24.48 16.58
C TRP C 46 17.27 24.32 15.07
N ALA C 47 17.64 25.42 14.40
CA ALA C 47 17.84 25.41 12.95
C ALA C 47 19.24 25.01 12.52
N GLY C 48 20.23 25.20 13.40
CA GLY C 48 21.61 24.84 13.11
C GLY C 48 22.41 25.88 12.33
N ARG C 49 22.00 27.15 12.40
CA ARG C 49 22.80 28.25 11.83
C ARG C 49 24.05 28.56 12.70
N PRO C 50 25.19 28.92 12.09
CA PRO C 50 25.35 29.10 10.64
C PRO C 50 25.58 27.82 9.84
N THR C 51 25.28 27.88 8.55
CA THR C 51 25.54 26.79 7.62
C THR C 51 26.90 27.02 6.98
N PRO C 52 27.64 25.94 6.64
CA PRO C 52 28.95 26.18 6.04
C PRO C 52 28.91 26.65 4.60
N LEU C 53 30.10 27.04 4.12
CA LEU C 53 30.37 27.35 2.72
C LEU C 53 31.42 26.34 2.24
N TYR C 54 31.05 25.51 1.27
CA TYR C 54 31.87 24.38 0.84
C TYR C 54 32.47 24.55 -0.56
N TYR C 55 33.79 24.34 -0.68
CA TYR C 55 34.47 24.36 -1.97
C TYR C 55 34.30 23.02 -2.65
N ALA C 56 33.62 22.99 -3.80
CA ALA C 56 33.38 21.75 -4.53
C ALA C 56 34.56 21.47 -5.45
N LYS C 57 35.65 21.00 -4.85
CA LYS C 57 36.92 20.83 -5.54
C LYS C 57 36.82 19.90 -6.74
N ARG C 58 36.24 18.73 -6.55
CA ARG C 58 36.15 17.74 -7.64
C ARG C 58 35.26 18.23 -8.80
N LEU C 59 34.15 18.89 -8.45
CA LEU C 59 33.28 19.50 -9.45
C LEU C 59 34.01 20.61 -10.20
N THR C 60 34.64 21.50 -9.44
CA THR C 60 35.48 22.56 -10.00
C THR C 60 36.54 21.99 -10.96
N GLU C 61 37.23 20.94 -10.51
CA GLU C 61 38.26 20.30 -11.34
C GLU C 61 37.69 19.65 -12.59
N LYS C 62 36.50 19.06 -12.47
CA LYS C 62 35.83 18.39 -13.59
C LYS C 62 35.44 19.36 -14.69
N ILE C 63 34.86 20.49 -14.29
CA ILE C 63 34.50 21.56 -15.22
C ILE C 63 35.77 22.22 -15.71
N GLY C 64 36.69 22.45 -14.78
CA GLY C 64 38.02 22.92 -15.10
C GLY C 64 38.21 24.43 -15.21
N GLY C 65 37.17 25.20 -14.89
CA GLY C 65 37.26 26.66 -14.95
C GLY C 65 37.32 27.28 -13.57
N ALA C 66 36.32 28.10 -13.25
CA ALA C 66 36.26 28.85 -11.98
C ALA C 66 35.98 27.96 -10.77
N LYS C 67 36.31 28.52 -9.61
CA LYS C 67 36.09 27.86 -8.35
C LYS C 67 34.60 27.94 -8.02
N VAL C 68 34.01 26.78 -7.76
CA VAL C 68 32.59 26.72 -7.43
C VAL C 68 32.52 26.46 -5.92
N TYR C 69 31.95 27.44 -5.21
CA TYR C 69 31.65 27.32 -3.79
C TYR C 69 30.14 27.09 -3.63
N LEU C 70 29.75 26.33 -2.60
CA LEU C 70 28.36 26.04 -2.30
C LEU C 70 28.00 26.53 -0.91
N LYS C 71 27.03 27.43 -0.82
CA LYS C 71 26.48 27.89 0.45
C LYS C 71 25.43 26.87 0.87
N ARG C 72 25.66 26.20 2.00
CA ARG C 72 24.98 24.94 2.32
C ARG C 72 23.66 25.12 3.08
N GLU C 73 22.68 25.78 2.48
CA GLU C 73 21.36 25.93 3.08
C GLU C 73 20.65 24.58 3.17
N ASP C 74 21.13 23.62 2.39
CA ASP C 74 20.69 22.23 2.49
C ASP C 74 20.86 21.62 3.89
N LEU C 75 21.78 22.17 4.69
CA LEU C 75 22.02 21.70 6.05
C LEU C 75 21.17 22.35 7.12
N VAL C 76 20.36 23.33 6.76
CA VAL C 76 19.46 23.96 7.75
C VAL C 76 18.43 22.91 8.14
N HIS C 77 17.97 22.98 9.37
CA HIS C 77 16.92 22.08 9.86
C HIS C 77 15.71 22.11 8.91
N GLY C 78 15.29 20.93 8.48
CA GLY C 78 14.20 20.78 7.51
C GLY C 78 14.71 20.60 6.08
N GLY C 79 15.96 20.94 5.85
CA GLY C 79 16.61 20.73 4.56
C GLY C 79 16.43 21.83 3.53
N ALA C 80 15.88 22.97 3.94
CA ALA C 80 15.62 24.07 3.00
C ALA C 80 15.68 25.40 3.70
N HIS C 81 16.15 26.42 2.98
CA HIS C 81 16.25 27.78 3.47
C HIS C 81 14.92 28.36 3.98
N1 LLP C 82 14.82 26.00 -3.29
C2 LLP C 82 14.32 25.20 -2.32
C2' LLP C 82 15.15 24.10 -1.71
C3 LLP C 82 12.94 25.41 -1.88
O3 LLP C 82 12.41 24.65 -0.92
C4 LLP C 82 12.16 26.50 -2.48
C4' LLP C 82 10.74 26.78 -2.08
C5 LLP C 82 12.82 27.32 -3.53
C6 LLP C 82 14.13 27.00 -3.87
C5' LLP C 82 12.11 28.42 -4.29
OP4 LLP C 82 11.55 29.45 -3.48
P LLP C 82 12.28 30.87 -3.42
OP1 LLP C 82 11.31 31.65 -2.58
OP2 LLP C 82 13.61 30.59 -2.78
OP3 LLP C 82 12.43 31.33 -4.85
N LLP C 82 13.79 27.82 3.52
CA LLP C 82 12.45 28.25 3.95
CB LLP C 82 11.39 27.29 3.41
CG LLP C 82 11.14 27.50 1.92
CD LLP C 82 9.83 26.82 1.54
CE LLP C 82 9.49 26.97 0.08
NZ LLP C 82 10.45 26.29 -0.75
C LLP C 82 12.28 28.33 5.45
O LLP C 82 11.49 29.14 5.94
N THR C 83 13.01 27.49 6.18
CA THR C 83 13.03 27.52 7.64
C THR C 83 13.39 28.87 8.25
N ASN C 84 14.35 29.58 7.66
CA ASN C 84 14.77 30.88 8.20
C ASN C 84 13.60 31.85 8.31
N ASN C 85 12.81 31.90 7.24
CA ASN C 85 11.63 32.74 7.17
C ASN C 85 10.49 32.24 8.07
N ALA C 86 10.29 30.92 8.09
CA ALA C 86 9.24 30.33 8.89
C ALA C 86 9.45 30.63 10.39
N ILE C 87 10.68 30.50 10.86
CA ILE C 87 11.01 30.82 12.26
C ILE C 87 10.81 32.31 12.54
N GLY C 88 11.33 33.15 11.64
CA GLY C 88 11.20 34.61 11.80
C GLY C 88 9.77 35.05 11.95
N GLN C 89 8.92 34.66 11.00
CA GLN C 89 7.52 35.09 11.01
C GLN C 89 6.70 34.44 12.13
N ALA C 90 6.98 33.18 12.44
CA ALA C 90 6.28 32.48 13.52
C ALA C 90 6.56 33.17 14.86
N LEU C 91 7.83 33.48 15.07
CA LEU C 91 8.26 34.19 16.28
C LEU C 91 7.64 35.60 16.32
N LEU C 92 7.63 36.30 15.19
CA LEU C 92 6.97 37.61 15.11
C LEU C 92 5.50 37.49 15.49
N ALA C 93 4.84 36.47 14.96
CA ALA C 93 3.44 36.19 15.29
C ALA C 93 3.22 35.91 16.79
N LYS C 94 4.16 35.17 17.38
CA LYS C 94 4.13 34.88 18.82
C LYS C 94 4.18 36.18 19.62
N PHE C 95 5.12 37.05 19.25
CA PHE C 95 5.28 38.36 19.88
C PHE C 95 4.07 39.27 19.71
N MET C 96 3.34 39.14 18.60
CA MET C 96 2.11 39.91 18.37
C MET C 96 0.90 39.32 19.10
N GLY C 97 1.07 38.20 19.79
CA GLY C 97 0.00 37.60 20.58
C GLY C 97 -0.88 36.63 19.81
N LYS C 98 -0.44 36.26 18.60
CA LYS C 98 -1.19 35.34 17.75
C LYS C 98 -0.95 33.91 18.21
N THR C 99 -1.96 33.07 18.05
CA THR C 99 -1.93 31.68 18.49
C THR C 99 -2.10 30.65 17.37
N ARG C 100 -2.29 31.13 16.14
CA ARG C 100 -2.50 30.28 14.99
C ARG C 100 -1.71 30.82 13.82
N LEU C 101 -1.23 29.91 12.99
CA LEU C 101 -0.53 30.27 11.77
C LEU C 101 -1.28 29.65 10.62
N ILE C 102 -1.46 30.42 9.54
CA ILE C 102 -1.95 29.86 8.29
C ILE C 102 -0.93 30.12 7.18
N ALA C 103 -0.98 29.27 6.17
CA ALA C 103 -0.11 29.40 5.03
C ALA C 103 -0.66 28.59 3.87
N GLU C 104 -0.17 28.90 2.68
CA GLU C 104 -0.47 28.11 1.51
C GLU C 104 0.80 27.42 1.09
N THR C 105 0.65 26.33 0.34
CA THR C 105 1.81 25.69 -0.24
C THR C 105 1.43 25.01 -1.55
N GLY C 106 2.42 24.96 -2.45
CA GLY C 106 2.34 24.24 -3.72
C GLY C 106 2.95 22.87 -3.55
N ALA C 107 4.27 22.77 -3.67
CA ALA C 107 5.00 21.52 -3.39
C ALA C 107 4.73 20.94 -2.02
N GLY C 108 4.40 21.79 -1.05
CA GLY C 108 4.28 21.36 0.31
C GLY C 108 5.47 21.82 1.14
N GLN C 109 6.52 22.35 0.50
CA GLN C 109 7.76 22.63 1.24
C GLN C 109 7.65 23.78 2.23
N HIS C 110 7.06 24.89 1.80
CA HIS C 110 6.72 25.96 2.73
C HIS C 110 5.76 25.49 3.80
N GLY C 111 4.83 24.60 3.41
CA GLY C 111 3.89 24.00 4.35
C GLY C 111 4.62 23.25 5.45
N VAL C 112 5.62 22.46 5.07
CA VAL C 112 6.42 21.72 6.03
C VAL C 112 7.17 22.67 6.97
N ALA C 113 7.81 23.69 6.39
CA ALA C 113 8.58 24.67 7.17
C ALA C 113 7.69 25.40 8.17
N THR C 114 6.50 25.78 7.75
CA THR C 114 5.52 26.44 8.59
C THR C 114 5.03 25.53 9.72
N ALA C 115 4.74 24.27 9.39
CA ALA C 115 4.36 23.27 10.38
C ALA C 115 5.45 23.07 11.44
N MET C 116 6.70 23.00 11.00
CA MET C 116 7.84 22.84 11.90
C MET C 116 7.95 24.01 12.88
N ALA C 117 7.93 25.23 12.33
CA ALA C 117 8.05 26.42 13.14
C ALA C 117 6.88 26.60 14.12
N GLY C 118 5.67 26.27 13.67
CA GLY C 118 4.47 26.30 14.51
C GLY C 118 4.53 25.29 15.65
N ALA C 119 5.05 24.10 15.37
CA ALA C 119 5.22 23.06 16.40
C ALA C 119 6.22 23.53 17.45
N LEU C 120 7.37 24.03 17.00
CA LEU C 120 8.41 24.63 17.87
C LEU C 120 7.85 25.63 18.87
N LEU C 121 6.99 26.52 18.40
CA LEU C 121 6.47 27.62 19.22
C LEU C 121 5.08 27.36 19.81
N GLY C 122 4.57 26.14 19.68
CA GLY C 122 3.29 25.74 20.24
C GLY C 122 2.08 26.46 19.68
N MET C 123 2.13 26.77 18.38
CA MET C 123 1.06 27.45 17.70
C MET C 123 0.25 26.44 16.91
N LYS C 124 -1.01 26.77 16.65
CA LYS C 124 -1.83 25.96 15.76
C LYS C 124 -1.46 26.31 14.31
N VAL C 125 -1.45 25.30 13.45
CA VAL C 125 -1.09 25.48 12.04
C VAL C 125 -2.14 24.89 11.12
N ASP C 126 -2.68 25.71 10.22
CA ASP C 126 -3.55 25.27 9.13
C ASP C 126 -2.85 25.60 7.80
N ILE C 127 -2.77 24.62 6.90
CA ILE C 127 -2.11 24.80 5.61
C ILE C 127 -3.12 24.60 4.49
N TYR C 128 -3.30 25.62 3.65
CA TYR C 128 -4.14 25.50 2.46
C TYR C 128 -3.31 24.96 1.31
N MET C 129 -3.82 23.95 0.62
CA MET C 129 -3.08 23.28 -0.45
C MET C 129 -4.04 22.87 -1.56
N GLY C 130 -3.71 23.22 -2.80
CA GLY C 130 -4.51 22.81 -3.94
C GLY C 130 -4.65 21.30 -3.97
N ALA C 131 -5.86 20.80 -4.25
CA ALA C 131 -6.12 19.37 -4.23
C ALA C 131 -5.22 18.59 -5.18
N GLU C 132 -4.92 19.15 -6.34
CA GLU C 132 -4.00 18.53 -7.29
C GLU C 132 -2.62 18.35 -6.66
N ASP C 133 -2.18 19.38 -5.93
CA ASP C 133 -0.93 19.32 -5.21
C ASP C 133 -0.95 18.31 -4.04
N VAL C 134 -2.07 18.25 -3.32
CA VAL C 134 -2.22 17.29 -2.21
C VAL C 134 -2.05 15.87 -2.74
N GLU C 135 -2.69 15.58 -3.88
CA GLU C 135 -2.59 14.26 -4.49
C GLU C 135 -1.18 13.91 -4.96
N ARG C 136 -0.44 14.90 -5.46
CA ARG C 136 0.91 14.65 -5.99
C ARG C 136 2.01 14.70 -4.93
N GLN C 137 1.68 15.11 -3.71
CA GLN C 137 2.70 15.31 -2.68
C GLN C 137 2.32 14.59 -1.39
N LYS C 138 2.08 13.28 -1.51
CA LYS C 138 1.61 12.47 -0.37
C LYS C 138 2.57 12.52 0.81
N MET C 139 3.87 12.49 0.54
CA MET C 139 4.86 12.50 1.62
C MET C 139 4.97 13.85 2.34
N ASN C 140 4.88 14.96 1.63
CA ASN C 140 4.87 16.27 2.27
C ASN C 140 3.62 16.45 3.09
N VAL C 141 2.50 16.00 2.56
CA VAL C 141 1.23 16.03 3.28
C VAL C 141 1.37 15.25 4.58
N PHE C 142 2.01 14.09 4.50
CA PHE C 142 2.25 13.26 5.66
C PHE C 142 3.20 13.95 6.65
N ARG C 143 4.28 14.56 6.14
CA ARG C 143 5.16 15.36 7.00
C ARG C 143 4.40 16.41 7.79
N MET C 144 3.53 17.15 7.12
CA MET C 144 2.79 18.22 7.78
C MET C 144 1.91 17.70 8.89
N LYS C 145 1.23 16.60 8.62
CA LYS C 145 0.34 15.99 9.59
C LYS C 145 1.10 15.41 10.78
N LEU C 146 2.25 14.81 10.51
CA LEU C 146 3.17 14.34 11.55
C LEU C 146 3.58 15.46 12.48
N LEU C 147 3.84 16.63 11.90
CA LEU C 147 4.25 17.80 12.64
C LEU C 147 3.07 18.49 13.34
N GLY C 148 1.86 17.94 13.16
CA GLY C 148 0.67 18.41 13.87
C GLY C 148 -0.15 19.47 13.14
N ALA C 149 0.14 19.72 11.87
CA ALA C 149 -0.61 20.72 11.12
C ALA C 149 -1.81 20.10 10.45
N ASN C 150 -2.83 20.92 10.21
CA ASN C 150 -4.02 20.51 9.49
C ASN C 150 -3.86 20.93 8.04
N VAL C 151 -3.83 19.95 7.14
CA VAL C 151 -3.74 20.25 5.71
C VAL C 151 -5.16 20.29 5.14
N ILE C 152 -5.52 21.43 4.58
CA ILE C 152 -6.85 21.65 4.02
C ILE C 152 -6.76 21.62 2.49
N PRO C 153 -7.30 20.55 1.87
CA PRO C 153 -7.30 20.58 0.40
C PRO C 153 -8.19 21.69 -0.11
N VAL C 154 -7.80 22.27 -1.25
CA VAL C 154 -8.60 23.31 -1.88
C VAL C 154 -9.07 22.74 -3.21
N ASN C 155 -10.38 22.46 -3.29
CA ASN C 155 -10.95 21.77 -4.43
C ASN C 155 -11.43 22.70 -5.53
N SER C 156 -11.52 23.99 -5.24
CA SER C 156 -12.02 24.97 -6.20
C SER C 156 -11.01 25.32 -7.29
N GLY C 157 -11.55 25.74 -8.43
CA GLY C 157 -10.77 26.27 -9.54
C GLY C 157 -9.81 25.28 -10.16
N SER C 158 -8.58 25.72 -10.34
CA SER C 158 -7.51 24.88 -10.88
C SER C 158 -6.99 23.81 -9.89
N ARG C 159 -7.43 23.89 -8.63
CA ARG C 159 -6.98 22.99 -7.55
C ARG C 159 -5.47 23.07 -7.35
N THR C 160 -4.94 24.28 -7.48
CA THR C 160 -3.51 24.49 -7.47
C THR C 160 -3.17 25.64 -6.52
N LEU C 161 -1.91 26.07 -6.56
CA LEU C 161 -1.38 27.04 -5.62
C LEU C 161 -2.16 28.35 -5.62
N LYS C 162 -2.44 28.88 -6.80
CA LYS C 162 -3.23 30.12 -6.92
C LYS C 162 -4.58 30.02 -6.19
N ASP C 163 -5.20 28.84 -6.24
CA ASP C 163 -6.47 28.61 -5.53
C ASP C 163 -6.28 28.59 -4.01
N ALA C 164 -5.20 27.96 -3.56
CA ALA C 164 -4.86 27.90 -2.13
C ALA C 164 -4.57 29.29 -1.57
N ILE C 165 -3.91 30.13 -2.37
CA ILE C 165 -3.63 31.52 -1.99
C ILE C 165 -4.93 32.29 -1.73
N ASN C 166 -5.90 32.16 -2.63
CA ASN C 166 -7.19 32.84 -2.46
C ASN C 166 -7.91 32.41 -1.18
N GLU C 167 -7.85 31.12 -0.86
CA GLU C 167 -8.47 30.59 0.36
C GLU C 167 -7.80 31.08 1.63
N ALA C 168 -6.47 31.10 1.63
CA ALA C 168 -5.71 31.61 2.78
C ALA C 168 -6.03 33.08 3.09
N LEU C 169 -6.13 33.88 2.04
CA LEU C 169 -6.46 35.30 2.21
C LEU C 169 -7.85 35.50 2.79
N ARG C 170 -8.80 34.75 2.27
CA ARG C 170 -10.18 34.77 2.77
C ARG C 170 -10.24 34.43 4.26
N ASP C 171 -9.52 33.37 4.65
CA ASP C 171 -9.41 32.97 6.05
C ASP C 171 -8.84 34.11 6.90
N TRP C 172 -7.73 34.67 6.45
CA TRP C 172 -7.04 35.70 7.22
C TRP C 172 -7.87 36.95 7.48
N VAL C 173 -8.64 37.40 6.48
CA VAL C 173 -9.48 38.59 6.64
C VAL C 173 -10.38 38.41 7.86
N ALA C 174 -10.91 37.21 8.02
CA ALA C 174 -11.77 36.87 9.15
C ALA C 174 -11.02 36.69 10.47
N THR C 175 -9.90 35.95 10.42
CA THR C 175 -9.24 35.46 11.63
C THR C 175 -7.99 36.20 12.10
N PHE C 176 -7.65 37.32 11.45
CA PHE C 176 -6.38 38.01 11.71
C PHE C 176 -6.13 38.44 13.15
N GLU C 177 -7.18 38.53 13.96
CA GLU C 177 -7.02 38.90 15.37
C GLU C 177 -6.11 37.94 16.11
N TYR C 178 -6.28 36.64 15.83
CA TYR C 178 -5.50 35.58 16.47
C TYR C 178 -4.70 34.71 15.49
N THR C 179 -4.69 35.07 14.20
CA THR C 179 -4.05 34.27 13.18
C THR C 179 -3.03 35.09 12.43
N HIS C 180 -1.82 34.57 12.26
CA HIS C 180 -0.85 35.18 11.38
C HIS C 180 -0.77 34.40 10.07
N TYR C 181 -0.73 35.14 8.97
CA TYR C 181 -0.65 34.58 7.63
C TYR C 181 0.82 34.54 7.22
N LEU C 182 1.38 33.35 7.21
CA LEU C 182 2.81 33.20 7.02
C LEU C 182 3.11 32.97 5.54
N ILE C 183 3.47 34.05 4.85
CA ILE C 183 3.76 33.96 3.42
C ILE C 183 5.17 33.41 3.25
N GLY C 184 5.34 32.55 2.25
CA GLY C 184 6.52 31.71 2.12
C GLY C 184 7.60 32.15 1.15
N SER C 185 7.38 33.25 0.44
CA SER C 185 8.40 33.82 -0.44
C SER C 185 8.31 35.34 -0.43
N VAL C 186 9.18 36.01 -1.20
CA VAL C 186 9.24 37.49 -1.22
C VAL C 186 8.15 38.06 -2.13
N VAL C 187 6.92 37.68 -1.81
CA VAL C 187 5.76 37.93 -2.64
C VAL C 187 4.61 38.37 -1.75
N GLY C 188 3.49 38.69 -2.38
CA GLY C 188 2.32 39.14 -1.65
C GLY C 188 2.32 40.64 -1.42
N PRO C 189 1.28 41.14 -0.72
CA PRO C 189 1.23 42.56 -0.47
C PRO C 189 2.27 43.01 0.55
N HIS C 190 2.59 44.30 0.54
CA HIS C 190 3.45 44.88 1.57
C HIS C 190 2.81 44.67 2.94
N PRO C 191 3.60 44.32 3.98
CA PRO C 191 5.06 44.30 3.96
C PRO C 191 5.76 42.94 3.76
N TYR C 192 5.07 41.95 3.22
CA TYR C 192 5.65 40.62 3.10
C TYR C 192 6.92 40.50 2.26
N PRO C 193 6.98 41.13 1.08
CA PRO C 193 8.25 41.00 0.35
C PRO C 193 9.47 41.49 1.12
N THR C 194 9.30 42.55 1.91
CA THR C 194 10.39 43.09 2.72
C THR C 194 10.73 42.18 3.91
N ILE C 195 9.72 41.71 4.62
CA ILE C 195 9.89 40.87 5.79
C ILE C 195 10.62 39.57 5.47
N VAL C 196 10.14 38.88 4.43
CA VAL C 196 10.73 37.61 4.05
C VAL C 196 12.18 37.79 3.63
N ARG C 197 12.43 38.83 2.83
CA ARG C 197 13.79 39.13 2.40
C ARG C 197 14.70 39.42 3.59
N ASP C 198 14.22 40.22 4.54
CA ASP C 198 14.99 40.51 5.75
C ASP C 198 15.31 39.25 6.54
N PHE C 199 14.37 38.31 6.61
CA PHE C 199 14.61 37.04 7.31
C PHE C 199 15.49 36.05 6.57
N GLN C 200 15.63 36.20 5.26
CA GLN C 200 16.53 35.35 4.50
C GLN C 200 17.93 35.99 4.36
N SER C 201 18.08 37.24 4.80
CA SER C 201 19.34 37.97 4.65
C SER C 201 20.53 37.36 5.40
N VAL C 202 20.24 36.60 6.45
CA VAL C 202 21.27 35.85 7.17
C VAL C 202 22.12 34.96 6.24
N ILE C 203 21.52 34.44 5.18
CA ILE C 203 22.25 33.58 4.24
C ILE C 203 23.39 34.37 3.60
N GLY C 204 23.07 35.54 3.06
CA GLY C 204 24.05 36.37 2.42
C GLY C 204 25.12 36.90 3.38
N ARG C 205 24.71 37.29 4.59
CA ARG C 205 25.66 37.81 5.57
C ARG C 205 26.70 36.77 5.94
N GLU C 206 26.25 35.55 6.21
CA GLU C 206 27.17 34.47 6.52
C GLU C 206 28.07 34.19 5.33
N ALA C 207 27.48 34.07 4.15
CA ALA C 207 28.26 33.78 2.95
C ALA C 207 29.37 34.80 2.69
N LYS C 208 29.09 36.06 3.01
CA LYS C 208 30.06 37.15 2.86
C LYS C 208 31.30 36.94 3.73
N ALA C 209 31.07 36.64 5.01
CA ALA C 209 32.15 36.38 5.94
C ALA C 209 32.94 35.13 5.59
N GLN C 210 32.23 34.08 5.19
CA GLN C 210 32.86 32.79 4.94
C GLN C 210 33.77 32.81 3.71
N ILE C 211 33.33 33.52 2.66
CA ILE C 211 34.12 33.68 1.46
C ILE C 211 35.39 34.50 1.70
N LEU C 212 35.27 35.53 2.54
CA LEU C 212 36.42 36.35 2.90
C LEU C 212 37.47 35.55 3.66
N GLU C 213 37.01 34.71 4.57
CA GLU C 213 37.88 33.80 5.30
C GLU C 213 38.49 32.74 4.37
N ALA C 214 37.69 32.19 3.46
CA ALA C 214 38.18 31.13 2.57
C ALA C 214 39.21 31.61 1.54
N GLU C 215 38.85 32.62 0.75
CA GLU C 215 39.66 33.07 -0.38
C GLU C 215 40.19 34.50 -0.28
N GLY C 216 39.79 35.23 0.77
CA GLY C 216 40.30 36.58 1.00
C GLY C 216 39.76 37.66 0.09
N GLN C 217 38.72 37.37 -0.68
CA GLN C 217 38.13 38.34 -1.60
C GLN C 217 36.65 37.97 -1.82
N LEU C 218 35.89 38.92 -2.35
CA LEU C 218 34.49 38.69 -2.69
C LEU C 218 34.38 37.87 -3.97
N PRO C 219 33.22 37.20 -4.18
CA PRO C 219 33.14 36.37 -5.38
C PRO C 219 32.89 37.16 -6.65
N ASP C 220 33.20 36.53 -7.78
CA ASP C 220 32.94 37.11 -9.10
C ASP C 220 31.44 37.06 -9.41
N VAL C 221 30.78 35.96 -9.04
CA VAL C 221 29.36 35.79 -9.33
C VAL C 221 28.63 35.08 -8.18
N ILE C 222 27.38 35.48 -7.93
CA ILE C 222 26.47 34.71 -7.06
C ILE C 222 25.30 34.17 -7.89
N VAL C 223 25.11 32.86 -7.83
CA VAL C 223 24.03 32.18 -8.58
C VAL C 223 23.05 31.56 -7.59
N ALA C 224 21.77 31.87 -7.76
CA ALA C 224 20.70 31.28 -6.93
C ALA C 224 19.44 31.04 -7.77
N CYS C 225 18.71 29.98 -7.48
CA CYS C 225 17.48 29.71 -8.22
C CYS C 225 16.41 30.68 -7.73
N VAL C 226 15.43 30.90 -8.59
CA VAL C 226 14.37 31.88 -8.34
C VAL C 226 13.03 31.26 -8.67
N GLY C 227 12.22 31.04 -7.64
CA GLY C 227 10.82 30.71 -7.80
C GLY C 227 10.10 32.02 -7.51
N GLY C 228 9.54 32.14 -6.31
CA GLY C 228 9.07 33.44 -5.82
C GLY C 228 10.22 34.42 -5.60
N GLY C 229 11.36 33.90 -5.13
CA GLY C 229 12.61 34.66 -5.06
C GLY C 229 13.28 34.89 -3.71
N SER C 230 12.85 34.19 -2.66
CA SER C 230 13.35 34.41 -1.31
C SER C 230 14.79 33.94 -1.07
N ASN C 231 15.18 32.75 -1.55
CA ASN C 231 16.56 32.31 -1.34
C ASN C 231 17.50 33.20 -2.12
N ALA C 232 17.10 33.58 -3.34
CA ALA C 232 17.91 34.46 -4.16
C ALA C 232 18.08 35.81 -3.47
N MET C 233 16.98 36.39 -2.98
CA MET C 233 17.06 37.67 -2.27
C MET C 233 17.88 37.57 -0.99
N GLY C 234 17.75 36.43 -0.29
CA GLY C 234 18.51 36.19 0.94
C GLY C 234 20.00 36.29 0.75
N ILE C 235 20.52 35.59 -0.26
CA ILE C 235 21.95 35.60 -0.55
C ILE C 235 22.41 36.83 -1.32
N PHE C 236 21.55 37.36 -2.20
CA PHE C 236 21.90 38.57 -2.98
C PHE C 236 22.07 39.78 -2.10
N TYR C 237 21.13 39.98 -1.19
CA TYR C 237 20.91 41.27 -0.57
C TYR C 237 22.14 41.90 0.10
N PRO C 238 22.95 41.10 0.82
CA PRO C 238 24.15 41.72 1.41
C PRO C 238 25.21 42.18 0.41
N PHE C 239 25.20 41.63 -0.81
CA PHE C 239 26.18 41.99 -1.83
C PHE C 239 25.69 43.04 -2.83
N VAL C 240 24.51 43.60 -2.60
CA VAL C 240 23.90 44.50 -3.59
C VAL C 240 24.83 45.66 -3.94
N ASN C 241 25.42 46.27 -2.91
CA ASN C 241 26.30 47.44 -3.08
C ASN C 241 27.75 47.13 -3.47
N ASP C 242 28.12 45.86 -3.44
CA ASP C 242 29.43 45.44 -3.90
C ASP C 242 29.34 45.22 -5.42
N LYS C 243 29.58 46.33 -6.13
CA LYS C 243 29.33 46.43 -7.58
C LYS C 243 30.13 45.44 -8.41
N LYS C 244 31.29 45.02 -7.92
CA LYS C 244 32.06 43.96 -8.60
C LYS C 244 31.37 42.58 -8.58
N VAL C 245 30.41 42.38 -7.67
CA VAL C 245 29.75 41.07 -7.55
C VAL C 245 28.53 40.98 -8.48
N LYS C 246 28.61 40.07 -9.44
CA LYS C 246 27.53 39.82 -10.38
C LYS C 246 26.51 38.86 -9.77
N LEU C 247 25.23 39.19 -9.94
CA LEU C 247 24.12 38.43 -9.37
C LEU C 247 23.31 37.80 -10.48
N VAL C 248 23.15 36.48 -10.44
CA VAL C 248 22.43 35.73 -11.46
C VAL C 248 21.33 34.93 -10.79
N GLY C 249 20.07 35.29 -11.08
CA GLY C 249 18.90 34.49 -10.68
C GLY C 249 18.56 33.52 -11.78
N VAL C 250 18.31 32.27 -11.41
CA VAL C 250 18.03 31.21 -12.38
C VAL C 250 16.59 30.71 -12.22
N GLU C 251 15.78 30.93 -13.26
CA GLU C 251 14.39 30.46 -13.27
C GLU C 251 14.24 29.08 -13.91
N ALA C 252 13.08 28.47 -13.70
CA ALA C 252 12.77 27.17 -14.27
C ALA C 252 12.44 27.31 -15.76
N GLY C 253 13.29 26.73 -16.60
CA GLY C 253 13.09 26.72 -18.04
C GLY C 253 12.19 25.59 -18.52
N GLY C 254 11.91 24.64 -17.61
CA GLY C 254 10.97 23.56 -17.87
C GLY C 254 11.31 22.68 -19.07
N LYS C 255 10.36 22.60 -19.99
CA LYS C 255 10.53 21.84 -21.23
C LYS C 255 11.21 22.69 -22.30
N GLY C 256 11.54 23.93 -21.97
CA GLY C 256 12.18 24.87 -22.89
C GLY C 256 11.33 26.12 -22.96
N LEU C 257 11.99 27.28 -23.00
CA LEU C 257 11.28 28.57 -22.98
C LEU C 257 10.29 28.75 -24.14
N GLU C 258 10.70 28.33 -25.34
CA GLU C 258 9.89 28.51 -26.55
C GLU C 258 8.64 27.63 -26.53
N SER C 259 8.69 26.53 -25.80
CA SER C 259 7.56 25.63 -25.63
C SER C 259 6.42 26.25 -24.81
N GLY C 260 6.75 27.23 -23.98
CA GLY C 260 5.80 27.83 -23.08
C GLY C 260 5.53 27.00 -21.83
N LYS C 261 6.10 25.80 -21.75
CA LYS C 261 5.93 24.93 -20.59
C LYS C 261 7.11 25.12 -19.65
N HIS C 262 7.00 26.16 -18.82
CA HIS C 262 8.09 26.55 -17.92
C HIS C 262 7.54 27.40 -16.79
N SER C 263 8.43 27.99 -16.00
CA SER C 263 8.02 28.87 -14.92
C SER C 263 8.91 30.12 -14.81
N ALA C 264 9.36 30.61 -15.97
CA ALA C 264 10.25 31.75 -16.04
C ALA C 264 9.48 33.06 -16.20
N SER C 265 8.96 33.54 -15.08
CA SER C 265 8.12 34.74 -15.03
C SER C 265 8.87 36.01 -15.43
N LEU C 266 10.07 36.21 -14.90
CA LEU C 266 10.89 37.36 -15.29
C LEU C 266 11.31 37.30 -16.76
N ASN C 267 11.72 36.10 -17.18
CA ASN C 267 12.23 35.91 -18.53
C ASN C 267 11.16 36.13 -19.60
N ALA C 268 9.98 35.54 -19.41
CA ALA C 268 8.94 35.53 -20.44
C ALA C 268 7.57 36.09 -20.02
N GLY C 269 7.46 36.58 -18.79
CA GLY C 269 6.20 37.08 -18.28
C GLY C 269 5.93 38.52 -18.69
N GLN C 270 4.78 39.00 -18.24
CA GLN C 270 4.35 40.37 -18.47
C GLN C 270 3.98 40.98 -17.13
N VAL C 271 3.92 42.30 -17.09
CA VAL C 271 3.51 43.03 -15.90
C VAL C 271 2.04 42.69 -15.60
N GLY C 272 1.71 42.54 -14.33
CA GLY C 272 0.35 42.20 -13.90
C GLY C 272 0.17 42.36 -12.40
N VAL C 273 -1.03 42.08 -11.91
CA VAL C 273 -1.32 42.17 -10.48
C VAL C 273 -1.97 40.87 -10.01
N SER C 274 -1.40 40.28 -8.95
CA SER C 274 -1.97 39.08 -8.34
C SER C 274 -1.34 38.90 -6.97
N HIS C 275 -2.06 38.21 -6.07
CA HIS C 275 -1.60 38.01 -4.70
C HIS C 275 -1.21 39.33 -4.04
N GLY C 276 -1.94 40.39 -4.37
CA GLY C 276 -1.71 41.71 -3.81
C GLY C 276 -0.47 42.46 -4.23
N MET C 277 0.18 42.05 -5.31
CA MET C 277 1.41 42.68 -5.75
C MET C 277 1.40 42.95 -7.24
N LEU C 278 2.10 44.01 -7.62
CA LEU C 278 2.35 44.35 -9.02
C LEU C 278 3.76 43.85 -9.32
N SER C 279 3.85 42.87 -10.22
CA SER C 279 5.12 42.24 -10.58
C SER C 279 4.99 41.54 -11.93
N TYR C 280 5.88 40.60 -12.21
CA TYR C 280 5.82 39.82 -13.44
C TYR C 280 5.12 38.48 -13.26
N PHE C 281 4.22 38.17 -14.20
CA PHE C 281 3.44 36.93 -14.21
C PHE C 281 3.37 36.35 -15.61
N LEU C 282 3.16 35.04 -15.69
CA LEU C 282 2.89 34.36 -16.94
C LEU C 282 1.38 34.30 -17.08
N GLN C 283 0.83 35.14 -17.94
CA GLN C 283 -0.62 35.24 -18.10
C GLN C 283 -1.07 34.88 -19.51
N ASP C 284 -2.31 34.41 -19.61
CA ASP C 284 -2.94 34.12 -20.91
C ASP C 284 -3.71 35.35 -21.42
N GLU C 285 -4.34 35.20 -22.59
CA GLU C 285 -5.15 36.27 -23.19
C GLU C 285 -6.28 36.76 -22.29
N GLU C 286 -6.86 35.83 -21.52
CA GLU C 286 -7.90 36.16 -20.55
C GLU C 286 -7.36 36.70 -19.21
N GLY C 287 -6.05 36.92 -19.13
CA GLY C 287 -5.41 37.50 -17.94
C GLY C 287 -5.34 36.57 -16.75
N GLN C 288 -5.49 35.26 -16.98
CA GLN C 288 -5.38 34.24 -15.96
C GLN C 288 -3.94 33.71 -15.94
N ILE C 289 -3.43 33.42 -14.74
CA ILE C 289 -2.05 32.93 -14.60
C ILE C 289 -1.95 31.52 -15.16
N LYS C 290 -0.96 31.31 -16.02
CA LYS C 290 -0.77 30.03 -16.71
C LYS C 290 -0.27 28.97 -15.74
N PRO C 291 -0.54 27.68 -16.06
CA PRO C 291 0.02 26.64 -15.20
C PRO C 291 1.54 26.63 -15.31
N SER C 292 2.22 26.53 -14.18
CA SER C 292 3.67 26.48 -14.19
C SER C 292 4.15 25.05 -14.43
N HIS C 293 5.28 24.93 -15.10
CA HIS C 293 5.92 23.63 -15.34
C HIS C 293 7.33 23.71 -14.82
N SER C 294 7.69 22.78 -13.94
CA SER C 294 9.07 22.54 -13.59
C SER C 294 9.22 21.16 -12.98
N ILE C 295 10.31 20.50 -13.29
CA ILE C 295 10.70 19.27 -12.58
C ILE C 295 10.87 19.57 -11.08
N ALA C 296 11.37 20.76 -10.75
CA ALA C 296 11.58 21.16 -9.35
C ALA C 296 10.27 21.61 -8.72
N PRO C 297 9.77 20.87 -7.71
CA PRO C 297 8.43 21.20 -7.21
C PRO C 297 8.28 22.63 -6.70
N GLY C 298 9.32 23.14 -6.03
CA GLY C 298 9.28 24.46 -5.40
C GLY C 298 9.43 25.65 -6.33
N LEU C 299 9.70 25.42 -7.61
CA LEU C 299 9.68 26.51 -8.60
C LEU C 299 8.31 26.61 -9.27
N ASP C 300 7.25 26.33 -8.51
CA ASP C 300 5.87 26.41 -9.00
C ASP C 300 5.09 27.64 -8.52
N TYR C 301 5.75 28.64 -7.90
CA TYR C 301 5.00 29.81 -7.45
C TYR C 301 4.50 30.56 -8.68
N PRO C 302 3.20 30.90 -8.71
CA PRO C 302 2.71 31.59 -9.90
C PRO C 302 3.01 33.10 -9.88
N GLY C 303 4.22 33.43 -10.33
CA GLY C 303 4.69 34.80 -10.40
C GLY C 303 6.10 34.89 -9.87
N VAL C 304 6.51 36.10 -9.50
CA VAL C 304 7.84 36.34 -8.97
C VAL C 304 7.82 37.62 -8.13
N GLY C 305 8.72 37.69 -7.15
CA GLY C 305 8.74 38.81 -6.21
C GLY C 305 9.03 40.17 -6.83
N PRO C 306 8.38 41.23 -6.30
CA PRO C 306 8.60 42.55 -6.88
C PRO C 306 10.03 43.10 -6.80
N GLU C 307 10.78 42.73 -5.74
CA GLU C 307 12.15 43.21 -5.61
C GLU C 307 13.04 42.68 -6.72
N HIS C 308 12.77 41.47 -7.19
CA HIS C 308 13.45 40.92 -8.37
C HIS C 308 13.05 41.59 -9.69
N ALA C 309 11.79 41.97 -9.83
CA ALA C 309 11.35 42.73 -11.01
C ALA C 309 12.17 44.02 -11.10
N TYR C 310 12.40 44.61 -9.94
CA TYR C 310 13.19 45.83 -9.80
C TYR C 310 14.67 45.66 -10.17
N LEU C 311 15.33 44.65 -9.60
CA LEU C 311 16.75 44.42 -9.85
C LEU C 311 17.04 44.09 -11.32
N LYS C 312 16.12 43.37 -11.97
CA LYS C 312 16.23 43.11 -13.40
C LYS C 312 16.17 44.42 -14.18
N LYS C 313 15.18 45.25 -13.83
CA LYS C 313 14.92 46.53 -14.47
C LYS C 313 16.13 47.45 -14.45
N ILE C 314 16.74 47.62 -13.28
CA ILE C 314 17.91 48.48 -13.14
C ILE C 314 19.22 47.77 -13.51
N GLN C 315 19.13 46.50 -13.89
CA GLN C 315 20.27 45.73 -14.41
C GLN C 315 21.35 45.45 -13.35
N ARG C 316 20.97 45.45 -12.08
CA ARG C 316 21.86 45.01 -11.00
C ARG C 316 22.02 43.49 -11.04
N ALA C 317 20.92 42.80 -11.30
CA ALA C 317 20.93 41.35 -11.41
C ALA C 317 20.50 40.91 -12.80
N GLU C 318 21.11 39.84 -13.27
CA GLU C 318 20.79 39.20 -14.55
C GLU C 318 19.94 37.97 -14.25
N TYR C 319 18.97 37.69 -15.11
CA TYR C 319 18.06 36.55 -14.87
C TYR C 319 18.02 35.59 -16.06
N VAL C 320 18.34 34.33 -15.79
CA VAL C 320 18.46 33.28 -16.80
C VAL C 320 17.50 32.13 -16.52
N ALA C 321 17.45 31.17 -17.42
CA ALA C 321 16.68 29.95 -17.21
C ALA C 321 17.49 28.71 -17.56
N VAL C 322 17.16 27.63 -16.86
CA VAL C 322 17.77 26.33 -17.04
C VAL C 322 16.62 25.34 -17.18
N THR C 323 16.75 24.38 -18.09
CA THR C 323 15.66 23.44 -18.34
C THR C 323 15.63 22.32 -17.30
N ASP C 324 14.51 21.59 -17.28
CA ASP C 324 14.38 20.38 -16.48
C ASP C 324 15.56 19.45 -16.70
N GLU C 325 15.90 19.25 -17.97
CA GLU C 325 16.95 18.33 -18.37
C GLU C 325 18.32 18.74 -17.83
N GLU C 326 18.64 20.02 -17.93
CA GLU C 326 19.89 20.53 -17.39
C GLU C 326 19.95 20.45 -15.86
N ALA C 327 18.83 20.72 -15.20
CA ALA C 327 18.79 20.62 -13.73
C ALA C 327 18.97 19.18 -13.27
N LEU C 328 18.35 18.26 -13.99
CA LEU C 328 18.49 16.83 -13.73
C LEU C 328 19.94 16.37 -13.88
N LYS C 329 20.60 16.84 -14.93
CA LYS C 329 22.01 16.53 -15.15
C LYS C 329 22.86 16.94 -13.96
N ALA C 330 22.59 18.14 -13.43
CA ALA C 330 23.34 18.70 -12.31
C ALA C 330 23.04 18.02 -10.98
N PHE C 331 21.79 17.58 -10.80
CA PHE C 331 21.40 16.79 -9.64
C PHE C 331 22.26 15.51 -9.56
N HIS C 332 22.29 14.78 -10.68
CA HIS C 332 23.13 13.58 -10.79
C HIS C 332 24.62 13.86 -10.68
N GLU C 333 25.05 14.96 -11.28
CA GLU C 333 26.46 15.32 -11.28
C GLU C 333 26.97 15.62 -9.88
N LEU C 334 26.25 16.45 -9.14
CA LEU C 334 26.69 16.83 -7.80
C LEU C 334 26.70 15.63 -6.85
N SER C 335 25.69 14.77 -6.97
CA SER C 335 25.59 13.58 -6.13
C SER C 335 26.80 12.64 -6.31
N ARG C 336 27.12 12.32 -7.56
CA ARG C 336 28.28 11.46 -7.89
C ARG C 336 29.62 12.07 -7.51
N THR C 337 29.75 13.36 -7.79
CA THR C 337 31.03 14.07 -7.73
C THR C 337 31.41 14.60 -6.35
N GLU C 338 30.43 15.09 -5.59
CA GLU C 338 30.69 15.68 -4.26
C GLU C 338 29.94 14.98 -3.11
N GLY C 339 29.13 13.98 -3.43
CA GLY C 339 28.37 13.28 -2.41
C GLY C 339 27.38 14.19 -1.70
N ILE C 340 26.86 15.18 -2.43
CA ILE C 340 25.84 16.11 -1.93
C ILE C 340 24.65 16.01 -2.87
N ILE C 341 23.53 15.51 -2.37
CA ILE C 341 22.33 15.42 -3.18
C ILE C 341 21.57 16.74 -3.02
N PRO C 342 21.52 17.56 -4.09
CA PRO C 342 20.86 18.84 -3.95
C PRO C 342 19.38 18.77 -4.30
N ALA C 343 18.61 19.71 -3.76
CA ALA C 343 17.21 19.88 -4.16
C ALA C 343 17.18 20.16 -5.65
N LEU C 344 16.14 19.69 -6.32
CA LEU C 344 15.95 19.97 -7.73
C LEU C 344 15.86 21.47 -8.04
N GLU C 345 15.34 22.25 -7.10
CA GLU C 345 15.33 23.71 -7.22
C GLU C 345 16.77 24.21 -7.32
N SER C 346 17.57 23.79 -6.36
CA SER C 346 18.98 24.19 -6.26
C SER C 346 19.80 23.69 -7.45
N ALA C 347 19.45 22.53 -7.99
CA ALA C 347 20.09 21.96 -9.18
C ALA C 347 20.05 22.91 -10.38
N HIS C 348 19.00 23.73 -10.47
CA HIS C 348 18.92 24.78 -11.50
C HIS C 348 20.07 25.77 -11.37
N ALA C 349 20.33 26.23 -10.15
CA ALA C 349 21.46 27.11 -9.87
C ALA C 349 22.79 26.41 -10.15
N VAL C 350 22.90 25.15 -9.72
CA VAL C 350 24.13 24.40 -9.95
C VAL C 350 24.38 24.21 -11.45
N ALA C 351 23.34 23.82 -12.19
CA ALA C 351 23.48 23.58 -13.61
C ALA C 351 23.99 24.82 -14.33
N TYR C 352 23.40 25.97 -14.01
CA TYR C 352 23.88 27.22 -14.63
C TYR C 352 25.32 27.55 -14.26
N ALA C 353 25.65 27.45 -12.97
CA ALA C 353 27.02 27.70 -12.52
C ALA C 353 28.05 26.80 -13.23
N MET C 354 27.70 25.53 -13.46
CA MET C 354 28.56 24.61 -14.20
C MET C 354 28.79 25.05 -15.65
N LYS C 355 27.74 25.56 -16.29
CA LYS C 355 27.87 26.19 -17.61
C LYS C 355 28.78 27.39 -17.54
N LEU C 356 28.48 28.28 -16.60
CA LEU C 356 29.21 29.54 -16.45
C LEU C 356 30.69 29.31 -16.13
N ALA C 357 30.95 28.34 -15.25
CA ALA C 357 32.28 28.08 -14.74
C ALA C 357 33.30 27.73 -15.83
N LYS C 358 32.86 26.96 -16.84
CA LYS C 358 33.72 26.54 -17.94
C LYS C 358 34.36 27.72 -18.65
N GLU C 359 33.59 28.80 -18.83
CA GLU C 359 34.08 30.00 -19.49
C GLU C 359 35.19 30.73 -18.72
N MET C 360 35.12 30.67 -17.39
CA MET C 360 35.98 31.47 -16.52
C MET C 360 37.32 30.81 -16.17
N SER C 361 38.21 31.58 -15.58
CA SER C 361 39.55 31.12 -15.19
C SER C 361 39.54 30.52 -13.76
N ARG C 362 40.56 29.72 -13.47
CA ARG C 362 40.68 29.05 -12.16
C ARG C 362 40.90 29.99 -10.97
N ASP C 363 41.29 31.23 -11.24
CA ASP C 363 41.37 32.27 -10.21
C ASP C 363 39.99 32.75 -9.79
N GLU C 364 39.03 32.70 -10.72
CA GLU C 364 37.67 33.19 -10.47
C GLU C 364 36.79 32.29 -9.58
N ILE C 365 35.90 32.94 -8.84
CA ILE C 365 35.09 32.28 -7.80
C ILE C 365 33.59 32.51 -7.97
N ILE C 366 32.83 31.42 -8.00
CA ILE C 366 31.38 31.49 -7.99
C ILE C 366 30.87 30.90 -6.69
N ILE C 367 29.87 31.56 -6.12
CA ILE C 367 29.10 31.00 -5.00
C ILE C 367 27.72 30.61 -5.53
N VAL C 368 27.37 29.34 -5.36
CA VAL C 368 26.04 28.87 -5.67
C VAL C 368 25.30 28.75 -4.34
N ASN C 369 24.11 29.34 -4.26
CA ASN C 369 23.26 29.13 -3.08
C ASN C 369 22.59 27.76 -3.23
N LEU C 370 23.06 26.78 -2.46
CA LEU C 370 22.46 25.46 -2.45
C LEU C 370 21.26 25.51 -1.52
N SER C 371 20.14 25.99 -2.05
CA SER C 371 18.97 26.33 -1.24
C SER C 371 18.36 25.17 -0.45
N GLY C 372 18.54 23.94 -0.91
CA GLY C 372 18.05 22.78 -0.18
C GLY C 372 18.66 21.46 -0.59
N ARG C 373 18.32 20.42 0.17
CA ARG C 373 18.78 19.06 -0.14
C ARG C 373 17.74 18.30 -0.93
N GLY C 374 18.21 17.24 -1.60
CA GLY C 374 17.39 16.49 -2.55
C GLY C 374 16.77 15.19 -2.08
N ASP C 375 16.83 14.90 -0.78
CA ASP C 375 16.20 13.71 -0.22
C ASP C 375 14.73 13.66 -0.59
N LYS C 376 14.05 14.80 -0.41
CA LYS C 376 12.65 14.99 -0.82
C LYS C 376 12.36 14.67 -2.31
N ASP C 377 13.36 14.80 -3.17
CA ASP C 377 13.19 14.63 -4.63
C ASP C 377 13.55 13.25 -5.17
N LEU C 378 14.02 12.34 -4.31
CA LEU C 378 14.49 11.05 -4.78
C LEU C 378 13.40 10.28 -5.54
N ASP C 379 12.17 10.34 -5.03
CA ASP C 379 11.03 9.70 -5.70
C ASP C 379 10.83 10.17 -7.13
N ILE C 380 10.84 11.48 -7.33
CA ILE C 380 10.66 12.10 -8.65
C ILE C 380 11.73 11.62 -9.61
N VAL C 381 12.99 11.69 -9.17
CA VAL C 381 14.14 11.35 -10.02
C VAL C 381 14.13 9.86 -10.39
N LEU C 382 13.70 9.01 -9.45
CA LEU C 382 13.59 7.59 -9.67
C LEU C 382 12.52 7.26 -10.71
N LYS C 383 11.40 8.00 -10.69
CA LYS C 383 10.33 7.81 -11.67
C LYS C 383 10.68 8.34 -13.06
N VAL C 384 11.37 9.47 -13.12
CA VAL C 384 11.77 10.09 -14.38
C VAL C 384 12.72 9.20 -15.18
N SER C 385 13.62 8.53 -14.48
CA SER C 385 14.54 7.58 -15.13
C SER C 385 13.80 6.33 -15.64
N GLY C 386 12.90 5.80 -14.81
CA GLY C 386 12.09 4.63 -15.17
C GLY C 386 12.84 3.31 -15.21
N ASN C 387 13.94 3.19 -14.47
CA ASN C 387 14.80 1.99 -14.53
C ASN C 387 14.38 0.96 -13.49
N MET D 1 42.92 -3.96 22.21
CA MET D 1 41.81 -4.82 21.67
C MET D 1 40.78 -5.29 22.70
N TRP D 2 41.14 -5.22 23.98
CA TRP D 2 40.29 -5.69 25.08
C TRP D 2 39.66 -4.56 25.88
N PHE D 3 38.40 -4.79 26.23
CA PHE D 3 37.66 -3.97 27.17
C PHE D 3 37.24 -4.98 28.23
N GLY D 4 38.21 -5.33 29.08
CA GLY D 4 38.02 -6.38 30.07
C GLY D 4 37.90 -7.73 29.37
N GLU D 5 36.79 -8.42 29.63
CA GLU D 5 36.56 -9.73 29.04
C GLU D 5 35.82 -9.71 27.69
N PHE D 6 35.78 -8.54 27.02
CA PHE D 6 35.11 -8.38 25.72
C PHE D 6 36.01 -7.68 24.70
N GLY D 7 35.94 -8.12 23.43
CA GLY D 7 36.77 -7.54 22.36
C GLY D 7 37.43 -8.58 21.48
N GLY D 8 38.70 -8.36 21.16
CA GLY D 8 39.56 -9.35 20.50
C GLY D 8 39.70 -9.24 18.99
N GLN D 9 40.36 -10.24 18.41
CA GLN D 9 40.56 -10.39 16.97
C GLN D 9 40.39 -11.83 16.53
N TYR D 10 39.14 -12.28 16.51
CA TYR D 10 38.82 -13.66 16.14
C TYR D 10 38.71 -13.75 14.62
N VAL D 11 39.87 -13.71 13.96
CA VAL D 11 39.93 -13.69 12.50
C VAL D 11 40.83 -14.80 11.96
N PRO D 12 40.57 -15.22 10.70
CA PRO D 12 41.56 -16.08 10.05
C PRO D 12 42.88 -15.37 9.84
N GLU D 13 43.91 -16.14 9.51
CA GLU D 13 45.27 -15.62 9.36
C GLU D 13 45.41 -14.62 8.23
N THR D 14 44.70 -14.88 7.14
CA THR D 14 44.69 -14.04 5.95
C THR D 14 44.23 -12.61 6.25
N LEU D 15 43.24 -12.50 7.14
CA LEU D 15 42.75 -11.22 7.65
C LEU D 15 43.67 -10.55 8.68
N ILE D 16 44.61 -11.30 9.25
CA ILE D 16 45.48 -10.80 10.33
C ILE D 16 46.57 -9.83 9.89
N GLY D 17 47.18 -10.07 8.73
CA GLY D 17 48.19 -9.16 8.19
C GLY D 17 47.64 -7.80 7.82
N PRO D 18 46.46 -7.78 7.17
CA PRO D 18 45.85 -6.49 6.81
C PRO D 18 45.42 -5.66 8.02
N LEU D 19 44.79 -6.30 9.00
CA LEU D 19 44.32 -5.62 10.21
C LEU D 19 45.46 -5.01 11.03
N LYS D 20 46.64 -5.64 10.99
CA LYS D 20 47.83 -5.08 11.65
C LYS D 20 48.38 -3.87 10.89
N GLU D 21 48.40 -3.94 9.56
CA GLU D 21 48.75 -2.80 8.73
C GLU D 21 47.75 -1.66 8.97
N LEU D 22 46.50 -2.01 9.19
CA LEU D 22 45.48 -1.04 9.55
C LEU D 22 45.75 -0.42 10.93
N GLU D 23 46.04 -1.27 11.91
CA GLU D 23 46.35 -0.83 13.27
C GLU D 23 47.57 0.09 13.34
N LYS D 24 48.57 -0.22 12.53
CA LYS D 24 49.77 0.62 12.43
C LYS D 24 49.43 1.98 11.83
N ALA D 25 48.57 1.97 10.81
CA ALA D 25 48.20 3.18 10.09
C ALA D 25 47.41 4.19 10.92
N TYR D 26 46.43 3.69 11.69
CA TYR D 26 45.64 4.57 12.55
C TYR D 26 46.52 5.20 13.61
N LYS D 27 47.34 4.38 14.27
CA LYS D 27 48.29 4.85 15.27
C LYS D 27 49.18 5.96 14.71
N ARG D 28 49.66 5.75 13.50
CA ARG D 28 50.52 6.71 12.82
C ARG D 28 49.81 8.04 12.53
N PHE D 29 48.58 7.98 12.01
CA PHE D 29 47.85 9.17 11.57
C PHE D 29 46.88 9.77 12.58
N LYS D 30 46.59 9.06 13.66
CA LYS D 30 45.55 9.45 14.62
C LYS D 30 45.73 10.87 15.18
N ASP D 31 46.96 11.29 15.41
CA ASP D 31 47.24 12.62 15.93
C ASP D 31 48.13 13.45 15.01
N ASP D 32 48.36 12.97 13.79
CA ASP D 32 49.11 13.72 12.79
C ASP D 32 48.38 15.03 12.57
N GLU D 33 49.16 16.10 12.46
CA GLU D 33 48.58 17.45 12.40
C GLU D 33 47.71 17.64 11.15
N GLU D 34 48.20 17.20 10.00
CA GLU D 34 47.46 17.38 8.75
C GLU D 34 46.34 16.40 8.46
N PHE D 35 46.45 15.15 8.93
CA PHE D 35 45.31 14.24 8.83
C PHE D 35 44.14 14.85 9.62
N ASN D 36 44.45 15.36 10.80
CA ASN D 36 43.45 16.03 11.63
C ASN D 36 42.93 17.32 11.02
N ARG D 37 43.80 18.07 10.35
CA ARG D 37 43.38 19.28 9.66
C ARG D 37 42.38 18.96 8.56
N GLN D 38 42.70 17.99 7.72
CA GLN D 38 41.83 17.56 6.65
C GLN D 38 40.54 16.95 7.20
N LEU D 39 40.66 16.10 8.20
CA LEU D 39 39.47 15.52 8.84
C LEU D 39 38.58 16.62 9.41
N ASN D 40 39.19 17.61 10.04
CA ASN D 40 38.44 18.75 10.61
C ASN D 40 37.90 19.70 9.54
N TYR D 41 38.60 19.82 8.42
CA TYR D 41 38.13 20.64 7.28
C TYR D 41 36.86 20.06 6.68
N TYR D 42 36.87 18.75 6.41
CA TYR D 42 35.71 18.08 5.82
C TYR D 42 34.50 18.05 6.78
N LEU D 43 34.78 17.88 8.07
CA LEU D 43 33.71 17.88 9.08
C LEU D 43 33.00 19.22 9.19
N LYS D 44 33.74 20.31 9.07
CA LYS D 44 33.18 21.64 9.19
C LYS D 44 32.47 22.08 7.91
N THR D 45 33.20 22.14 6.80
CA THR D 45 32.67 22.70 5.56
C THR D 45 31.69 21.80 4.79
N TRP D 46 31.84 20.48 4.91
CA TRP D 46 31.04 19.53 4.16
C TRP D 46 29.99 18.85 5.03
N ALA D 47 30.42 18.32 6.17
CA ALA D 47 29.50 17.64 7.08
C ALA D 47 28.67 18.63 7.92
N GLY D 48 29.18 19.84 8.08
CA GLY D 48 28.46 20.89 8.82
C GLY D 48 28.64 20.88 10.33
N ARG D 49 29.72 20.29 10.83
CA ARG D 49 30.02 20.33 12.25
C ARG D 49 30.46 21.76 12.67
N PRO D 50 30.16 22.17 13.93
CA PRO D 50 29.49 21.35 14.91
C PRO D 50 27.97 21.41 14.79
N THR D 51 27.31 20.39 15.31
CA THR D 51 25.86 20.41 15.43
C THR D 51 25.47 21.05 16.75
N PRO D 52 24.27 21.67 16.80
CA PRO D 52 23.91 22.32 18.06
C PRO D 52 23.42 21.35 19.13
N LEU D 53 23.36 21.88 20.35
CA LEU D 53 22.68 21.26 21.46
C LEU D 53 21.42 22.09 21.69
N TYR D 54 20.27 21.44 21.63
CA TYR D 54 18.98 22.11 21.67
C TYR D 54 18.19 21.73 22.91
N TYR D 55 17.68 22.72 23.62
CA TYR D 55 16.85 22.48 24.79
C TYR D 55 15.42 22.29 24.33
N ALA D 56 14.94 21.04 24.43
CA ALA D 56 13.56 20.70 24.07
C ALA D 56 12.62 21.14 25.17
N LYS D 57 12.29 22.42 25.15
CA LYS D 57 11.54 23.06 26.22
C LYS D 57 10.08 22.61 26.34
N ARG D 58 9.38 22.49 25.20
CA ARG D 58 7.97 22.07 25.20
C ARG D 58 7.81 20.62 25.64
N LEU D 59 8.71 19.76 25.17
CA LEU D 59 8.72 18.36 25.58
C LEU D 59 8.96 18.25 27.08
N THR D 60 9.86 19.07 27.60
CA THR D 60 10.15 19.13 29.02
C THR D 60 8.94 19.55 29.88
N GLU D 61 8.26 20.60 29.46
CA GLU D 61 7.07 21.08 30.17
C GLU D 61 5.93 20.07 30.11
N LYS D 62 5.79 19.38 28.99
CA LYS D 62 4.77 18.34 28.86
C LYS D 62 4.94 17.21 29.88
N ILE D 63 6.18 16.76 30.05
CA ILE D 63 6.48 15.64 30.93
C ILE D 63 6.42 16.08 32.40
N GLY D 64 6.97 17.26 32.70
CA GLY D 64 6.94 17.82 34.04
C GLY D 64 8.11 17.40 34.94
N GLY D 65 9.09 16.74 34.36
CA GLY D 65 10.27 16.28 35.07
C GLY D 65 11.50 17.08 34.72
N ALA D 66 12.61 16.39 34.50
CA ALA D 66 13.90 17.03 34.22
C ALA D 66 13.99 17.65 32.83
N LYS D 67 15.03 18.44 32.64
CA LYS D 67 15.30 19.11 31.38
C LYS D 67 15.81 18.11 30.35
N VAL D 68 15.24 18.17 29.15
CA VAL D 68 15.65 17.31 28.05
C VAL D 68 16.34 18.16 26.97
N TYR D 69 17.64 17.96 26.85
CA TYR D 69 18.42 18.53 25.76
C TYR D 69 18.65 17.47 24.70
N LEU D 70 18.74 17.92 23.45
CA LEU D 70 19.00 17.07 22.29
C LEU D 70 20.27 17.53 21.58
N LYS D 71 21.25 16.62 21.50
CA LYS D 71 22.42 16.83 20.67
C LYS D 71 22.00 16.48 19.24
N ARG D 72 22.05 17.49 18.37
CA ARG D 72 21.37 17.45 17.08
C ARG D 72 22.20 16.84 15.94
N GLU D 73 22.52 15.55 16.08
CA GLU D 73 23.23 14.83 15.03
C GLU D 73 22.38 14.67 13.76
N ASP D 74 21.08 14.83 13.92
CA ASP D 74 20.15 14.89 12.80
C ASP D 74 20.46 15.98 11.75
N LEU D 75 21.24 16.98 12.13
CA LEU D 75 21.60 18.08 11.23
C LEU D 75 22.92 17.88 10.49
N VAL D 76 23.62 16.79 10.78
CA VAL D 76 24.86 16.48 10.07
C VAL D 76 24.51 16.12 8.63
N HIS D 77 25.37 16.51 7.69
CA HIS D 77 25.20 16.15 6.29
C HIS D 77 24.91 14.65 6.11
N GLY D 78 23.78 14.36 5.48
CA GLY D 78 23.31 13.00 5.27
C GLY D 78 22.24 12.61 6.26
N GLY D 79 22.13 13.36 7.36
CA GLY D 79 21.06 13.17 8.33
C GLY D 79 21.35 12.17 9.45
N ALA D 80 22.62 11.77 9.62
CA ALA D 80 22.95 10.85 10.71
C ALA D 80 24.41 10.95 11.11
N HIS D 81 24.71 10.48 12.33
CA HIS D 81 26.06 10.50 12.88
C HIS D 81 27.07 9.65 12.10
N1 LLP D 82 20.83 5.99 14.77
C2 LLP D 82 20.91 6.34 13.46
C2' LLP D 82 20.30 7.63 12.99
C3 LLP D 82 21.59 5.45 12.50
O3 LLP D 82 21.72 5.76 11.18
C4 LLP D 82 22.19 4.19 13.00
C4' LLP D 82 22.90 3.25 12.05
C5 LLP D 82 22.03 3.92 14.45
C6 LLP D 82 21.36 4.85 15.25
C5' LLP D 82 22.56 2.66 15.10
OP4 LLP D 82 23.96 2.56 14.96
P LLP D 82 24.91 2.74 16.24
OP1 LLP D 82 24.67 4.16 16.67
OP2 LLP D 82 24.42 1.73 17.26
OP3 LLP D 82 26.27 2.41 15.73
N LLP D 82 26.58 8.66 11.35
CA LLP D 82 27.45 7.74 10.60
CB LLP D 82 26.65 6.83 9.69
CG LLP D 82 25.69 5.91 10.43
CD LLP D 82 25.24 4.77 9.52
CE LLP D 82 24.71 3.61 10.34
NZ LLP D 82 23.43 3.95 10.92
C LLP D 82 28.43 8.48 9.73
O LLP D 82 29.52 7.98 9.47
N THR D 83 28.04 9.65 9.27
CA THR D 83 28.91 10.52 8.46
C THR D 83 30.24 10.80 9.11
N ASN D 84 30.27 11.05 10.43
CA ASN D 84 31.53 11.35 11.11
C ASN D 84 32.54 10.21 10.91
N ASN D 85 32.09 8.99 11.15
CA ASN D 85 32.90 7.77 11.03
C ASN D 85 33.21 7.44 9.57
N ALA D 86 32.21 7.62 8.70
CA ALA D 86 32.39 7.37 7.28
C ALA D 86 33.50 8.25 6.72
N ILE D 87 33.48 9.52 7.10
CA ILE D 87 34.49 10.46 6.63
C ILE D 87 35.87 10.08 7.19
N GLY D 88 35.90 9.71 8.47
CA GLY D 88 37.16 9.37 9.14
C GLY D 88 37.90 8.21 8.52
N GLN D 89 37.21 7.09 8.37
CA GLN D 89 37.81 5.89 7.77
C GLN D 89 38.08 6.04 6.28
N ALA D 90 37.20 6.73 5.56
CA ALA D 90 37.41 7.01 4.14
C ALA D 90 38.65 7.86 3.91
N LEU D 91 38.80 8.91 4.72
CA LEU D 91 40.00 9.75 4.67
C LEU D 91 41.25 8.98 5.11
N LEU D 92 41.08 8.14 6.13
CA LEU D 92 42.17 7.31 6.63
C LEU D 92 42.68 6.36 5.56
N ALA D 93 41.75 5.72 4.84
CA ALA D 93 42.08 4.87 3.69
C ALA D 93 42.80 5.64 2.58
N LYS D 94 42.35 6.87 2.35
CA LYS D 94 43.01 7.75 1.38
C LYS D 94 44.43 8.11 1.81
N PHE D 95 44.61 8.35 3.11
CA PHE D 95 45.94 8.64 3.66
C PHE D 95 46.88 7.42 3.64
N MET D 96 46.29 6.23 3.71
CA MET D 96 47.03 4.96 3.53
C MET D 96 47.29 4.65 2.06
N GLY D 97 46.72 5.45 1.16
CA GLY D 97 46.91 5.30 -0.28
C GLY D 97 45.98 4.33 -0.97
N LYS D 98 44.82 4.04 -0.36
CA LYS D 98 43.84 3.14 -0.97
C LYS D 98 43.06 3.93 -2.02
N THR D 99 42.47 3.21 -2.97
CA THR D 99 41.63 3.83 -4.00
C THR D 99 40.16 3.37 -3.98
N ARG D 100 39.86 2.37 -3.16
CA ARG D 100 38.55 1.73 -3.16
C ARG D 100 38.06 1.54 -1.73
N LEU D 101 36.76 1.71 -1.54
CA LEU D 101 36.14 1.50 -0.24
C LEU D 101 35.13 0.39 -0.39
N ILE D 102 35.07 -0.49 0.61
CA ILE D 102 34.06 -1.53 0.61
C ILE D 102 33.38 -1.54 1.96
N ALA D 103 32.16 -2.06 1.97
CA ALA D 103 31.41 -2.19 3.19
C ALA D 103 30.20 -3.07 2.97
N GLU D 104 29.55 -3.41 4.07
CA GLU D 104 28.28 -4.11 4.01
C GLU D 104 27.22 -3.18 4.52
N THR D 105 25.97 -3.52 4.24
CA THR D 105 24.88 -2.79 4.81
C THR D 105 23.63 -3.66 4.92
N GLY D 106 22.94 -3.51 6.05
CA GLY D 106 21.67 -4.19 6.26
C GLY D 106 20.55 -3.34 5.72
N ALA D 107 20.24 -2.27 6.45
CA ALA D 107 19.22 -1.29 6.06
C ALA D 107 19.63 -0.53 4.79
N GLY D 108 20.89 -0.13 4.74
CA GLY D 108 21.41 0.67 3.64
C GLY D 108 22.10 1.92 4.13
N GLN D 109 21.79 2.32 5.37
CA GLN D 109 22.26 3.59 5.94
C GLN D 109 23.78 3.75 5.98
N HIS D 110 24.48 2.70 6.40
CA HIS D 110 25.93 2.76 6.40
C HIS D 110 26.48 2.76 4.98
N GLY D 111 25.82 2.04 4.07
CA GLY D 111 26.19 2.04 2.66
C GLY D 111 26.04 3.42 2.02
N VAL D 112 24.97 4.13 2.40
CA VAL D 112 24.78 5.51 1.96
C VAL D 112 25.91 6.41 2.46
N ALA D 113 26.18 6.35 3.76
CA ALA D 113 27.22 7.19 4.36
C ALA D 113 28.59 6.89 3.78
N THR D 114 28.87 5.61 3.56
CA THR D 114 30.10 5.19 2.92
C THR D 114 30.15 5.74 1.50
N ALA D 115 29.06 5.54 0.76
CA ALA D 115 28.95 6.04 -0.61
C ALA D 115 29.20 7.56 -0.69
N MET D 116 28.61 8.30 0.25
CA MET D 116 28.76 9.76 0.34
C MET D 116 30.22 10.18 0.52
N ALA D 117 30.88 9.58 1.50
CA ALA D 117 32.29 9.87 1.79
C ALA D 117 33.19 9.48 0.62
N GLY D 118 32.97 8.30 0.07
CA GLY D 118 33.70 7.83 -1.12
C GLY D 118 33.60 8.79 -2.29
N ALA D 119 32.39 9.29 -2.54
CA ALA D 119 32.17 10.27 -3.61
C ALA D 119 32.93 11.58 -3.37
N LEU D 120 32.90 12.05 -2.12
CA LEU D 120 33.61 13.27 -1.70
C LEU D 120 35.12 13.20 -1.94
N LEU D 121 35.74 12.04 -1.69
CA LEU D 121 37.18 11.86 -1.83
C LEU D 121 37.60 11.12 -3.11
N GLY D 122 36.66 10.92 -4.03
CA GLY D 122 36.95 10.31 -5.33
C GLY D 122 37.47 8.89 -5.26
N MET D 123 36.82 8.06 -4.45
CA MET D 123 37.19 6.67 -4.26
C MET D 123 36.07 5.78 -4.76
N LYS D 124 36.43 4.66 -5.36
CA LYS D 124 35.45 3.69 -5.84
C LYS D 124 34.76 3.07 -4.63
N VAL D 125 33.47 2.79 -4.76
CA VAL D 125 32.71 2.23 -3.66
C VAL D 125 31.89 1.02 -4.10
N ASP D 126 32.11 -0.10 -3.42
CA ASP D 126 31.35 -1.31 -3.66
C ASP D 126 30.67 -1.71 -2.35
N ILE D 127 29.35 -1.77 -2.35
CA ILE D 127 28.60 -2.09 -1.15
C ILE D 127 27.97 -3.46 -1.31
N TYR D 128 28.48 -4.40 -0.52
CA TYR D 128 27.93 -5.74 -0.51
C TYR D 128 26.63 -5.67 0.26
N MET D 129 25.59 -6.28 -0.30
CA MET D 129 24.26 -6.20 0.29
C MET D 129 23.49 -7.47 -0.04
N GLY D 130 22.79 -7.99 0.95
CA GLY D 130 21.99 -9.19 0.75
C GLY D 130 20.90 -8.93 -0.26
N ALA D 131 20.69 -9.87 -1.16
CA ALA D 131 19.63 -9.75 -2.17
C ALA D 131 18.27 -9.57 -1.51
N GLU D 132 18.05 -10.27 -0.40
CA GLU D 132 16.89 -10.04 0.45
C GLU D 132 16.89 -8.60 0.95
N ASP D 133 18.07 -8.13 1.39
CA ASP D 133 18.27 -6.75 1.83
C ASP D 133 18.04 -5.72 0.73
N VAL D 134 18.53 -6.02 -0.47
CA VAL D 134 18.38 -5.13 -1.64
C VAL D 134 16.90 -5.04 -2.03
N GLU D 135 16.22 -6.17 -2.08
CA GLU D 135 14.79 -6.22 -2.36
C GLU D 135 13.99 -5.39 -1.34
N ARG D 136 14.47 -5.39 -0.11
CA ARG D 136 13.85 -4.63 0.99
C ARG D 136 13.98 -3.11 0.90
N GLN D 137 15.11 -2.62 0.36
CA GLN D 137 15.46 -1.19 0.48
C GLN D 137 15.77 -0.54 -0.88
N LYS D 138 14.74 -0.37 -1.69
CA LYS D 138 14.88 0.19 -3.04
C LYS D 138 15.48 1.60 -3.05
N MET D 139 15.05 2.44 -2.12
CA MET D 139 15.50 3.83 -2.07
C MET D 139 16.96 3.96 -1.65
N ASN D 140 17.36 3.27 -0.60
CA ASN D 140 18.76 3.31 -0.16
C ASN D 140 19.70 2.80 -1.26
N VAL D 141 19.29 1.75 -1.95
CA VAL D 141 20.04 1.26 -3.11
C VAL D 141 20.14 2.36 -4.17
N PHE D 142 19.02 3.01 -4.47
CA PHE D 142 19.00 4.12 -5.43
C PHE D 142 19.91 5.27 -5.01
N ARG D 143 19.83 5.68 -3.74
CA ARG D 143 20.71 6.71 -3.19
C ARG D 143 22.18 6.38 -3.41
N MET D 144 22.56 5.16 -3.04
CA MET D 144 23.94 4.71 -3.19
C MET D 144 24.39 4.79 -4.64
N LYS D 145 23.58 4.26 -5.55
CA LYS D 145 23.90 4.31 -6.99
C LYS D 145 23.96 5.75 -7.51
N LEU D 146 23.06 6.59 -7.01
CA LEU D 146 23.06 8.02 -7.31
C LEU D 146 24.36 8.69 -6.87
N LEU D 147 24.89 8.24 -5.73
CA LEU D 147 26.16 8.71 -5.21
C LEU D 147 27.37 8.05 -5.91
N GLY D 148 27.13 7.10 -6.80
CA GLY D 148 28.17 6.49 -7.62
C GLY D 148 28.75 5.18 -7.10
N ALA D 149 28.18 4.66 -6.03
CA ALA D 149 28.60 3.37 -5.50
C ALA D 149 28.03 2.26 -6.35
N ASN D 150 28.77 1.16 -6.46
CA ASN D 150 28.27 -0.02 -7.13
C ASN D 150 27.71 -0.90 -6.03
N VAL D 151 26.44 -1.25 -6.12
CA VAL D 151 25.82 -2.15 -5.15
C VAL D 151 25.90 -3.55 -5.71
N ILE D 152 26.48 -4.47 -4.93
CA ILE D 152 26.65 -5.84 -5.36
C ILE D 152 25.69 -6.72 -4.58
N PRO D 153 24.66 -7.28 -5.27
CA PRO D 153 23.77 -8.16 -4.52
C PRO D 153 24.46 -9.49 -4.22
N VAL D 154 24.18 -10.03 -3.03
CA VAL D 154 24.71 -11.30 -2.60
C VAL D 154 23.53 -12.25 -2.45
N ASN D 155 23.14 -12.87 -3.57
CA ASN D 155 22.08 -13.87 -3.58
C ASN D 155 22.53 -15.17 -2.91
N SER D 156 23.84 -15.43 -2.95
CA SER D 156 24.43 -16.65 -2.42
C SER D 156 24.35 -16.78 -0.89
N GLY D 157 24.37 -18.01 -0.41
CA GLY D 157 24.16 -18.30 1.00
C GLY D 157 22.74 -17.95 1.36
N SER D 158 22.50 -17.59 2.62
CA SER D 158 21.20 -17.08 3.04
C SER D 158 20.90 -15.74 2.37
N ARG D 159 21.93 -14.91 2.24
CA ARG D 159 21.83 -13.59 1.58
C ARG D 159 21.21 -12.53 2.50
N THR D 160 22.03 -11.97 3.40
CA THR D 160 21.60 -11.00 4.41
C THR D 160 22.84 -10.25 4.91
N LEU D 161 22.70 -9.35 5.88
CA LEU D 161 23.83 -8.67 6.51
C LEU D 161 25.00 -9.60 6.87
N LYS D 162 24.71 -10.66 7.62
CA LYS D 162 25.75 -11.64 8.01
C LYS D 162 26.37 -12.32 6.79
N ASP D 163 25.54 -12.69 5.81
CA ASP D 163 26.03 -13.27 4.56
C ASP D 163 26.79 -12.25 3.71
N ALA D 164 26.38 -10.98 3.81
CA ALA D 164 27.04 -9.87 3.13
C ALA D 164 28.41 -9.53 3.70
N ILE D 165 28.57 -9.68 5.02
CA ILE D 165 29.85 -9.43 5.69
C ILE D 165 30.91 -10.40 5.18
N ASN D 166 30.53 -11.66 5.05
CA ASN D 166 31.45 -12.71 4.58
C ASN D 166 31.97 -12.41 3.17
N GLU D 167 31.09 -11.90 2.30
CA GLU D 167 31.50 -11.49 0.96
C GLU D 167 32.47 -10.32 0.99
N ALA D 168 32.24 -9.37 1.91
CA ALA D 168 33.11 -8.21 2.07
C ALA D 168 34.48 -8.57 2.62
N LEU D 169 34.51 -9.47 3.60
CA LEU D 169 35.78 -9.98 4.14
C LEU D 169 36.52 -10.76 3.07
N ARG D 170 35.81 -11.67 2.40
CA ARG D 170 36.36 -12.43 1.28
C ARG D 170 36.96 -11.53 0.21
N ASP D 171 36.31 -10.40 -0.06
CA ASP D 171 36.85 -9.38 -0.96
C ASP D 171 38.08 -8.72 -0.35
N TRP D 172 37.97 -8.28 0.89
CA TRP D 172 39.05 -7.50 1.50
C TRP D 172 40.36 -8.25 1.59
N VAL D 173 40.32 -9.54 1.91
CA VAL D 173 41.55 -10.33 2.02
C VAL D 173 42.36 -10.24 0.73
N ALA D 174 41.68 -10.44 -0.39
CA ALA D 174 42.29 -10.33 -1.70
C ALA D 174 42.64 -8.89 -2.07
N THR D 175 41.68 -7.99 -1.86
CA THR D 175 41.76 -6.61 -2.35
C THR D 175 42.40 -5.62 -1.37
N PHE D 176 42.75 -6.08 -0.17
CA PHE D 176 43.22 -5.21 0.92
C PHE D 176 44.38 -4.29 0.57
N GLU D 177 45.20 -4.69 -0.41
CA GLU D 177 46.32 -3.86 -0.85
C GLU D 177 45.87 -2.48 -1.31
N TYR D 178 44.73 -2.43 -2.01
CA TYR D 178 44.21 -1.17 -2.58
C TYR D 178 42.80 -0.77 -2.12
N THR D 179 42.20 -1.57 -1.25
CA THR D 179 40.82 -1.39 -0.79
C THR D 179 40.79 -1.28 0.73
N HIS D 180 39.89 -0.45 1.24
CA HIS D 180 39.68 -0.32 2.67
C HIS D 180 38.30 -0.85 3.03
N TYR D 181 38.24 -1.70 4.05
CA TYR D 181 36.99 -2.26 4.54
C TYR D 181 36.46 -1.33 5.65
N LEU D 182 35.46 -0.53 5.29
CA LEU D 182 34.93 0.49 6.18
C LEU D 182 33.79 -0.07 7.04
N ILE D 183 34.05 -0.26 8.34
CA ILE D 183 33.06 -0.81 9.27
C ILE D 183 32.27 0.35 9.87
N GLY D 184 30.97 0.14 10.05
CA GLY D 184 30.04 1.22 10.38
C GLY D 184 29.51 1.37 11.79
N SER D 185 30.01 0.58 12.73
CA SER D 185 29.67 0.72 14.14
C SER D 185 30.81 0.20 14.99
N VAL D 186 30.68 0.29 16.31
CA VAL D 186 31.77 -0.10 17.23
C VAL D 186 31.87 -1.62 17.41
N VAL D 187 31.93 -2.32 16.28
CA VAL D 187 31.88 -3.77 16.26
C VAL D 187 33.01 -4.30 15.40
N GLY D 188 33.09 -5.62 15.32
CA GLY D 188 34.11 -6.28 14.51
C GLY D 188 35.38 -6.44 15.30
N PRO D 189 36.41 -7.05 14.67
CA PRO D 189 37.65 -7.24 15.37
C PRO D 189 38.41 -5.94 15.55
N HIS D 190 39.28 -5.91 16.56
CA HIS D 190 40.19 -4.79 16.75
C HIS D 190 41.02 -4.55 15.48
N PRO D 191 41.31 -3.27 15.14
CA PRO D 191 41.03 -2.08 15.94
C PRO D 191 39.73 -1.35 15.60
N TYR D 192 38.79 -2.02 14.92
CA TYR D 192 37.60 -1.34 14.47
C TYR D 192 36.72 -0.78 15.59
N PRO D 193 36.48 -1.55 16.68
CA PRO D 193 35.67 -0.94 17.75
C PRO D 193 36.30 0.32 18.34
N THR D 194 37.63 0.34 18.38
CA THR D 194 38.37 1.50 18.86
C THR D 194 38.25 2.66 17.87
N ILE D 195 38.50 2.38 16.60
CA ILE D 195 38.56 3.42 15.58
C ILE D 195 37.22 4.14 15.38
N VAL D 196 36.12 3.39 15.35
CA VAL D 196 34.80 3.98 15.17
C VAL D 196 34.47 4.90 16.35
N ARG D 197 34.66 4.40 17.57
CA ARG D 197 34.40 5.20 18.76
C ARG D 197 35.19 6.51 18.75
N ASP D 198 36.46 6.44 18.34
CA ASP D 198 37.29 7.63 18.29
C ASP D 198 36.74 8.65 17.31
N PHE D 199 36.26 8.17 16.17
CA PHE D 199 35.69 9.04 15.15
C PHE D 199 34.34 9.65 15.53
N GLN D 200 33.61 8.97 16.41
CA GLN D 200 32.33 9.47 16.91
C GLN D 200 32.44 10.28 18.20
N SER D 201 33.59 10.23 18.87
CA SER D 201 33.79 10.93 20.15
C SER D 201 33.70 12.46 20.07
N VAL D 202 33.94 13.01 18.88
CA VAL D 202 33.68 14.43 18.59
C VAL D 202 32.28 14.90 19.03
N ILE D 203 31.30 14.01 18.91
CA ILE D 203 29.93 14.31 19.32
C ILE D 203 29.94 14.69 20.79
N GLY D 204 30.54 13.83 21.61
CA GLY D 204 30.57 14.02 23.03
C GLY D 204 31.36 15.24 23.49
N ARG D 205 32.42 15.57 22.76
CA ARG D 205 33.25 16.73 23.11
C ARG D 205 32.52 18.04 22.86
N GLU D 206 31.82 18.12 21.73
CA GLU D 206 30.99 19.29 21.45
C GLU D 206 29.89 19.40 22.50
N ALA D 207 29.26 18.27 22.82
CA ALA D 207 28.13 18.25 23.75
C ALA D 207 28.49 18.70 25.15
N LYS D 208 29.70 18.36 25.59
CA LYS D 208 30.22 18.77 26.89
C LYS D 208 30.43 20.28 26.91
N ALA D 209 31.08 20.80 25.89
CA ALA D 209 31.33 22.23 25.79
C ALA D 209 30.01 22.99 25.70
N GLN D 210 29.05 22.45 24.97
CA GLN D 210 27.76 23.08 24.78
C GLN D 210 26.88 23.07 26.04
N ILE D 211 26.96 22.00 26.81
CA ILE D 211 26.15 21.90 28.03
C ILE D 211 26.69 22.79 29.15
N LEU D 212 28.02 22.91 29.23
CA LEU D 212 28.63 23.80 30.19
C LEU D 212 28.30 25.24 29.88
N GLU D 213 28.28 25.57 28.59
CA GLU D 213 27.91 26.90 28.14
C GLU D 213 26.43 27.15 28.42
N ALA D 214 25.60 26.15 28.15
CA ALA D 214 24.16 26.30 28.30
C ALA D 214 23.69 26.35 29.76
N GLU D 215 24.24 25.48 30.60
CA GLU D 215 23.78 25.35 31.99
C GLU D 215 24.86 25.56 33.06
N GLY D 216 26.12 25.74 32.66
CA GLY D 216 27.22 25.91 33.61
C GLY D 216 27.62 24.69 34.42
N GLN D 217 27.16 23.50 34.02
CA GLN D 217 27.46 22.26 34.71
C GLN D 217 27.30 21.06 33.79
N LEU D 218 27.90 19.94 34.18
CA LEU D 218 27.78 18.70 33.43
C LEU D 218 26.38 18.13 33.57
N PRO D 219 25.97 17.26 32.62
CA PRO D 219 24.63 16.71 32.75
C PRO D 219 24.57 15.59 33.79
N ASP D 220 23.36 15.30 34.27
CA ASP D 220 23.12 14.18 35.17
C ASP D 220 23.13 12.85 34.44
N VAL D 221 22.58 12.84 33.21
CA VAL D 221 22.43 11.63 32.41
C VAL D 221 22.66 11.92 30.93
N ILE D 222 23.26 10.95 30.23
CA ILE D 222 23.35 10.97 28.79
C ILE D 222 22.67 9.71 28.28
N VAL D 223 21.71 9.88 27.38
CA VAL D 223 20.92 8.78 26.82
C VAL D 223 21.15 8.67 25.32
N ALA D 224 21.44 7.46 24.86
CA ALA D 224 21.65 7.23 23.45
C ALA D 224 21.13 5.86 23.07
N CYS D 225 20.67 5.72 21.84
CA CYS D 225 20.19 4.44 21.36
C CYS D 225 21.38 3.55 21.05
N VAL D 226 21.16 2.24 21.13
CA VAL D 226 22.20 1.26 20.94
C VAL D 226 21.75 0.18 19.95
N GLY D 227 22.40 0.16 18.79
CA GLY D 227 22.32 -0.96 17.86
C GLY D 227 23.66 -1.65 17.96
N GLY D 228 24.56 -1.28 17.05
CA GLY D 228 25.96 -1.66 17.16
C GLY D 228 26.60 -0.93 18.32
N GLY D 229 26.21 0.33 18.53
CA GLY D 229 26.66 1.15 19.65
C GLY D 229 27.53 2.38 19.35
N SER D 230 27.71 2.72 18.07
CA SER D 230 28.58 3.83 17.64
C SER D 230 28.20 5.24 18.10
N ASN D 231 26.96 5.66 17.91
CA ASN D 231 26.55 7.00 18.37
C ASN D 231 26.63 7.10 19.89
N ALA D 232 26.32 6.00 20.58
CA ALA D 232 26.37 5.94 22.04
C ALA D 232 27.79 6.10 22.55
N MET D 233 28.74 5.35 21.98
CA MET D 233 30.15 5.50 22.35
C MET D 233 30.68 6.88 22.03
N GLY D 234 30.27 7.42 20.89
CA GLY D 234 30.68 8.75 20.47
C GLY D 234 30.33 9.86 21.45
N ILE D 235 29.12 9.82 21.98
CA ILE D 235 28.73 10.78 22.99
C ILE D 235 29.16 10.40 24.42
N PHE D 236 29.23 9.10 24.73
CA PHE D 236 29.63 8.61 26.06
C PHE D 236 31.09 8.92 26.42
N TYR D 237 31.99 8.56 25.52
CA TYR D 237 33.44 8.48 25.79
C TYR D 237 34.04 9.73 26.44
N PRO D 238 33.61 10.94 26.03
CA PRO D 238 34.13 12.11 26.75
C PRO D 238 33.66 12.28 28.18
N PHE D 239 32.59 11.59 28.60
CA PHE D 239 32.07 11.69 29.96
C PHE D 239 32.37 10.48 30.85
N VAL D 240 33.12 9.50 30.34
CA VAL D 240 33.39 8.27 31.09
C VAL D 240 34.08 8.57 32.40
N ASN D 241 35.07 9.47 32.37
CA ASN D 241 35.81 9.90 33.56
C ASN D 241 35.07 10.93 34.42
N ASP D 242 33.95 11.45 33.92
CA ASP D 242 33.11 12.34 34.73
C ASP D 242 32.20 11.45 35.56
N LYS D 243 32.71 11.06 36.73
CA LYS D 243 32.10 9.99 37.55
C LYS D 243 30.61 10.16 37.86
N LYS D 244 30.16 11.39 38.06
CA LYS D 244 28.75 11.66 38.38
C LYS D 244 27.80 11.70 37.17
N VAL D 245 28.34 11.58 35.95
CA VAL D 245 27.49 11.53 34.75
C VAL D 245 27.07 10.09 34.47
N LYS D 246 25.79 9.80 34.67
CA LYS D 246 25.23 8.51 34.31
C LYS D 246 25.21 8.36 32.79
N LEU D 247 25.42 7.12 32.33
CA LEU D 247 25.36 6.80 30.92
C LEU D 247 24.32 5.72 30.71
N VAL D 248 23.37 5.96 29.80
CA VAL D 248 22.31 5.00 29.53
C VAL D 248 22.20 4.66 28.05
N GLY D 249 22.08 3.36 27.78
CA GLY D 249 21.98 2.82 26.43
C GLY D 249 20.61 2.20 26.23
N VAL D 250 19.97 2.51 25.11
CA VAL D 250 18.66 1.96 24.82
C VAL D 250 18.76 1.06 23.61
N GLU D 251 18.43 -0.21 23.83
CA GLU D 251 18.40 -1.22 22.78
C GLU D 251 16.98 -1.33 22.26
N ALA D 252 16.83 -2.03 21.15
CA ALA D 252 15.53 -2.21 20.55
C ALA D 252 14.74 -3.32 21.25
N GLY D 253 13.62 -2.93 21.87
CA GLY D 253 12.67 -3.86 22.49
C GLY D 253 11.82 -4.65 21.51
N GLY D 254 11.69 -4.13 20.28
CA GLY D 254 10.97 -4.79 19.21
C GLY D 254 9.50 -5.02 19.54
N LYS D 255 9.02 -6.23 19.26
CA LYS D 255 7.65 -6.63 19.58
C LYS D 255 7.49 -6.86 21.09
N GLY D 256 8.60 -7.03 21.79
CA GLY D 256 8.61 -7.20 23.24
C GLY D 256 9.78 -8.09 23.61
N LEU D 257 10.24 -7.96 24.85
CA LEU D 257 11.39 -8.77 25.32
C LEU D 257 11.09 -10.25 25.44
N GLU D 258 9.88 -10.59 25.86
CA GLU D 258 9.44 -11.99 25.94
C GLU D 258 8.91 -12.49 24.58
N SER D 259 8.74 -11.55 23.64
CA SER D 259 8.18 -11.82 22.30
C SER D 259 9.03 -12.72 21.39
N GLY D 260 10.35 -12.68 21.56
CA GLY D 260 11.26 -13.37 20.65
C GLY D 260 11.58 -12.61 19.37
N LYS D 261 11.16 -11.34 19.29
CA LYS D 261 11.44 -10.49 18.12
C LYS D 261 11.90 -9.09 18.57
N HIS D 262 13.19 -8.99 18.86
CA HIS D 262 13.82 -7.74 19.30
C HIS D 262 15.30 -7.78 18.93
N SER D 263 16.07 -6.78 19.35
CA SER D 263 17.49 -6.74 19.06
C SER D 263 18.32 -6.31 20.28
N ALA D 264 17.82 -6.61 21.47
CA ALA D 264 18.48 -6.23 22.72
C ALA D 264 19.47 -7.31 23.18
N SER D 265 20.66 -7.27 22.60
CA SER D 265 21.72 -8.23 22.88
C SER D 265 22.15 -8.16 24.34
N LEU D 266 22.38 -6.95 24.82
CA LEU D 266 22.82 -6.74 26.20
C LEU D 266 21.80 -7.26 27.20
N ASN D 267 20.53 -6.92 26.99
CA ASN D 267 19.48 -7.36 27.90
C ASN D 267 19.22 -8.88 27.85
N ALA D 268 19.33 -9.51 26.69
CA ALA D 268 18.95 -10.92 26.56
C ALA D 268 19.84 -11.80 25.66
N GLY D 269 21.01 -11.31 25.28
CA GLY D 269 21.93 -12.09 24.47
C GLY D 269 22.81 -12.95 25.35
N GLN D 270 23.49 -13.89 24.73
CA GLN D 270 24.49 -14.71 25.39
C GLN D 270 25.84 -14.27 24.85
N VAL D 271 26.88 -14.47 25.65
CA VAL D 271 28.23 -14.09 25.25
C VAL D 271 28.75 -15.13 24.27
N GLY D 272 29.63 -14.71 23.36
CA GLY D 272 30.21 -15.59 22.36
C GLY D 272 30.95 -14.82 21.28
N VAL D 273 31.35 -15.53 20.23
CA VAL D 273 32.13 -14.92 19.16
C VAL D 273 31.33 -14.85 17.85
N SER D 274 31.32 -13.67 17.24
CA SER D 274 30.75 -13.46 15.91
C SER D 274 31.32 -12.18 15.33
N HIS D 275 31.62 -12.20 14.03
CA HIS D 275 32.20 -11.04 13.34
C HIS D 275 33.51 -10.57 13.99
N GLY D 276 34.38 -11.50 14.36
CA GLY D 276 35.70 -11.16 14.86
C GLY D 276 35.84 -10.57 16.26
N MET D 277 34.79 -10.65 17.07
CA MET D 277 34.82 -10.06 18.41
C MET D 277 34.05 -10.91 19.41
N LEU D 278 34.46 -10.84 20.68
CA LEU D 278 33.72 -11.47 21.76
C LEU D 278 32.82 -10.41 22.37
N SER D 279 31.51 -10.68 22.38
CA SER D 279 30.52 -9.74 22.93
C SER D 279 29.18 -10.47 23.05
N TYR D 280 28.11 -9.71 23.31
CA TYR D 280 26.77 -10.29 23.38
C TYR D 280 26.17 -10.47 21.98
N PHE D 281 25.52 -11.61 21.78
CA PHE D 281 24.83 -11.92 20.52
C PHE D 281 23.57 -12.69 20.87
N LEU D 282 22.53 -12.54 20.07
CA LEU D 282 21.28 -13.24 20.30
C LEU D 282 21.33 -14.59 19.60
N GLN D 283 20.94 -15.64 20.30
CA GLN D 283 20.92 -17.00 19.73
C GLN D 283 19.74 -17.82 20.25
N ASP D 284 19.36 -18.83 19.48
CA ASP D 284 18.28 -19.74 19.84
C ASP D 284 18.63 -20.55 21.09
N GLN D 288 23.58 -20.97 17.80
CA GLN D 288 23.80 -20.17 16.60
C GLN D 288 22.94 -18.91 16.61
N ILE D 289 23.50 -17.83 16.05
CA ILE D 289 22.89 -16.50 16.09
C ILE D 289 21.46 -16.49 15.53
N LYS D 290 20.56 -15.83 16.25
CA LYS D 290 19.14 -15.71 15.87
C LYS D 290 18.95 -14.43 15.08
N PRO D 291 17.78 -14.31 14.39
CA PRO D 291 17.57 -13.05 13.69
C PRO D 291 16.95 -12.02 14.62
N SER D 292 17.49 -10.81 14.60
CA SER D 292 16.96 -9.72 15.38
C SER D 292 15.79 -9.08 14.65
N HIS D 293 15.02 -8.30 15.39
CA HIS D 293 13.97 -7.46 14.80
C HIS D 293 13.94 -6.08 15.48
N SER D 294 13.68 -5.07 14.66
CA SER D 294 13.35 -3.74 15.14
C SER D 294 12.66 -2.96 14.03
N ILE D 295 11.70 -2.14 14.41
CA ILE D 295 11.08 -1.20 13.48
C ILE D 295 12.12 -0.18 13.00
N ALA D 296 13.08 0.14 13.85
CA ALA D 296 14.18 1.01 13.49
C ALA D 296 15.23 0.21 12.72
N PRO D 297 15.51 0.55 11.45
CA PRO D 297 16.48 -0.24 10.67
C PRO D 297 17.91 -0.30 11.20
N GLY D 298 18.40 0.80 11.74
CA GLY D 298 19.75 0.89 12.28
C GLY D 298 20.00 0.07 13.53
N LEU D 299 18.94 -0.33 14.22
CA LEU D 299 19.02 -1.24 15.35
C LEU D 299 18.81 -2.70 14.93
N ASP D 300 19.01 -2.97 13.64
CA ASP D 300 18.81 -4.30 13.03
C ASP D 300 19.76 -5.38 13.49
N TYR D 301 20.92 -4.99 14.00
CA TYR D 301 22.03 -5.92 14.32
C TYR D 301 21.78 -6.94 15.45
N PRO D 302 22.13 -8.24 15.24
CA PRO D 302 21.93 -9.20 16.34
C PRO D 302 22.95 -9.14 17.48
N GLY D 303 24.04 -8.38 17.27
CA GLY D 303 25.08 -8.18 18.28
C GLY D 303 25.19 -6.76 18.79
N VAL D 304 26.28 -6.52 19.51
CA VAL D 304 26.56 -5.21 20.10
C VAL D 304 28.07 -5.02 20.28
N GLY D 305 28.53 -3.78 20.27
CA GLY D 305 29.95 -3.47 20.43
C GLY D 305 30.51 -3.87 21.79
N PRO D 306 31.77 -4.38 21.81
CA PRO D 306 32.30 -4.93 23.06
C PRO D 306 32.50 -3.93 24.20
N GLU D 307 32.73 -2.66 23.87
CA GLU D 307 32.93 -1.64 24.88
C GLU D 307 31.67 -1.43 25.69
N HIS D 308 30.52 -1.57 25.04
CA HIS D 308 29.24 -1.54 25.73
C HIS D 308 29.02 -2.74 26.66
N ALA D 309 29.46 -3.92 26.23
CA ALA D 309 29.45 -5.11 27.08
C ALA D 309 30.32 -4.86 28.30
N TYR D 310 31.49 -4.27 28.07
CA TYR D 310 32.41 -3.91 29.15
C TYR D 310 31.81 -2.89 30.10
N LEU D 311 31.32 -1.78 29.55
CA LEU D 311 30.69 -0.73 30.33
C LEU D 311 29.50 -1.26 31.14
N LYS D 312 28.79 -2.25 30.58
CA LYS D 312 27.77 -2.99 31.33
C LYS D 312 28.38 -3.83 32.45
N LYS D 313 29.52 -4.48 32.18
CA LYS D 313 30.19 -5.34 33.16
C LYS D 313 30.60 -4.59 34.43
N ILE D 314 31.31 -3.47 34.27
CA ILE D 314 31.74 -2.64 35.41
C ILE D 314 30.65 -1.71 35.94
N GLN D 315 29.50 -1.69 35.28
CA GLN D 315 28.33 -0.93 35.73
C GLN D 315 28.46 0.59 35.58
N ARG D 316 29.36 1.03 34.71
CA ARG D 316 29.47 2.43 34.37
C ARG D 316 28.21 2.91 33.64
N ALA D 317 27.66 2.07 32.76
CA ALA D 317 26.45 2.42 32.02
C ALA D 317 25.31 1.42 32.24
N GLU D 318 24.09 1.95 32.31
CA GLU D 318 22.89 1.12 32.38
C GLU D 318 22.32 0.91 30.97
N TYR D 319 21.88 -0.29 30.67
CA TYR D 319 21.30 -0.59 29.37
C TYR D 319 19.88 -1.10 29.51
N VAL D 320 18.97 -0.45 28.79
CA VAL D 320 17.52 -0.72 28.86
C VAL D 320 16.99 -0.97 27.46
N ALA D 321 15.68 -1.23 27.37
CA ALA D 321 15.02 -1.46 26.09
C ALA D 321 13.67 -0.77 25.99
N VAL D 322 13.34 -0.37 24.76
CA VAL D 322 12.10 0.30 24.44
C VAL D 322 11.48 -0.44 23.26
N THR D 323 10.17 -0.66 23.31
CA THR D 323 9.47 -1.43 22.27
C THR D 323 9.24 -0.59 21.01
N ASP D 324 8.77 -1.26 19.96
CA ASP D 324 8.39 -0.62 18.73
C ASP D 324 7.27 0.38 18.93
N GLU D 325 6.25 -0.01 19.69
CA GLU D 325 5.14 0.88 19.99
C GLU D 325 5.62 2.15 20.73
N GLU D 326 6.55 1.98 21.67
CA GLU D 326 7.11 3.11 22.42
C GLU D 326 7.95 4.06 21.57
N ALA D 327 8.84 3.50 20.74
CA ALA D 327 9.68 4.29 19.84
C ALA D 327 8.83 5.07 18.85
N LEU D 328 7.79 4.41 18.33
CA LEU D 328 6.85 5.08 17.44
C LEU D 328 6.10 6.22 18.11
N LYS D 329 5.65 6.00 19.34
CA LYS D 329 4.99 7.06 20.11
C LYS D 329 5.92 8.26 20.25
N ALA D 330 7.19 7.99 20.54
CA ALA D 330 8.21 9.03 20.66
C ALA D 330 8.49 9.77 19.34
N PHE D 331 8.50 9.03 18.24
CA PHE D 331 8.68 9.58 16.90
C PHE D 331 7.60 10.63 16.64
N HIS D 332 6.36 10.24 16.88
CA HIS D 332 5.22 11.15 16.74
C HIS D 332 5.27 12.31 17.72
N GLU D 333 5.68 12.03 18.95
CA GLU D 333 5.72 13.04 19.99
C GLU D 333 6.74 14.16 19.73
N LEU D 334 7.96 13.77 19.36
CA LEU D 334 8.99 14.78 19.10
C LEU D 334 8.61 15.65 17.90
N SER D 335 8.04 15.03 16.86
CA SER D 335 7.63 15.77 15.66
C SER D 335 6.64 16.86 16.01
N ARG D 336 5.56 16.50 16.69
CA ARG D 336 4.49 17.48 16.94
C ARG D 336 4.75 18.43 18.09
N THR D 337 5.61 18.04 19.03
CA THR D 337 5.90 18.86 20.20
C THR D 337 7.05 19.84 19.96
N GLU D 338 8.07 19.41 19.22
CA GLU D 338 9.26 20.24 18.95
C GLU D 338 9.52 20.54 17.49
N GLY D 339 8.72 19.98 16.58
CA GLY D 339 8.93 20.18 15.16
C GLY D 339 10.22 19.56 14.64
N ILE D 340 10.62 18.46 15.27
CA ILE D 340 11.81 17.73 14.86
C ILE D 340 11.36 16.31 14.63
N ILE D 341 11.56 15.82 13.40
CA ILE D 341 11.22 14.45 13.07
C ILE D 341 12.48 13.61 13.24
N PRO D 342 12.51 12.73 14.26
CA PRO D 342 13.73 11.97 14.49
C PRO D 342 13.78 10.67 13.71
N ALA D 343 14.98 10.14 13.58
CA ALA D 343 15.16 8.79 13.03
C ALA D 343 14.51 7.82 13.99
N LEU D 344 14.03 6.70 13.46
CA LEU D 344 13.37 5.70 14.32
C LEU D 344 14.35 5.10 15.32
N GLU D 345 15.63 5.10 14.98
CA GLU D 345 16.68 4.68 15.89
C GLU D 345 16.73 5.63 17.08
N SER D 346 16.85 6.91 16.78
CA SER D 346 16.91 7.99 17.75
C SER D 346 15.67 8.05 18.62
N ALA D 347 14.52 7.72 18.03
CA ALA D 347 13.24 7.67 18.75
C ALA D 347 13.23 6.73 19.96
N HIS D 348 14.04 5.68 19.92
CA HIS D 348 14.17 4.78 21.07
C HIS D 348 14.82 5.49 22.28
N ALA D 349 15.86 6.27 22.02
CA ALA D 349 16.51 7.06 23.05
C ALA D 349 15.60 8.16 23.59
N VAL D 350 14.84 8.78 22.69
CA VAL D 350 13.87 9.80 23.08
C VAL D 350 12.81 9.17 23.96
N ALA D 351 12.27 8.02 23.55
CA ALA D 351 11.21 7.36 24.32
C ALA D 351 11.65 7.05 25.74
N TYR D 352 12.88 6.57 25.91
CA TYR D 352 13.40 6.29 27.24
C TYR D 352 13.70 7.54 28.04
N ALA D 353 14.28 8.56 27.38
CA ALA D 353 14.54 9.82 28.05
C ALA D 353 13.25 10.42 28.57
N MET D 354 12.17 10.24 27.81
CA MET D 354 10.85 10.70 28.25
C MET D 354 10.38 10.04 29.54
N LYS D 355 10.56 8.72 29.67
CA LYS D 355 10.17 8.01 30.90
C LYS D 355 11.11 8.34 32.06
N LEU D 356 12.40 8.35 31.78
CA LEU D 356 13.41 8.71 32.76
C LEU D 356 13.24 10.14 33.28
N ALA D 357 12.96 11.08 32.37
CA ALA D 357 12.80 12.49 32.75
C ALA D 357 11.73 12.66 33.82
N LYS D 358 10.65 11.90 33.70
CA LYS D 358 9.56 11.96 34.67
C LYS D 358 10.00 11.60 36.10
N GLU D 359 10.92 10.64 36.21
CA GLU D 359 11.42 10.19 37.51
C GLU D 359 12.43 11.14 38.16
N MET D 360 12.93 12.10 37.38
CA MET D 360 13.94 13.05 37.86
C MET D 360 13.32 14.40 38.22
N SER D 361 14.08 15.22 38.95
CA SER D 361 13.61 16.53 39.40
C SER D 361 13.71 17.60 38.30
N ARG D 362 13.01 18.70 38.51
CA ARG D 362 12.84 19.77 37.52
C ARG D 362 14.13 20.35 36.94
N ASP D 363 15.16 20.52 37.76
CA ASP D 363 16.40 21.15 37.26
C ASP D 363 17.59 20.21 37.01
N GLU D 364 17.34 18.91 37.02
CA GLU D 364 18.34 17.97 36.55
C GLU D 364 18.37 17.95 35.02
N ILE D 365 19.46 17.45 34.45
CA ILE D 365 19.74 17.56 33.02
C ILE D 365 19.92 16.19 32.37
N ILE D 366 19.18 15.98 31.28
CA ILE D 366 19.31 14.79 30.43
C ILE D 366 19.78 15.26 29.05
N ILE D 367 20.85 14.67 28.54
CA ILE D 367 21.26 14.91 27.16
C ILE D 367 20.94 13.65 26.37
N VAL D 368 20.07 13.79 25.36
CA VAL D 368 19.72 12.69 24.48
C VAL D 368 20.47 12.90 23.18
N ASN D 369 21.10 11.85 22.69
CA ASN D 369 21.78 11.92 21.42
C ASN D 369 20.75 11.66 20.34
N LEU D 370 20.41 12.70 19.58
CA LEU D 370 19.47 12.57 18.46
C LEU D 370 20.28 12.18 17.24
N SER D 371 20.52 10.87 17.10
CA SER D 371 21.52 10.34 16.19
C SER D 371 21.24 10.67 14.72
N GLY D 372 19.97 10.77 14.36
CA GLY D 372 19.58 11.14 13.00
C GLY D 372 18.19 11.71 12.83
N ARG D 373 17.91 12.17 11.61
CA ARG D 373 16.56 12.64 11.22
C ARG D 373 15.71 11.52 10.60
N GLY D 374 14.40 11.73 10.61
CA GLY D 374 13.41 10.70 10.24
C GLY D 374 12.87 10.70 8.83
N ASP D 375 13.41 11.54 7.96
CA ASP D 375 12.96 11.59 6.57
C ASP D 375 13.03 10.21 5.90
N LYS D 376 14.11 9.50 6.16
CA LYS D 376 14.33 8.13 5.65
C LYS D 376 13.28 7.11 6.11
N ASP D 377 12.64 7.37 7.25
CA ASP D 377 11.67 6.45 7.87
C ASP D 377 10.22 6.74 7.57
N LEU D 378 9.93 7.76 6.78
CA LEU D 378 8.53 8.17 6.59
C LEU D 378 7.68 7.07 5.96
N ASP D 379 8.23 6.32 5.01
CA ASP D 379 7.51 5.21 4.37
C ASP D 379 7.15 4.08 5.35
N ILE D 380 8.09 3.74 6.22
CA ILE D 380 7.85 2.72 7.24
C ILE D 380 6.78 3.15 8.22
N VAL D 381 6.87 4.39 8.71
CA VAL D 381 5.91 4.90 9.67
C VAL D 381 4.54 5.01 9.04
N LEU D 382 4.49 5.45 7.79
CA LEU D 382 3.24 5.54 7.03
C LEU D 382 2.62 4.17 6.77
N LYS D 383 3.46 3.18 6.48
CA LYS D 383 3.00 1.81 6.29
C LYS D 383 2.42 1.25 7.59
N VAL D 384 3.07 1.56 8.71
CA VAL D 384 2.55 1.16 10.03
C VAL D 384 1.33 1.98 10.42
N SER D 385 1.39 3.30 10.22
CA SER D 385 0.28 4.19 10.54
C SER D 385 -0.85 4.06 9.51
NA NA E . -13.01 -39.85 3.13
NA NA F . -28.04 -2.07 -25.88
NA NA G . 7.72 31.84 -11.66
NA NA H . 21.60 -5.52 18.97
#